data_5BO5
#
_entry.id   5BO5
#
_cell.length_a   77.229
_cell.length_b   155.233
_cell.length_c   177.451
_cell.angle_alpha   90.00
_cell.angle_beta   90.00
_cell.angle_gamma   90.00
#
_symmetry.space_group_name_H-M   'P 21 21 21'
#
loop_
_entity.id
_entity.type
_entity.pdbx_description
1 polymer NEQ263
2 non-polymer 'MAGNESIUM ION'
3 non-polymer 'SULFATE ION'
#
_entity_poly.entity_id   1
_entity_poly.type   'polypeptide(L)'
_entity_poly.pdbx_seq_one_letter_code
;MPSIKPPLIAVELENPMLGEVIDLEETKAIVIAAYENKALALLFDYYTGEIKQINRQGNTYKIAVSEDYIGGIFNGFGEP
IKGPKPYPEDYRDINGLAINPYARKVPNEILYTGISSIDVAHPLLKGQKIAIFSPPGLPMERLALQIARNVAKDKTIIFA
AIGVPSDIYKMFIDEFINTKAIMNSAIFISKADSSPIEKIYTPRVALTLAEYLAFEKNRDVLVLMLDMTNYADALREIST
LRKEIPSRRGYPAYLYTDLASIYERSGLTSKGSITLIPMLTMPGNDITHVVPDLTGYITEGQYVLSQDLHSKNIYPPIDL
LKSLSRLAKNGMSKKHKKYADILIKSYAKGLEARDIATIVGEDSLSKEDKAYLKFAELVEKEFIKQDYYEYRSIEKSFEI
IDSILSQSGLPYSPIQ
;
_entity_poly.pdbx_strand_id   A,B,C,D
#
loop_
_chem_comp.id
_chem_comp.type
_chem_comp.name
_chem_comp.formula
MG non-polymer 'MAGNESIUM ION' 'Mg 2'
SO4 non-polymer 'SULFATE ION' 'O4 S -2'
#
# COMPACT_ATOMS: atom_id res chain seq x y z
N LYS A 5 -25.96 44.84 -24.03
CA LYS A 5 -27.03 43.95 -23.58
C LYS A 5 -27.23 42.74 -24.50
N PRO A 6 -27.85 41.67 -23.97
CA PRO A 6 -28.36 40.64 -24.88
C PRO A 6 -29.46 41.24 -25.78
N PRO A 7 -29.48 40.86 -27.07
CA PRO A 7 -30.57 41.28 -27.96
C PRO A 7 -31.87 40.56 -27.61
N LEU A 8 -31.72 39.41 -26.96
CA LEU A 8 -32.86 38.59 -26.58
C LEU A 8 -32.94 38.48 -25.06
N ILE A 9 -34.06 38.92 -24.50
CA ILE A 9 -34.21 38.97 -23.05
C ILE A 9 -35.29 38.03 -22.54
N ALA A 10 -34.94 37.23 -21.55
CA ALA A 10 -35.92 36.41 -20.86
C ALA A 10 -36.60 37.29 -19.79
N VAL A 11 -37.87 37.60 -20.04
CA VAL A 11 -38.64 38.46 -19.13
C VAL A 11 -39.75 37.67 -18.48
N GLU A 12 -40.15 38.08 -17.29
CA GLU A 12 -41.29 37.43 -16.65
C GLU A 12 -42.51 38.33 -16.85
N LEU A 13 -43.66 37.71 -17.10
CA LEU A 13 -44.80 38.50 -17.58
C LEU A 13 -46.11 37.72 -17.47
N GLU A 14 -47.06 38.24 -16.68
CA GLU A 14 -48.37 37.62 -16.59
C GLU A 14 -49.17 37.96 -17.86
N ASN A 15 -49.75 36.93 -18.48
CA ASN A 15 -50.49 37.06 -19.76
C ASN A 15 -49.82 37.81 -20.90
N PRO A 16 -48.58 37.42 -21.27
CA PRO A 16 -47.86 38.14 -22.33
C PRO A 16 -48.59 38.11 -23.67
N MET A 17 -48.54 39.24 -24.37
CA MET A 17 -49.21 39.39 -25.65
C MET A 17 -48.19 39.63 -26.75
N LEU A 18 -48.25 38.76 -27.76
CA LEU A 18 -47.37 38.84 -28.93
C LEU A 18 -47.26 40.26 -29.47
N GLY A 19 -46.06 40.81 -29.46
CA GLY A 19 -45.85 42.16 -29.98
C GLY A 19 -46.16 43.32 -29.04
N GLU A 20 -46.54 43.04 -27.80
CA GLU A 20 -46.62 44.13 -26.82
C GLU A 20 -45.21 44.66 -26.53
N VAL A 21 -45.11 45.95 -26.22
CA VAL A 21 -43.82 46.58 -25.92
C VAL A 21 -43.67 46.77 -24.42
N ILE A 22 -42.62 46.17 -23.86
CA ILE A 22 -42.42 46.24 -22.42
C ILE A 22 -41.28 47.18 -22.03
N ASP A 23 -41.44 47.80 -20.87
CA ASP A 23 -40.42 48.68 -20.32
C ASP A 23 -39.65 47.89 -19.28
N LEU A 24 -38.35 47.74 -19.53
CA LEU A 24 -37.48 47.11 -18.56
C LEU A 24 -36.81 48.21 -17.74
N GLU A 25 -35.82 48.89 -18.31
CA GLU A 25 -35.22 50.08 -17.67
C GLU A 25 -34.78 51.15 -18.67
N THR A 27 -33.93 49.08 -21.08
CA THR A 27 -34.50 49.80 -22.20
C THR A 27 -35.95 49.36 -22.47
N LYS A 28 -36.36 49.44 -23.73
CA LYS A 28 -37.63 48.87 -24.18
C LYS A 28 -37.35 47.70 -25.15
N ALA A 29 -38.34 46.84 -25.38
CA ALA A 29 -38.18 45.61 -26.16
C ALA A 29 -39.54 45.02 -26.58
N ILE A 30 -39.54 44.22 -27.65
CA ILE A 30 -40.77 43.61 -28.17
C ILE A 30 -40.87 42.12 -27.83
N VAL A 31 -42.03 41.70 -27.32
CA VAL A 31 -42.27 40.28 -27.03
C VAL A 31 -42.43 39.48 -28.32
N ILE A 32 -41.54 38.50 -28.55
CA ILE A 32 -41.58 37.75 -29.79
C ILE A 32 -41.96 36.29 -29.59
N ALA A 33 -42.02 35.87 -28.32
CA ALA A 33 -42.42 34.51 -27.97
C ALA A 33 -42.80 34.43 -26.50
N ALA A 34 -43.65 33.47 -26.16
CA ALA A 34 -44.05 33.25 -24.79
C ALA A 34 -44.59 31.86 -24.52
N TYR A 35 -44.46 31.43 -23.26
CA TYR A 35 -45.05 30.20 -22.78
C TYR A 35 -45.43 30.44 -21.32
N GLU A 36 -46.72 30.44 -21.03
CA GLU A 36 -47.23 30.89 -19.74
C GLU A 36 -46.69 32.27 -19.39
N ASN A 37 -46.10 32.38 -18.20
CA ASN A 37 -45.62 33.66 -17.68
C ASN A 37 -44.21 33.99 -18.18
N LYS A 38 -43.63 33.03 -18.88
CA LYS A 38 -42.27 33.20 -19.44
C LYS A 38 -42.29 33.77 -20.86
N ALA A 39 -41.50 34.82 -21.09
CA ALA A 39 -41.51 35.47 -22.40
C ALA A 39 -40.11 35.81 -22.88
N LEU A 40 -39.99 36.09 -24.17
CA LEU A 40 -38.74 36.49 -24.78
C LEU A 40 -38.96 37.81 -25.47
N ALA A 41 -38.11 38.79 -25.15
CA ALA A 41 -38.27 40.11 -25.72
C ALA A 41 -37.01 40.46 -26.50
N LEU A 42 -37.22 41.07 -27.66
CA LEU A 42 -36.15 41.43 -28.57
C LEU A 42 -35.90 42.93 -28.50
N LEU A 43 -34.63 43.33 -28.48
CA LEU A 43 -34.26 44.74 -28.59
C LEU A 43 -34.61 45.29 -29.98
N PHE A 44 -34.78 46.61 -30.07
CA PHE A 44 -35.19 47.25 -31.31
C PHE A 44 -34.11 47.39 -32.35
N ASP A 45 -32.85 47.38 -31.91
CA ASP A 45 -31.72 47.46 -32.84
C ASP A 45 -31.75 46.28 -33.84
N TYR A 46 -32.60 45.28 -33.57
CA TYR A 46 -32.72 44.09 -34.40
C TYR A 46 -34.14 43.93 -34.87
N TYR A 47 -34.82 45.06 -35.01
CA TYR A 47 -36.21 45.10 -35.42
C TYR A 47 -36.45 46.17 -36.52
N THR A 48 -37.21 45.83 -37.56
CA THR A 48 -37.42 46.75 -38.69
C THR A 48 -38.78 47.45 -38.71
N GLY A 49 -39.55 47.30 -37.63
CA GLY A 49 -40.84 47.93 -37.56
C GLY A 49 -40.75 49.33 -36.96
N ILE A 54 -46.23 52.61 -27.58
CA ILE A 54 -47.02 51.59 -26.90
C ILE A 54 -46.27 51.09 -25.66
N ASN A 55 -46.99 50.64 -24.62
CA ASN A 55 -46.30 50.21 -23.38
C ASN A 55 -46.99 49.25 -22.34
N ARG A 56 -46.25 49.03 -21.26
CA ARG A 56 -46.54 48.17 -20.08
C ARG A 56 -45.12 47.88 -19.59
N GLN A 57 -44.98 47.57 -18.31
CA GLN A 57 -43.65 47.39 -17.74
C GLN A 57 -43.38 45.92 -17.47
N GLY A 58 -42.12 45.50 -17.57
CA GLY A 58 -41.77 44.11 -17.36
C GLY A 58 -40.61 43.91 -16.42
N ASN A 59 -40.51 42.70 -15.89
CA ASN A 59 -39.35 42.29 -15.12
C ASN A 59 -38.54 41.27 -15.88
N THR A 60 -37.23 41.29 -15.71
CA THR A 60 -36.42 40.19 -16.18
C THR A 60 -36.84 38.91 -15.44
N TYR A 61 -36.78 37.79 -16.15
CA TYR A 61 -37.09 36.50 -15.54
C TYR A 61 -36.01 36.11 -14.55
N LYS A 62 -36.43 35.73 -13.36
CA LYS A 62 -35.48 35.34 -12.31
C LYS A 62 -35.77 33.96 -11.78
N ILE A 63 -34.72 33.27 -11.34
CA ILE A 63 -34.88 31.97 -10.70
C ILE A 63 -34.22 31.95 -9.34
N ALA A 64 -34.72 31.11 -8.46
CA ALA A 64 -34.02 30.80 -7.23
C ALA A 64 -32.68 30.14 -7.59
N VAL A 65 -31.64 30.48 -6.83
CA VAL A 65 -30.33 29.82 -6.95
C VAL A 65 -29.90 29.31 -5.58
N SER A 66 -29.19 28.19 -5.56
CA SER A 66 -28.99 27.42 -4.35
C SER A 66 -28.10 26.24 -4.69
N GLU A 67 -27.41 25.71 -3.70
CA GLU A 67 -26.58 24.54 -3.94
C GLU A 67 -27.43 23.28 -3.98
N ASP A 68 -28.72 23.43 -3.63
CA ASP A 68 -29.67 22.33 -3.63
C ASP A 68 -29.99 21.87 -5.04
N TYR A 69 -29.62 22.69 -6.03
CA TYR A 69 -29.79 22.32 -7.43
C TYR A 69 -28.89 21.11 -7.75
N ILE A 70 -27.74 21.06 -7.10
CA ILE A 70 -26.80 19.96 -7.29
C ILE A 70 -27.38 18.63 -6.85
N GLY A 71 -27.48 17.69 -7.79
CA GLY A 71 -28.09 16.40 -7.54
C GLY A 71 -29.48 16.33 -8.16
N GLY A 72 -29.98 17.46 -8.63
CA GLY A 72 -31.32 17.51 -9.18
C GLY A 72 -31.39 17.47 -10.70
N ILE A 73 -32.61 17.39 -11.22
CA ILE A 73 -32.84 17.39 -12.65
C ILE A 73 -33.96 18.37 -12.89
N PHE A 74 -33.77 19.26 -13.87
CA PHE A 74 -34.71 20.35 -14.10
C PHE A 74 -34.97 20.52 -15.58
N ASN A 75 -36.09 21.13 -15.90
CA ASN A 75 -36.42 21.50 -17.26
C ASN A 75 -35.65 22.76 -17.67
N GLY A 76 -35.93 23.28 -18.86
CA GLY A 76 -35.27 24.47 -19.34
C GLY A 76 -35.63 25.74 -18.58
N PHE A 77 -36.69 25.66 -17.78
CA PHE A 77 -37.19 26.83 -17.05
C PHE A 77 -36.58 26.88 -15.65
N GLY A 78 -35.94 25.80 -15.24
CA GLY A 78 -35.38 25.71 -13.91
C GLY A 78 -36.29 24.95 -12.96
N GLU A 79 -37.47 24.56 -13.45
CA GLU A 79 -38.43 23.82 -12.66
C GLU A 79 -37.94 22.38 -12.52
N PRO A 80 -37.96 21.82 -11.30
CA PRO A 80 -37.56 20.43 -11.05
C PRO A 80 -38.44 19.40 -11.79
N ILE A 81 -37.80 18.35 -12.28
CA ILE A 81 -38.53 17.26 -12.92
C ILE A 81 -38.62 16.14 -11.92
N LYS A 82 -37.39 15.61 -11.70
CA LYS A 82 -36.87 14.57 -10.77
C LYS A 82 -36.11 15.20 -9.61
N GLY A 83 -36.74 15.29 -8.43
CA GLY A 83 -36.09 15.91 -7.27
C GLY A 83 -37.00 16.95 -6.63
N PRO A 84 -36.57 17.52 -5.48
CA PRO A 84 -37.32 18.56 -4.74
C PRO A 84 -37.11 19.99 -5.27
N LYS A 85 -37.99 20.95 -4.94
CA LYS A 85 -37.68 22.36 -5.15
C LYS A 85 -36.49 22.70 -4.29
N PRO A 86 -35.46 23.29 -4.91
CA PRO A 86 -34.25 23.70 -4.18
C PRO A 86 -34.60 24.83 -3.22
N TYR A 87 -33.91 24.86 -2.09
CA TYR A 87 -34.07 25.94 -1.13
C TYR A 87 -33.58 27.23 -1.71
N PRO A 88 -34.50 28.19 -1.98
CA PRO A 88 -34.03 29.42 -2.61
C PRO A 88 -33.18 30.22 -1.64
N GLU A 89 -31.89 30.31 -1.93
CA GLU A 89 -30.99 31.05 -1.06
C GLU A 89 -30.89 32.46 -1.57
N ASP A 90 -31.19 32.63 -2.87
CA ASP A 90 -31.26 33.94 -3.49
C ASP A 90 -31.97 33.91 -4.85
N TYR A 91 -32.21 35.08 -5.46
CA TYR A 91 -32.79 35.15 -6.80
C TYR A 91 -31.84 35.81 -7.76
N ARG A 92 -31.74 35.24 -8.95
CA ARG A 92 -30.86 35.79 -9.95
C ARG A 92 -31.55 35.97 -11.31
N ASP A 93 -31.27 37.11 -11.94
CA ASP A 93 -31.67 37.37 -13.32
C ASP A 93 -30.96 36.36 -14.22
N ILE A 94 -31.73 35.66 -15.04
CA ILE A 94 -31.16 34.64 -15.91
C ILE A 94 -30.50 35.22 -17.16
N ASN A 95 -30.57 36.53 -17.32
CA ASN A 95 -29.89 37.17 -18.43
C ASN A 95 -28.44 37.56 -18.10
N GLY A 96 -28.08 37.53 -16.81
CA GLY A 96 -26.74 37.89 -16.38
C GLY A 96 -26.50 39.40 -16.24
N LEU A 97 -25.28 39.87 -16.48
CA LEU A 97 -24.96 41.26 -16.15
C LEU A 97 -24.46 42.12 -17.32
N ALA A 103 -13.36 41.03 -11.66
CA ALA A 103 -12.81 41.13 -13.01
C ALA A 103 -12.24 39.81 -13.55
N ARG A 104 -12.18 39.72 -14.88
CA ARG A 104 -11.72 38.52 -15.57
C ARG A 104 -10.19 38.38 -15.56
N LYS A 105 -9.72 37.13 -15.47
CA LYS A 105 -8.30 36.82 -15.59
C LYS A 105 -8.11 35.86 -16.73
N VAL A 106 -6.89 35.83 -17.28
CA VAL A 106 -6.56 34.87 -18.32
C VAL A 106 -6.23 33.48 -17.75
N PRO A 107 -6.99 32.45 -18.18
CA PRO A 107 -6.88 31.06 -17.71
C PRO A 107 -5.46 30.53 -17.81
N ASN A 108 -5.03 29.73 -16.83
CA ASN A 108 -3.64 29.26 -16.80
C ASN A 108 -3.46 27.91 -16.12
N GLU A 109 -4.57 27.29 -15.71
CA GLU A 109 -4.55 25.94 -15.13
C GLU A 109 -5.36 24.95 -15.96
N ILE A 110 -4.74 23.84 -16.34
CA ILE A 110 -5.41 22.77 -17.06
C ILE A 110 -6.52 22.11 -16.22
N LEU A 111 -7.69 21.99 -16.84
CA LEU A 111 -8.76 21.14 -16.32
C LEU A 111 -8.68 19.78 -17.01
N TYR A 112 -8.16 18.79 -16.29
CA TYR A 112 -7.95 17.48 -16.89
C TYR A 112 -9.26 16.72 -17.13
N THR A 113 -9.43 16.22 -18.35
CA THR A 113 -10.60 15.41 -18.68
C THR A 113 -10.36 13.91 -18.47
N GLY A 114 -9.10 13.50 -18.33
CA GLY A 114 -8.80 12.08 -18.30
C GLY A 114 -9.00 11.43 -19.66
N ILE A 115 -9.04 12.25 -20.72
CA ILE A 115 -9.12 11.77 -22.08
C ILE A 115 -7.87 12.19 -22.87
N SER A 116 -7.10 11.20 -23.35
CA SER A 116 -5.77 11.43 -23.91
C SER A 116 -5.76 12.34 -25.14
N SER A 117 -6.72 12.09 -26.04
CA SER A 117 -6.88 12.87 -27.26
C SER A 117 -7.10 14.36 -26.97
N ILE A 118 -7.57 14.66 -25.77
CA ILE A 118 -7.73 16.04 -25.34
C ILE A 118 -6.59 16.53 -24.47
N ASP A 119 -6.29 15.79 -23.40
CA ASP A 119 -5.37 16.27 -22.35
C ASP A 119 -3.95 16.59 -22.83
N VAL A 120 -3.44 15.85 -23.81
CA VAL A 120 -2.06 16.07 -24.24
C VAL A 120 -1.90 17.22 -25.23
N ALA A 121 -2.51 17.08 -26.41
CA ALA A 121 -2.28 18.03 -27.50
C ALA A 121 -3.12 19.30 -27.38
N HIS A 122 -4.34 19.15 -26.87
CA HIS A 122 -5.30 20.25 -26.83
C HIS A 122 -5.95 20.39 -25.47
N PRO A 123 -5.12 20.51 -24.41
CA PRO A 123 -5.76 20.55 -23.09
C PRO A 123 -6.66 21.77 -22.89
N LEU A 124 -7.62 21.58 -22.03
CA LEU A 124 -8.64 22.57 -21.75
C LEU A 124 -8.29 23.29 -20.44
N LEU A 125 -8.49 24.60 -20.38
CA LEU A 125 -8.08 25.35 -19.18
C LEU A 125 -9.29 25.83 -18.38
N LYS A 126 -9.15 25.88 -17.05
CA LYS A 126 -10.25 26.38 -16.20
C LYS A 126 -10.61 27.81 -16.57
N GLY A 127 -11.84 27.98 -17.04
CA GLY A 127 -12.36 29.30 -17.34
C GLY A 127 -12.35 29.53 -18.83
N GLN A 128 -11.85 28.54 -19.57
CA GLN A 128 -11.87 28.58 -21.02
C GLN A 128 -13.27 28.28 -21.58
N LYS A 129 -13.59 28.87 -22.73
CA LYS A 129 -14.72 28.45 -23.53
C LYS A 129 -14.21 27.79 -24.83
N ILE A 130 -14.60 26.55 -25.06
CA ILE A 130 -14.10 25.79 -26.19
C ILE A 130 -15.16 24.81 -26.67
N ALA A 131 -15.38 24.77 -27.98
CA ALA A 131 -16.52 24.01 -28.50
C ALA A 131 -16.16 22.58 -28.85
N ILE A 132 -17.19 21.77 -29.04
CA ILE A 132 -17.03 20.47 -29.69
C ILE A 132 -17.93 20.48 -30.93
N PHE A 133 -17.33 20.19 -32.09
CA PHE A 133 -18.07 20.09 -33.35
C PHE A 133 -18.19 18.63 -33.76
N SER A 134 -19.41 18.18 -33.98
CA SER A 134 -19.61 16.79 -34.40
C SER A 134 -20.34 16.68 -35.71
N PRO A 135 -19.83 15.83 -36.60
CA PRO A 135 -20.58 15.46 -37.80
C PRO A 135 -21.85 14.72 -37.37
N PRO A 136 -22.92 14.80 -38.16
CA PRO A 136 -24.20 14.14 -37.83
C PRO A 136 -24.01 12.65 -37.58
N GLY A 137 -24.58 12.12 -36.51
CA GLY A 137 -24.52 10.70 -36.26
C GLY A 137 -23.43 10.25 -35.32
N LEU A 138 -22.44 11.09 -35.09
CA LEU A 138 -21.32 10.71 -34.22
C LEU A 138 -21.66 10.83 -32.73
N PRO A 139 -20.99 10.04 -31.87
CA PRO A 139 -21.36 9.95 -30.45
C PRO A 139 -20.92 11.14 -29.60
N MET A 140 -21.34 12.34 -30.00
CA MET A 140 -21.02 13.54 -29.24
C MET A 140 -21.59 13.49 -27.82
N GLU A 141 -22.82 12.99 -27.71
CA GLU A 141 -23.50 12.88 -26.42
C GLU A 141 -22.78 11.98 -25.41
N ARG A 142 -22.32 10.82 -25.86
CA ARG A 142 -21.52 9.96 -24.98
C ARG A 142 -20.23 10.64 -24.54
N LEU A 143 -19.62 11.37 -25.48
CA LEU A 143 -18.39 12.10 -25.18
C LEU A 143 -18.67 13.10 -24.07
N ALA A 144 -19.82 13.76 -24.14
CA ALA A 144 -20.25 14.70 -23.12
C ALA A 144 -20.29 14.03 -21.74
N LEU A 145 -20.99 12.89 -21.69
CA LEU A 145 -21.10 12.10 -20.48
C LEU A 145 -19.75 11.68 -19.93
N GLN A 146 -18.86 11.22 -20.81
CA GLN A 146 -17.54 10.77 -20.39
C GLN A 146 -16.75 11.91 -19.73
N ILE A 147 -16.84 13.09 -20.32
CA ILE A 147 -16.17 14.25 -19.75
C ILE A 147 -16.75 14.57 -18.36
N ALA A 148 -18.09 14.61 -18.30
CA ALA A 148 -18.81 14.86 -17.05
C ALA A 148 -18.42 13.91 -15.90
N ARG A 149 -18.49 12.59 -16.14
CA ARG A 149 -18.02 11.58 -15.18
C ARG A 149 -16.61 11.88 -14.67
N ASN A 150 -15.70 12.12 -15.60
CA ASN A 150 -14.29 12.22 -15.25
C ASN A 150 -13.97 13.48 -14.46
N VAL A 151 -14.79 14.50 -14.62
CA VAL A 151 -14.55 15.76 -13.94
C VAL A 151 -15.34 15.87 -12.63
N ALA A 152 -16.55 15.32 -12.62
CA ALA A 152 -17.46 15.39 -11.46
C ALA A 152 -16.82 14.91 -10.16
N LYS A 153 -15.79 14.10 -10.30
CA LYS A 153 -14.94 13.59 -9.23
C LYS A 153 -14.13 14.68 -8.52
N ASP A 154 -14.24 15.91 -9.02
CA ASP A 154 -13.32 16.95 -8.66
C ASP A 154 -14.01 18.30 -8.73
N LYS A 155 -14.84 18.48 -9.76
CA LYS A 155 -15.52 19.75 -9.99
C LYS A 155 -17.01 19.60 -10.27
N THR A 156 -17.76 20.66 -9.99
CA THR A 156 -19.19 20.62 -10.19
C THR A 156 -19.57 20.77 -11.67
N ILE A 157 -20.39 19.84 -12.15
CA ILE A 157 -20.87 19.86 -13.53
C ILE A 157 -22.28 20.47 -13.65
N ILE A 158 -22.45 21.41 -14.57
CA ILE A 158 -23.80 21.83 -14.96
C ILE A 158 -24.05 21.44 -16.40
N PHE A 159 -25.08 20.60 -16.60
CA PHE A 159 -25.45 20.08 -17.90
C PHE A 159 -26.62 20.84 -18.45
N ALA A 160 -26.42 21.46 -19.60
CA ALA A 160 -27.51 22.14 -20.28
C ALA A 160 -27.81 21.39 -21.57
N ALA A 161 -28.84 20.54 -21.52
CA ALA A 161 -29.25 19.75 -22.68
C ALA A 161 -30.44 20.41 -23.39
N ILE A 162 -30.21 20.85 -24.62
CA ILE A 162 -31.16 21.71 -25.30
C ILE A 162 -31.91 20.97 -26.42
N GLY A 163 -33.21 20.78 -26.20
CA GLY A 163 -34.10 20.23 -27.21
C GLY A 163 -33.66 18.87 -27.68
N VAL A 164 -33.22 18.04 -26.73
CA VAL A 164 -32.78 16.68 -27.02
C VAL A 164 -33.96 15.69 -27.19
N PRO A 165 -33.81 14.72 -28.13
CA PRO A 165 -34.77 13.63 -28.40
C PRO A 165 -34.89 12.64 -27.25
N SER A 166 -35.95 11.84 -27.29
CA SER A 166 -36.26 10.90 -26.21
C SER A 166 -35.15 9.89 -25.91
N ASP A 167 -34.52 9.35 -26.96
CA ASP A 167 -33.38 8.43 -26.82
C ASP A 167 -32.33 9.02 -25.89
N ILE A 168 -31.75 10.12 -26.37
CA ILE A 168 -30.75 10.88 -25.67
C ILE A 168 -31.25 11.26 -24.28
N TYR A 169 -32.46 11.81 -24.24
CA TYR A 169 -33.07 12.25 -22.99
C TYR A 169 -32.91 11.15 -21.98
N LYS A 170 -33.33 9.94 -22.34
CA LYS A 170 -33.23 8.82 -21.42
C LYS A 170 -31.80 8.41 -21.12
N MET A 171 -30.91 8.54 -22.10
CA MET A 171 -29.50 8.27 -21.85
C MET A 171 -28.90 9.19 -20.79
N PHE A 172 -29.20 10.48 -20.85
CA PHE A 172 -28.70 11.45 -19.88
C PHE A 172 -29.19 11.14 -18.48
N ILE A 173 -30.51 11.03 -18.35
CA ILE A 173 -31.14 10.74 -17.07
C ILE A 173 -30.54 9.47 -16.48
N ASP A 174 -30.69 8.37 -17.22
CA ASP A 174 -30.22 7.07 -16.77
C ASP A 174 -28.74 7.09 -16.50
N GLU A 175 -27.93 7.60 -17.42
CA GLU A 175 -26.47 7.60 -17.20
C GLU A 175 -26.01 8.40 -15.99
N PHE A 176 -26.45 9.65 -15.87
CA PHE A 176 -26.08 10.48 -14.73
C PHE A 176 -26.52 9.90 -13.40
N ILE A 177 -27.80 9.57 -13.33
CA ILE A 177 -28.34 9.03 -12.09
C ILE A 177 -27.53 7.82 -11.61
N ASN A 178 -27.44 6.80 -12.47
CA ASN A 178 -26.75 5.56 -12.13
C ASN A 178 -25.27 5.71 -11.91
N THR A 179 -24.69 6.74 -12.51
CA THR A 179 -23.24 6.99 -12.39
C THR A 179 -22.89 7.49 -11.01
N LYS A 180 -23.84 8.17 -10.37
CA LYS A 180 -23.57 8.96 -9.17
C LYS A 180 -22.65 10.12 -9.56
N ALA A 181 -22.68 10.48 -10.85
CA ALA A 181 -22.05 11.68 -11.31
C ALA A 181 -23.04 12.79 -10.97
N ILE A 182 -24.31 12.42 -10.92
CA ILE A 182 -25.37 13.35 -10.57
C ILE A 182 -25.09 14.00 -9.21
N MET A 183 -24.43 13.26 -8.31
CA MET A 183 -24.15 13.73 -6.95
C MET A 183 -23.30 15.01 -6.90
N ASN A 184 -22.63 15.33 -8.00
CA ASN A 184 -21.93 16.59 -8.09
C ASN A 184 -22.30 17.30 -9.38
N SER A 185 -23.52 17.08 -9.86
CA SER A 185 -24.01 17.69 -11.09
C SER A 185 -25.41 18.28 -10.97
N ALA A 186 -25.73 19.23 -11.84
CA ALA A 186 -27.10 19.70 -12.00
C ALA A 186 -27.43 19.58 -13.46
N ILE A 187 -28.66 19.18 -13.77
CA ILE A 187 -29.04 19.00 -15.15
C ILE A 187 -30.26 19.82 -15.49
N PHE A 188 -30.09 20.67 -16.50
CA PHE A 188 -31.19 21.47 -17.02
C PHE A 188 -31.43 20.94 -18.41
N ILE A 189 -32.61 20.36 -18.63
CA ILE A 189 -32.86 19.64 -19.87
C ILE A 189 -34.24 19.90 -20.43
N SER A 190 -34.28 20.26 -21.71
CA SER A 190 -35.52 20.41 -22.45
C SER A 190 -35.62 19.33 -23.54
N LYS A 191 -36.81 18.79 -23.76
CA LYS A 191 -37.04 17.80 -24.83
C LYS A 191 -37.22 18.44 -26.20
N ALA A 192 -37.06 17.63 -27.24
CA ALA A 192 -37.15 18.11 -28.61
C ALA A 192 -38.54 18.62 -28.97
N ASP A 193 -39.55 17.98 -28.37
CA ASP A 193 -40.96 18.32 -28.62
C ASP A 193 -41.47 19.38 -27.63
N SER A 194 -40.58 19.87 -26.77
CA SER A 194 -40.92 20.98 -25.89
C SER A 194 -40.93 22.33 -26.63
N SER A 195 -41.28 23.38 -25.90
CA SER A 195 -41.41 24.72 -26.47
C SER A 195 -40.06 25.29 -26.91
N PRO A 196 -40.05 26.08 -28.01
CA PRO A 196 -38.82 26.75 -28.43
C PRO A 196 -38.29 27.65 -27.31
N ILE A 197 -39.21 28.27 -26.58
CA ILE A 197 -38.79 29.20 -25.53
C ILE A 197 -38.10 28.46 -24.39
N GLU A 198 -38.59 27.28 -24.07
CA GLU A 198 -37.94 26.49 -23.03
C GLU A 198 -36.52 26.12 -23.44
N LYS A 199 -36.32 25.90 -24.73
CA LYS A 199 -35.00 25.56 -25.26
C LYS A 199 -34.08 26.75 -25.16
N ILE A 200 -34.61 27.91 -25.52
CA ILE A 200 -33.86 29.15 -25.47
C ILE A 200 -33.53 29.54 -24.02
N TYR A 201 -34.42 29.21 -23.11
CA TYR A 201 -34.21 29.48 -21.69
C TYR A 201 -33.11 28.59 -21.11
N THR A 202 -33.03 27.36 -21.61
CA THR A 202 -32.15 26.34 -21.06
C THR A 202 -30.69 26.77 -20.78
N PRO A 203 -29.96 27.30 -21.79
CA PRO A 203 -28.59 27.71 -21.47
C PRO A 203 -28.52 28.84 -20.43
N ARG A 204 -29.48 29.76 -20.49
CA ARG A 204 -29.54 30.88 -19.58
C ARG A 204 -29.73 30.43 -18.13
N VAL A 205 -30.70 29.56 -17.88
CA VAL A 205 -30.96 29.05 -16.54
C VAL A 205 -29.73 28.31 -16.03
N ALA A 206 -29.12 27.51 -16.89
CA ALA A 206 -27.90 26.77 -16.57
C ALA A 206 -26.69 27.64 -16.19
N LEU A 207 -26.43 28.65 -17.01
CA LEU A 207 -25.37 29.60 -16.76
C LEU A 207 -25.64 30.47 -15.53
N THR A 208 -26.92 30.70 -15.22
CA THR A 208 -27.27 31.52 -14.06
C THR A 208 -26.89 30.82 -12.75
N LEU A 209 -27.15 29.51 -12.69
CA LEU A 209 -26.73 28.70 -11.55
C LEU A 209 -25.21 28.60 -11.49
N ALA A 210 -24.61 28.41 -12.66
CA ALA A 210 -23.14 28.37 -12.77
C ALA A 210 -22.47 29.62 -12.20
N GLU A 211 -22.96 30.78 -12.61
CA GLU A 211 -22.42 32.06 -12.16
C GLU A 211 -22.54 32.14 -10.64
N TYR A 212 -23.66 31.65 -10.11
CA TYR A 212 -23.90 31.69 -8.69
C TYR A 212 -22.92 30.77 -7.95
N LEU A 213 -22.75 29.55 -8.44
CA LEU A 213 -21.83 28.60 -7.80
C LEU A 213 -20.36 28.97 -7.97
N ALA A 214 -20.03 29.59 -9.09
CA ALA A 214 -18.64 29.94 -9.36
C ALA A 214 -18.25 31.23 -8.67
N PHE A 215 -19.06 32.26 -8.86
CA PHE A 215 -18.64 33.61 -8.49
C PHE A 215 -19.15 34.06 -7.12
N GLU A 216 -20.09 33.32 -6.56
CA GLU A 216 -20.56 33.64 -5.22
C GLU A 216 -20.22 32.55 -4.22
N LYS A 217 -19.98 31.33 -4.70
CA LYS A 217 -19.65 30.21 -3.81
C LYS A 217 -18.20 29.77 -3.98
N ASN A 218 -17.46 30.54 -4.76
CA ASN A 218 -16.04 30.31 -5.03
C ASN A 218 -15.71 28.90 -5.52
N ARG A 219 -16.39 28.45 -6.57
CA ARG A 219 -16.12 27.11 -7.09
C ARG A 219 -15.65 27.13 -8.54
N ASP A 220 -15.05 26.02 -8.95
CA ASP A 220 -14.75 25.79 -10.34
C ASP A 220 -15.81 24.88 -10.94
N VAL A 221 -16.64 25.44 -11.82
CA VAL A 221 -17.66 24.64 -12.44
C VAL A 221 -17.36 24.43 -13.91
N LEU A 222 -17.89 23.32 -14.43
CA LEU A 222 -17.79 22.99 -15.84
C LEU A 222 -19.20 22.88 -16.42
N VAL A 223 -19.54 23.77 -17.35
CA VAL A 223 -20.83 23.77 -18.02
C VAL A 223 -20.76 23.07 -19.39
N LEU A 224 -21.42 21.94 -19.52
CA LEU A 224 -21.51 21.26 -20.80
C LEU A 224 -22.85 21.66 -21.39
N MET A 225 -22.81 22.09 -22.63
CA MET A 225 -24.00 22.64 -23.27
C MET A 225 -24.14 22.08 -24.68
N LEU A 226 -25.25 21.37 -24.92
CA LEU A 226 -25.54 20.76 -26.21
C LEU A 226 -27.06 20.61 -26.36
N ASP A 227 -27.60 20.72 -27.57
CA ASP A 227 -26.86 20.90 -28.82
C ASP A 227 -27.08 22.32 -29.33
N MET A 228 -26.00 23.09 -29.53
CA MET A 228 -26.15 24.50 -29.93
C MET A 228 -26.92 24.68 -31.21
N THR A 229 -26.91 23.66 -32.07
CA THR A 229 -27.63 23.73 -33.33
C THR A 229 -29.15 23.69 -33.08
N ASN A 230 -29.59 22.85 -32.15
CA ASN A 230 -30.98 22.84 -31.69
C ASN A 230 -31.41 24.19 -31.12
N TYR A 231 -30.50 24.82 -30.39
CA TYR A 231 -30.74 26.14 -29.84
C TYR A 231 -30.94 27.15 -30.96
N ALA A 232 -30.04 27.18 -31.92
CA ALA A 232 -30.14 28.12 -33.03
C ALA A 232 -31.44 27.88 -33.77
N ASP A 233 -31.80 26.62 -33.85
CA ASP A 233 -33.00 26.22 -34.56
C ASP A 233 -34.23 26.67 -33.82
N ALA A 234 -34.17 26.73 -32.49
CA ALA A 234 -35.23 27.33 -31.69
C ALA A 234 -35.41 28.83 -31.96
N LEU A 235 -34.31 29.55 -32.10
CA LEU A 235 -34.36 30.96 -32.46
C LEU A 235 -35.01 31.11 -33.82
N ARG A 236 -34.62 30.24 -34.75
CA ARG A 236 -35.14 30.32 -36.11
C ARG A 236 -36.64 30.06 -36.15
N GLU A 237 -37.10 29.26 -35.22
CA GLU A 237 -38.50 28.85 -35.15
C GLU A 237 -39.44 29.97 -34.72
N ILE A 238 -39.04 30.73 -33.69
CA ILE A 238 -39.82 31.88 -33.24
C ILE A 238 -39.67 33.06 -34.21
N SER A 239 -38.48 33.26 -34.73
CA SER A 239 -38.26 34.41 -35.58
C SER A 239 -38.91 34.20 -36.96
N THR A 240 -39.39 32.98 -37.22
CA THR A 240 -39.94 32.58 -38.51
C THR A 240 -41.15 33.38 -38.96
N LEU A 241 -42.23 33.33 -38.18
CA LEU A 241 -43.45 34.01 -38.59
C LEU A 241 -43.46 35.51 -38.28
N ARG A 242 -42.40 36.01 -37.64
CA ARG A 242 -42.26 37.43 -37.36
C ARG A 242 -41.48 38.16 -38.48
N LYS A 243 -42.19 38.89 -39.33
CA LYS A 243 -41.60 39.36 -40.60
C LYS A 243 -40.79 40.69 -40.61
N GLU A 244 -40.59 41.32 -39.45
CA GLU A 244 -39.75 42.52 -39.28
C GLU A 244 -38.43 42.19 -38.56
N ILE A 245 -38.22 40.90 -38.32
CA ILE A 245 -36.91 40.46 -37.82
C ILE A 245 -36.05 39.97 -38.97
N PRO A 246 -35.00 40.73 -39.31
CA PRO A 246 -34.16 40.41 -40.47
C PRO A 246 -33.33 39.14 -40.26
N SER A 247 -32.94 38.52 -41.37
CA SER A 247 -32.14 37.31 -41.31
C SER A 247 -30.77 37.49 -41.95
N ARG A 248 -29.83 36.66 -41.51
CA ARG A 248 -28.53 36.58 -42.17
C ARG A 248 -28.10 35.11 -42.12
N ARG A 249 -27.83 34.55 -43.30
CA ARG A 249 -27.37 33.17 -43.45
C ARG A 249 -28.38 32.15 -42.92
N GLY A 250 -29.64 32.48 -43.14
CA GLY A 250 -30.69 31.53 -42.88
C GLY A 250 -31.19 31.58 -41.45
N TYR A 251 -30.61 32.45 -40.64
CA TYR A 251 -31.00 32.56 -39.24
C TYR A 251 -31.25 34.03 -38.90
N PRO A 252 -31.89 34.31 -37.75
CA PRO A 252 -32.02 35.70 -37.27
C PRO A 252 -30.66 36.41 -37.24
N ALA A 253 -30.65 37.69 -37.61
CA ALA A 253 -29.42 38.46 -37.69
C ALA A 253 -28.76 38.71 -36.34
N TYR A 254 -29.53 38.51 -35.26
CA TYR A 254 -29.03 38.67 -33.92
C TYR A 254 -28.39 37.41 -33.36
N LEU A 255 -28.22 36.40 -34.21
CA LEU A 255 -27.64 35.12 -33.79
C LEU A 255 -26.22 35.28 -33.23
N TYR A 256 -25.37 36.04 -33.92
CA TYR A 256 -23.99 36.22 -33.47
C TYR A 256 -23.90 36.84 -32.07
N THR A 257 -24.67 37.89 -31.85
CA THR A 257 -24.64 38.60 -30.58
C THR A 257 -25.31 37.81 -29.47
N ASP A 258 -26.36 37.08 -29.82
CA ASP A 258 -27.00 36.17 -28.88
C ASP A 258 -26.07 35.05 -28.41
N LEU A 259 -25.35 34.44 -29.34
CA LEU A 259 -24.40 33.40 -28.98
C LEU A 259 -23.25 33.94 -28.14
N ALA A 260 -22.80 35.15 -28.49
CA ALA A 260 -21.68 35.73 -27.76
C ALA A 260 -22.12 36.03 -26.32
N SER A 261 -23.36 36.51 -26.18
CA SER A 261 -23.90 36.83 -24.87
C SER A 261 -24.04 35.57 -24.02
N ILE A 262 -24.16 34.41 -24.66
CA ILE A 262 -24.20 33.16 -23.91
C ILE A 262 -22.79 32.66 -23.56
N TYR A 263 -21.93 32.53 -24.57
CA TYR A 263 -20.58 32.00 -24.37
C TYR A 263 -19.73 32.87 -23.47
N GLU A 264 -19.97 34.17 -23.50
CA GLU A 264 -19.18 35.09 -22.69
C GLU A 264 -19.52 35.03 -21.21
N ARG A 265 -20.58 34.28 -20.88
CA ARG A 265 -20.92 34.05 -19.48
C ARG A 265 -20.09 32.89 -18.92
N SER A 266 -18.78 33.02 -19.08
CA SER A 266 -17.83 32.00 -18.66
C SER A 266 -16.53 32.73 -18.34
N GLY A 267 -15.52 32.02 -17.84
CA GLY A 267 -14.26 32.67 -17.54
C GLY A 267 -13.73 32.48 -16.13
N LEU A 268 -12.61 33.14 -15.87
CA LEU A 268 -11.87 32.97 -14.61
C LEU A 268 -11.80 34.28 -13.82
N THR A 269 -11.93 34.20 -12.50
CA THR A 269 -11.76 35.36 -11.59
C THR A 269 -10.90 34.93 -10.41
N SER A 270 -10.71 35.84 -9.46
CA SER A 270 -9.97 35.51 -8.25
C SER A 270 -10.77 34.60 -7.30
N LYS A 271 -12.07 34.49 -7.58
CA LYS A 271 -13.03 33.75 -6.76
C LYS A 271 -13.30 32.33 -7.25
N GLY A 272 -13.79 32.25 -8.49
CA GLY A 272 -14.06 30.98 -9.11
C GLY A 272 -13.85 30.99 -10.61
N SER A 273 -14.39 29.98 -11.28
CA SER A 273 -14.24 29.83 -12.71
C SER A 273 -15.43 29.13 -13.33
N ILE A 274 -15.86 29.61 -14.50
CA ILE A 274 -16.80 28.86 -15.32
C ILE A 274 -16.10 28.41 -16.61
N THR A 275 -15.90 27.11 -16.71
CA THR A 275 -15.38 26.51 -17.93
C THR A 275 -16.58 26.08 -18.79
N LEU A 276 -16.61 26.53 -20.04
CA LEU A 276 -17.78 26.33 -20.88
C LEU A 276 -17.47 25.54 -22.15
N ILE A 277 -18.23 24.46 -22.38
CA ILE A 277 -18.06 23.65 -23.59
C ILE A 277 -19.36 23.52 -24.36
N PRO A 278 -19.56 24.41 -25.35
CA PRO A 278 -20.72 24.32 -26.23
C PRO A 278 -20.51 23.24 -27.27
N MET A 279 -21.44 22.30 -27.37
CA MET A 279 -21.32 21.19 -28.29
C MET A 279 -22.42 21.31 -29.33
N LEU A 280 -22.05 21.03 -30.58
CA LEU A 280 -22.98 21.21 -31.68
C LEU A 280 -22.78 20.22 -32.83
N THR A 281 -23.86 20.00 -33.58
CA THR A 281 -23.81 19.18 -34.76
C THR A 281 -23.61 20.09 -35.97
N MET A 282 -22.57 19.82 -36.77
CA MET A 282 -22.38 20.52 -38.04
C MET A 282 -23.33 19.91 -39.04
N PRO A 283 -24.37 20.66 -39.43
CA PRO A 283 -25.54 20.22 -40.20
C PRO A 283 -25.29 19.25 -41.36
N GLY A 284 -24.40 19.57 -42.30
CA GLY A 284 -24.11 18.60 -43.34
C GLY A 284 -22.70 18.08 -43.26
N ASN A 285 -22.24 17.80 -42.05
CA ASN A 285 -20.80 17.75 -41.78
C ASN A 285 -20.11 18.99 -42.37
N ASP A 286 -20.78 20.14 -42.31
CA ASP A 286 -20.30 21.39 -42.91
C ASP A 286 -19.85 22.42 -41.86
N ILE A 287 -18.55 22.53 -41.66
CA ILE A 287 -18.00 23.39 -40.61
C ILE A 287 -18.18 24.87 -40.92
N THR A 288 -18.53 25.16 -42.17
CA THR A 288 -18.71 26.56 -42.57
C THR A 288 -20.17 26.98 -42.46
N HIS A 289 -21.01 26.07 -41.96
CA HIS A 289 -22.38 26.42 -41.62
C HIS A 289 -22.36 27.53 -40.57
N VAL A 290 -23.41 28.34 -40.55
CA VAL A 290 -23.40 29.54 -39.68
C VAL A 290 -23.26 29.23 -38.19
N VAL A 291 -23.86 28.13 -37.72
CA VAL A 291 -23.74 27.74 -36.32
C VAL A 291 -22.28 27.41 -35.91
N PRO A 292 -21.64 26.41 -36.56
CA PRO A 292 -20.24 26.17 -36.20
C PRO A 292 -19.36 27.38 -36.47
N ASP A 293 -19.65 28.10 -37.55
CA ASP A 293 -18.79 29.19 -37.98
C ASP A 293 -18.70 30.29 -36.91
N LEU A 294 -19.86 30.71 -36.43
CA LEU A 294 -19.93 31.71 -35.36
C LEU A 294 -19.40 31.20 -34.01
N THR A 295 -19.82 30.00 -33.61
CA THR A 295 -19.33 29.42 -32.36
C THR A 295 -17.81 29.40 -32.33
N GLY A 296 -17.20 28.89 -33.40
CA GLY A 296 -15.76 28.76 -33.48
C GLY A 296 -15.04 30.10 -33.61
N TYR A 297 -15.79 31.09 -34.07
CA TYR A 297 -15.31 32.48 -34.13
C TYR A 297 -15.15 33.07 -32.73
N ILE A 298 -16.08 32.72 -31.86
CA ILE A 298 -16.15 33.27 -30.52
C ILE A 298 -15.29 32.48 -29.53
N THR A 299 -15.32 31.15 -29.66
CA THR A 299 -14.67 30.31 -28.65
C THR A 299 -13.16 30.25 -28.81
N GLU A 300 -12.51 29.74 -27.79
CA GLU A 300 -11.06 29.66 -27.74
C GLU A 300 -10.57 28.33 -28.26
N GLY A 301 -11.11 27.97 -29.43
CA GLY A 301 -10.81 26.72 -30.09
C GLY A 301 -12.01 25.79 -30.11
N GLN A 302 -11.81 24.59 -30.64
CA GLN A 302 -12.84 23.58 -30.64
C GLN A 302 -12.26 22.21 -30.87
N TYR A 303 -12.92 21.20 -30.31
CA TYR A 303 -12.58 19.82 -30.60
C TYR A 303 -13.47 19.38 -31.76
N VAL A 304 -12.88 18.76 -32.76
CA VAL A 304 -13.63 18.28 -33.92
C VAL A 304 -13.67 16.76 -33.98
N LEU A 305 -14.85 16.21 -34.15
CA LEU A 305 -14.99 14.76 -34.20
C LEU A 305 -14.76 14.25 -35.62
N SER A 306 -14.07 13.12 -35.75
CA SER A 306 -13.69 12.58 -37.06
C SER A 306 -14.63 11.47 -37.56
N GLN A 307 -15.23 11.70 -38.71
CA GLN A 307 -16.06 10.70 -39.39
C GLN A 307 -15.23 9.46 -39.76
N ASP A 308 -13.98 9.72 -40.14
CA ASP A 308 -13.03 8.68 -40.50
C ASP A 308 -12.71 7.75 -39.31
N LEU A 309 -12.44 8.33 -38.15
CA LEU A 309 -12.16 7.54 -36.94
C LEU A 309 -13.36 6.72 -36.49
N HIS A 310 -14.55 7.26 -36.71
CA HIS A 310 -15.79 6.62 -36.29
C HIS A 310 -16.01 5.33 -37.11
N SER A 311 -15.70 5.44 -38.38
CA SER A 311 -15.78 4.32 -39.31
C SER A 311 -14.83 3.19 -38.95
N LYS A 312 -13.70 3.54 -38.33
CA LYS A 312 -12.76 2.54 -37.84
C LYS A 312 -13.11 2.04 -36.43
N ASN A 313 -14.32 2.32 -35.97
CA ASN A 313 -14.72 1.97 -34.59
C ASN A 313 -13.77 2.50 -33.54
N ILE A 314 -13.33 3.75 -33.72
CA ILE A 314 -12.56 4.43 -32.67
C ILE A 314 -13.45 5.36 -31.85
N TYR A 315 -13.55 5.09 -30.55
CA TYR A 315 -14.17 6.04 -29.63
C TYR A 315 -13.09 6.51 -28.66
N PRO A 316 -13.12 7.77 -28.22
CA PRO A 316 -13.61 9.07 -28.69
C PRO A 316 -12.97 9.41 -30.04
N PRO A 317 -13.79 9.58 -31.08
CA PRO A 317 -13.38 9.89 -32.46
C PRO A 317 -12.93 11.35 -32.58
N ILE A 318 -11.91 11.72 -31.82
CA ILE A 318 -11.41 13.09 -31.85
C ILE A 318 -10.29 13.28 -32.88
N ASP A 319 -10.56 14.17 -33.83
CA ASP A 319 -9.60 14.54 -34.87
C ASP A 319 -8.48 15.38 -34.24
N LEU A 320 -7.28 14.79 -34.17
CA LEU A 320 -6.13 15.46 -33.55
C LEU A 320 -5.62 16.70 -34.30
N LEU A 321 -5.79 16.73 -35.61
CA LEU A 321 -5.23 17.81 -36.39
C LEU A 321 -6.18 18.98 -36.57
N LYS A 322 -7.48 18.71 -36.46
CA LYS A 322 -8.49 19.75 -36.64
C LYS A 322 -8.93 20.34 -35.32
N SER A 323 -8.61 19.66 -34.23
CA SER A 323 -8.91 20.20 -32.91
C SER A 323 -7.88 21.25 -32.54
N LEU A 324 -8.29 22.19 -31.71
CA LEU A 324 -7.45 23.32 -31.33
C LEU A 324 -7.91 23.92 -30.01
N SER A 325 -6.96 24.13 -29.11
CA SER A 325 -7.22 24.84 -27.88
C SER A 325 -6.30 26.05 -27.83
N ARG A 326 -6.90 27.22 -28.02
CA ARG A 326 -6.10 28.44 -28.12
C ARG A 326 -5.42 28.83 -26.81
N LEU A 327 -6.01 28.44 -25.68
CA LEU A 327 -5.40 28.72 -24.39
C LEU A 327 -4.44 27.64 -23.88
N ALA A 328 -4.45 26.48 -24.53
CA ALA A 328 -3.67 25.31 -24.07
C ALA A 328 -2.23 25.61 -23.61
N LYS A 329 -1.48 26.32 -24.45
CA LYS A 329 -0.08 26.59 -24.15
C LYS A 329 0.14 27.39 -22.86
N ASN A 330 -0.88 28.09 -22.42
CA ASN A 330 -0.72 28.95 -21.25
C ASN A 330 -0.82 28.17 -19.94
N GLY A 331 -1.19 26.90 -20.05
CA GLY A 331 -1.30 26.03 -18.89
C GLY A 331 -0.42 24.79 -18.97
N MET A 332 0.32 24.65 -20.08
CA MET A 332 1.21 23.52 -20.28
C MET A 332 2.63 23.78 -19.74
N SER A 333 3.19 22.77 -19.07
CA SER A 333 4.59 22.80 -18.68
C SER A 333 5.49 22.56 -19.89
N LYS A 334 6.78 22.81 -19.72
CA LYS A 334 7.76 22.63 -20.81
C LYS A 334 7.58 21.24 -21.43
N LYS A 335 7.39 20.25 -20.54
CA LYS A 335 7.37 18.84 -20.88
C LYS A 335 6.15 18.55 -21.68
N HIS A 336 5.03 19.07 -21.17
CA HIS A 336 3.75 18.89 -21.80
C HIS A 336 3.75 19.44 -23.23
N LYS A 337 4.35 20.62 -23.44
CA LYS A 337 4.40 21.21 -24.77
C LYS A 337 5.20 20.31 -25.70
N LYS A 338 6.26 19.72 -25.14
CA LYS A 338 7.15 18.79 -25.86
C LYS A 338 6.37 17.60 -26.41
N TYR A 339 5.68 16.91 -25.51
CA TYR A 339 4.80 15.80 -25.89
C TYR A 339 3.71 16.20 -26.90
N ALA A 340 3.07 17.34 -26.65
CA ALA A 340 2.06 17.87 -27.54
C ALA A 340 2.64 18.07 -28.94
N ASP A 341 3.82 18.68 -28.99
CA ASP A 341 4.47 19.00 -30.26
C ASP A 341 4.79 17.75 -31.07
N ILE A 342 5.43 16.79 -30.41
CA ILE A 342 5.80 15.55 -31.07
C ILE A 342 4.60 14.77 -31.55
N LEU A 343 3.60 14.63 -30.69
CA LEU A 343 2.39 13.90 -31.03
C LEU A 343 1.74 14.45 -32.31
N ILE A 344 1.49 15.76 -32.33
CA ILE A 344 0.85 16.39 -33.48
C ILE A 344 1.70 16.30 -34.75
N LYS A 345 2.98 16.66 -34.61
CA LYS A 345 3.92 16.70 -35.73
C LYS A 345 4.08 15.34 -36.40
N SER A 346 4.20 14.32 -35.57
CA SER A 346 4.38 12.97 -36.04
C SER A 346 3.08 12.34 -36.54
N TYR A 347 1.97 12.60 -35.85
CA TYR A 347 0.70 12.10 -36.32
C TYR A 347 0.45 12.66 -37.72
N ALA A 348 0.76 13.95 -37.89
CA ALA A 348 0.50 14.61 -39.16
C ALA A 348 1.39 14.00 -40.22
N LYS A 349 2.65 13.79 -39.86
CA LYS A 349 3.63 13.14 -40.73
C LYS A 349 3.20 11.73 -41.18
N GLY A 350 2.67 10.97 -40.23
CA GLY A 350 2.17 9.64 -40.49
C GLY A 350 0.97 9.60 -41.41
N LEU A 351 0.15 10.64 -41.35
CA LEU A 351 -1.05 10.69 -42.19
C LEU A 351 -0.66 11.01 -43.63
N GLU A 352 0.42 11.75 -43.79
CA GLU A 352 1.00 12.00 -45.10
C GLU A 352 1.48 10.70 -45.71
N ALA A 353 2.31 10.01 -44.94
CA ALA A 353 2.82 8.69 -45.31
C ALA A 353 1.70 7.75 -45.71
N ARG A 354 0.59 7.82 -44.98
CA ARG A 354 -0.56 6.98 -45.25
C ARG A 354 -1.14 7.27 -46.63
N ASP A 355 -1.16 8.56 -47.00
CA ASP A 355 -1.72 9.00 -48.27
C ASP A 355 -0.86 8.58 -49.43
N ILE A 356 0.45 8.67 -49.23
CA ILE A 356 1.41 8.14 -50.20
C ILE A 356 1.22 6.65 -50.41
N ALA A 357 1.07 5.93 -49.31
CA ALA A 357 0.92 4.48 -49.34
C ALA A 357 -0.32 4.00 -50.11
N THR A 358 -1.38 4.80 -50.08
CA THR A 358 -2.61 4.47 -50.82
C THR A 358 -2.42 4.52 -52.33
N ILE A 359 -1.25 5.01 -52.77
CA ILE A 359 -0.95 5.18 -54.18
C ILE A 359 0.17 4.26 -54.67
N VAL A 360 1.14 4.00 -53.81
CA VAL A 360 2.31 3.24 -54.21
C VAL A 360 2.61 2.06 -53.29
N GLY A 361 1.87 1.97 -52.19
CA GLY A 361 2.04 0.88 -51.24
C GLY A 361 3.05 1.23 -50.17
N GLU A 362 3.00 0.52 -49.06
CA GLU A 362 3.92 0.79 -47.96
C GLU A 362 5.37 0.45 -48.32
N ASP A 363 5.56 -0.39 -49.34
CA ASP A 363 6.89 -0.79 -49.75
C ASP A 363 7.65 0.38 -50.36
N SER A 364 6.92 1.22 -51.06
CA SER A 364 7.51 2.39 -51.71
C SER A 364 7.73 3.56 -50.75
N LEU A 365 7.63 3.31 -49.45
CA LEU A 365 7.83 4.37 -48.46
C LEU A 365 9.26 4.38 -47.94
N SER A 366 9.79 5.56 -47.66
CA SER A 366 11.08 5.69 -46.99
C SER A 366 10.99 5.01 -45.63
N LYS A 367 12.14 4.73 -45.03
CA LYS A 367 12.12 4.17 -43.68
C LYS A 367 11.60 5.17 -42.65
N GLU A 368 11.83 6.44 -42.93
CA GLU A 368 11.28 7.52 -42.13
C GLU A 368 9.75 7.46 -42.22
N ASP A 369 9.21 7.47 -43.43
CA ASP A 369 7.76 7.52 -43.61
C ASP A 369 7.08 6.28 -43.02
N LYS A 370 7.78 5.15 -43.03
CA LYS A 370 7.23 3.92 -42.46
C LYS A 370 7.10 4.04 -40.94
N ALA A 371 8.08 4.69 -40.32
CA ALA A 371 8.06 4.94 -38.88
C ALA A 371 6.90 5.87 -38.48
N TYR A 372 6.73 6.98 -39.20
CA TYR A 372 5.58 7.86 -39.01
C TYR A 372 4.23 7.16 -39.27
N LEU A 373 4.16 6.35 -40.33
CA LEU A 373 2.93 5.63 -40.65
C LEU A 373 2.55 4.69 -39.52
N LYS A 374 3.58 4.07 -38.95
CA LYS A 374 3.44 3.17 -37.81
C LYS A 374 2.94 3.96 -36.59
N PHE A 375 3.58 5.10 -36.34
CA PHE A 375 3.20 6.00 -35.26
C PHE A 375 1.71 6.39 -35.33
N ALA A 376 1.27 6.86 -36.51
CA ALA A 376 -0.11 7.30 -36.69
C ALA A 376 -1.09 6.15 -36.48
N GLU A 377 -0.73 4.96 -36.95
CA GLU A 377 -1.56 3.79 -36.78
C GLU A 377 -1.67 3.43 -35.28
N LEU A 378 -0.55 3.45 -34.57
CA LEU A 378 -0.55 3.18 -33.14
C LEU A 378 -1.32 4.24 -32.34
N VAL A 379 -1.13 5.50 -32.69
CA VAL A 379 -1.84 6.60 -32.06
C VAL A 379 -3.34 6.39 -32.12
N GLU A 380 -3.84 6.05 -33.32
CA GLU A 380 -5.26 5.78 -33.50
C GLU A 380 -5.74 4.61 -32.65
N LYS A 381 -4.92 3.58 -32.52
CA LYS A 381 -5.34 2.32 -31.89
C LYS A 381 -5.14 2.24 -30.39
N GLU A 382 -4.18 2.98 -29.85
CA GLU A 382 -3.80 2.83 -28.45
C GLU A 382 -3.85 4.13 -27.67
N PHE A 383 -4.02 5.23 -28.38
CA PHE A 383 -3.96 6.55 -27.73
C PHE A 383 -5.30 7.28 -27.79
N ILE A 384 -5.76 7.54 -29.00
CA ILE A 384 -7.07 8.18 -29.20
C ILE A 384 -8.17 7.24 -28.72
N LYS A 385 -8.12 5.99 -29.21
CA LYS A 385 -9.06 4.96 -28.77
C LYS A 385 -8.91 4.76 -27.27
N GLN A 386 -10.02 4.97 -26.57
CA GLN A 386 -10.01 4.93 -25.13
C GLN A 386 -11.35 4.37 -24.67
N ASP A 387 -11.33 3.55 -23.63
CA ASP A 387 -12.55 2.99 -23.08
C ASP A 387 -13.33 4.11 -22.40
N TYR A 388 -14.64 4.18 -22.68
CA TYR A 388 -15.54 5.13 -22.02
C TYR A 388 -15.34 5.22 -20.50
N TYR A 389 -15.06 4.08 -19.88
CA TYR A 389 -14.89 4.04 -18.45
C TYR A 389 -13.43 4.18 -18.05
N GLU A 390 -12.56 4.43 -19.01
CA GLU A 390 -11.16 4.57 -18.65
C GLU A 390 -10.81 6.02 -18.35
N TYR A 391 -10.11 6.26 -17.25
CA TYR A 391 -9.62 7.59 -16.98
C TYR A 391 -8.13 7.51 -17.09
N ARG A 392 -7.57 8.31 -17.98
CA ARG A 392 -6.12 8.36 -18.10
C ARG A 392 -5.58 9.63 -17.47
N SER A 393 -4.79 9.46 -16.42
CA SER A 393 -3.97 10.55 -15.92
C SER A 393 -3.07 11.08 -17.04
N ILE A 394 -2.67 12.34 -16.92
CA ILE A 394 -1.73 12.90 -17.86
C ILE A 394 -0.44 12.08 -17.97
N GLU A 395 0.07 11.54 -16.85
CA GLU A 395 1.33 10.78 -16.87
C GLU A 395 1.15 9.50 -17.67
N LYS A 396 0.01 8.85 -17.47
CA LYS A 396 -0.38 7.68 -18.23
C LYS A 396 -0.37 7.96 -19.72
N SER A 397 -1.00 9.08 -20.08
CA SER A 397 -1.11 9.51 -21.47
C SER A 397 0.25 9.76 -22.09
N PHE A 398 1.16 10.30 -21.28
CA PHE A 398 2.53 10.54 -21.69
C PHE A 398 3.25 9.22 -21.97
N GLU A 399 3.02 8.24 -21.12
CA GLU A 399 3.72 6.98 -21.22
C GLU A 399 3.22 6.12 -22.37
N ILE A 400 1.99 6.36 -22.79
CA ILE A 400 1.51 5.81 -24.05
C ILE A 400 2.32 6.34 -25.26
N ILE A 401 2.55 7.64 -25.29
CA ILE A 401 3.30 8.26 -26.36
C ILE A 401 4.74 7.73 -26.33
N ASP A 402 5.32 7.66 -25.13
CA ASP A 402 6.67 7.13 -24.94
C ASP A 402 6.77 5.74 -25.56
N SER A 403 5.78 4.91 -25.25
CA SER A 403 5.70 3.57 -25.76
C SER A 403 5.53 3.52 -27.29
N ILE A 404 4.64 4.35 -27.82
CA ILE A 404 4.36 4.37 -29.25
C ILE A 404 5.57 4.85 -30.04
N LEU A 405 6.27 5.84 -29.49
CA LEU A 405 7.50 6.37 -30.06
C LEU A 405 8.56 5.29 -30.21
N SER A 406 8.63 4.46 -29.18
CA SER A 406 9.58 3.34 -29.14
C SER A 406 9.26 2.27 -30.18
N GLN A 407 7.98 1.88 -30.26
CA GLN A 407 7.56 0.88 -31.24
C GLN A 407 7.62 1.34 -32.69
N SER A 408 7.76 2.64 -32.94
CA SER A 408 7.73 3.12 -34.30
C SER A 408 9.15 3.33 -34.80
N GLY A 409 10.07 3.49 -33.85
CA GLY A 409 11.47 3.69 -34.18
C GLY A 409 11.72 5.07 -34.75
N LEU A 410 11.51 6.07 -33.90
CA LEU A 410 11.74 7.51 -34.18
C LEU A 410 12.56 7.99 -32.96
N PRO A 411 12.68 9.31 -32.66
CA PRO A 411 12.78 9.30 -31.18
C PRO A 411 11.84 10.19 -30.32
N PRO B 6 5.59 -34.31 23.96
CA PRO B 6 6.69 -33.43 23.51
C PRO B 6 6.90 -33.52 22.00
N PRO B 7 6.20 -32.66 21.23
CA PRO B 7 6.31 -32.56 19.78
C PRO B 7 7.58 -31.88 19.29
N LEU B 8 8.30 -31.22 20.18
CA LEU B 8 9.48 -30.47 19.76
C LEU B 8 10.70 -30.93 20.56
N ILE B 9 11.70 -31.47 19.87
CA ILE B 9 12.87 -32.04 20.55
C ILE B 9 14.08 -31.11 20.40
N ALA B 10 14.79 -30.89 21.51
CA ALA B 10 16.07 -30.17 21.45
C ALA B 10 17.22 -31.16 21.32
N VAL B 11 18.02 -31.02 20.27
CA VAL B 11 19.11 -31.95 20.01
C VAL B 11 20.49 -31.28 19.80
N GLU B 12 21.54 -32.04 20.12
CA GLU B 12 22.93 -31.72 19.76
C GLU B 12 23.25 -32.31 18.38
N LEU B 13 23.75 -31.50 17.45
CA LEU B 13 24.05 -32.01 16.10
C LEU B 13 25.25 -31.32 15.44
N GLU B 14 26.20 -32.11 14.93
CA GLU B 14 27.36 -31.58 14.20
C GLU B 14 26.94 -30.96 12.87
N ASN B 15 27.44 -29.77 12.57
CA ASN B 15 27.09 -29.02 11.36
C ASN B 15 25.68 -29.16 10.79
N PRO B 16 24.64 -29.00 11.63
CA PRO B 16 23.24 -29.30 11.24
C PRO B 16 22.65 -28.28 10.27
N MET B 17 21.52 -28.62 9.66
CA MET B 17 20.93 -27.78 8.63
C MET B 17 19.44 -28.02 8.43
N LEU B 18 18.71 -26.92 8.27
CA LEU B 18 17.26 -26.93 8.14
C LEU B 18 16.77 -27.90 7.07
N GLY B 19 15.99 -28.88 7.48
CA GLY B 19 15.40 -29.81 6.55
C GLY B 19 15.72 -31.26 6.82
N GLU B 20 16.85 -31.53 7.48
CA GLU B 20 17.28 -32.91 7.67
C GLU B 20 16.38 -33.72 8.60
N VAL B 21 16.55 -35.05 8.56
CA VAL B 21 15.75 -35.95 9.37
C VAL B 21 16.68 -36.75 10.31
N ILE B 22 16.21 -37.04 11.53
CA ILE B 22 17.09 -37.61 12.55
C ILE B 22 16.38 -38.68 13.39
N ASP B 23 17.13 -39.70 13.80
CA ASP B 23 16.55 -40.79 14.56
C ASP B 23 16.69 -40.59 16.05
N LEU B 24 15.58 -40.40 16.74
CA LEU B 24 15.57 -40.17 18.18
C LEU B 24 16.10 -41.37 18.95
N GLU B 25 15.18 -42.25 19.37
CA GLU B 25 15.54 -43.52 19.97
C GLU B 25 14.70 -44.59 19.32
N GLU B 26 13.97 -44.16 18.29
CA GLU B 26 12.99 -44.97 17.61
C GLU B 26 11.97 -43.99 17.06
N THR B 27 12.08 -42.73 17.51
CA THR B 27 11.26 -41.65 16.99
C THR B 27 12.02 -40.93 15.89
N LYS B 28 11.39 -40.70 14.76
CA LYS B 28 12.03 -39.91 13.71
C LYS B 28 11.63 -38.45 13.91
N ALA B 29 12.54 -37.52 13.62
CA ALA B 29 12.22 -36.07 13.68
C ALA B 29 12.95 -35.21 12.64
N ILE B 30 12.34 -34.07 12.28
CA ILE B 30 12.91 -33.16 11.28
C ILE B 30 13.48 -31.87 11.87
N VAL B 31 14.71 -31.54 11.49
CA VAL B 31 15.35 -30.31 11.95
C VAL B 31 14.65 -29.10 11.33
N ILE B 32 14.11 -28.22 12.17
CA ILE B 32 13.37 -27.07 11.67
C ILE B 32 14.01 -25.74 12.04
N ALA B 33 15.04 -25.81 12.87
CA ALA B 33 15.84 -24.62 13.21
C ALA B 33 17.14 -25.03 13.87
N ALA B 34 18.14 -24.14 13.75
CA ALA B 34 19.45 -24.40 14.32
C ALA B 34 20.29 -23.15 14.54
N TYR B 35 21.19 -23.25 15.49
CA TYR B 35 22.17 -22.20 15.75
C TYR B 35 23.41 -22.92 16.30
N GLU B 36 24.50 -22.81 15.54
CA GLU B 36 25.70 -23.61 15.79
C GLU B 36 25.37 -25.10 15.91
N ASN B 37 25.78 -25.71 17.02
CA ASN B 37 25.57 -27.13 17.26
C ASN B 37 24.19 -27.45 17.86
N LYS B 38 23.43 -26.40 18.18
CA LYS B 38 22.11 -26.54 18.80
C LYS B 38 21.05 -26.58 17.72
N ALA B 39 20.15 -27.55 17.82
CA ALA B 39 19.06 -27.67 16.86
C ALA B 39 17.70 -28.00 17.48
N LEU B 40 16.65 -27.74 16.70
CA LEU B 40 15.28 -28.07 17.10
C LEU B 40 14.66 -29.02 16.10
N ALA B 41 14.15 -30.12 16.62
CA ALA B 41 13.60 -31.14 15.75
C ALA B 41 12.14 -31.36 16.06
N LEU B 42 11.34 -31.43 15.00
CA LEU B 42 9.91 -31.61 15.12
C LEU B 42 9.53 -33.06 14.83
N LEU B 43 8.61 -33.59 15.63
CA LEU B 43 8.03 -34.91 15.37
C LEU B 43 7.15 -34.88 14.11
N PHE B 44 6.97 -36.06 13.50
CA PHE B 44 6.26 -36.16 12.23
C PHE B 44 4.75 -36.01 12.35
N ASP B 45 4.23 -36.32 13.54
CA ASP B 45 2.80 -36.26 13.77
C ASP B 45 2.32 -34.82 13.57
N TYR B 47 3.75 -32.79 11.03
CA TYR B 47 4.38 -32.58 9.72
C TYR B 47 3.57 -33.16 8.54
N THR B 48 3.42 -32.38 7.47
CA THR B 48 2.60 -32.79 6.32
C THR B 48 3.43 -33.25 5.11
N ASN B 55 18.81 -39.31 6.05
CA ASN B 55 18.77 -39.43 7.51
C ASN B 55 20.08 -39.07 8.25
N ARG B 56 20.20 -39.58 9.49
CA ARG B 56 21.29 -39.28 10.42
C ARG B 56 20.95 -39.70 11.87
N GLN B 57 21.95 -39.83 12.74
CA GLN B 57 21.64 -40.03 14.16
C GLN B 57 21.91 -38.78 14.99
N GLY B 58 21.06 -38.51 15.98
CA GLY B 58 21.21 -37.36 16.83
C GLY B 58 21.19 -37.66 18.32
N ASN B 59 21.73 -36.75 19.11
CA ASN B 59 21.58 -36.81 20.56
C ASN B 59 20.68 -35.68 21.03
N THR B 60 19.92 -35.92 22.10
CA THR B 60 19.22 -34.84 22.77
C THR B 60 20.25 -33.88 23.34
N TYR B 61 19.93 -32.60 23.29
CA TYR B 61 20.81 -31.58 23.85
C TYR B 61 20.86 -31.71 25.39
N LYS B 62 22.07 -31.72 25.92
CA LYS B 62 22.23 -31.86 27.37
C LYS B 62 23.07 -30.73 27.95
N ILE B 63 22.77 -30.36 29.19
CA ILE B 63 23.59 -29.36 29.89
C ILE B 63 24.13 -29.92 31.20
N ALA B 64 25.24 -29.33 31.64
CA ALA B 64 25.73 -29.60 32.98
C ALA B 64 24.69 -29.08 33.96
N VAL B 65 24.48 -29.81 35.04
CA VAL B 65 23.63 -29.34 36.14
C VAL B 65 24.46 -29.37 37.42
N SER B 66 24.20 -28.40 38.30
CA SER B 66 25.06 -28.15 39.45
C SER B 66 24.45 -27.05 40.30
N GLU B 67 24.78 -27.03 41.58
CA GLU B 67 24.27 -25.99 42.46
C GLU B 67 25.02 -24.67 42.23
N ASP B 68 26.07 -24.77 41.41
CA ASP B 68 26.91 -23.63 41.07
C ASP B 68 26.20 -22.67 40.12
N TYR B 69 25.09 -23.13 39.54
CA TYR B 69 24.27 -22.26 38.71
C TYR B 69 23.66 -21.15 39.57
N ILE B 70 23.38 -21.46 40.83
CA ILE B 70 22.82 -20.51 41.77
C ILE B 70 23.79 -19.35 42.02
N GLY B 71 23.36 -18.14 41.69
CA GLY B 71 24.19 -16.98 41.80
C GLY B 71 24.68 -16.49 40.46
N GLY B 72 24.52 -17.33 39.45
CA GLY B 72 24.99 -17.00 38.12
C GLY B 72 23.96 -16.41 37.20
N ILE B 73 24.42 -15.97 36.04
CA ILE B 73 23.55 -15.45 35.00
C ILE B 73 23.91 -16.13 33.67
N PHE B 74 22.90 -16.65 32.97
CA PHE B 74 23.14 -17.47 31.80
C PHE B 74 22.23 -17.08 30.66
N ASN B 75 22.66 -17.41 29.44
CA ASN B 75 21.83 -17.19 28.27
C ASN B 75 20.80 -18.31 28.13
N GLY B 76 20.05 -18.31 27.02
CA GLY B 76 19.04 -19.32 26.80
C GLY B 76 19.59 -20.73 26.58
N PHE B 77 20.88 -20.82 26.33
CA PHE B 77 21.52 -22.12 26.06
C PHE B 77 22.11 -22.75 27.34
N GLY B 78 22.19 -21.98 28.41
CA GLY B 78 22.78 -22.44 29.66
C GLY B 78 24.23 -22.00 29.77
N GLU B 79 24.71 -21.28 28.76
CA GLU B 79 26.07 -20.73 28.81
C GLU B 79 26.11 -19.50 29.71
N PRO B 80 27.10 -19.42 30.61
CA PRO B 80 27.27 -18.26 31.49
C PRO B 80 27.46 -16.94 30.76
N ILE B 81 26.89 -15.87 31.34
CA ILE B 81 27.07 -14.56 30.78
C ILE B 81 28.38 -13.91 31.15
N LYS B 82 28.80 -13.37 32.24
CA LYS B 82 30.22 -13.20 31.91
C LYS B 82 31.07 -14.18 32.66
N GLY B 83 30.32 -14.88 33.51
CA GLY B 83 30.81 -15.65 34.60
C GLY B 83 31.50 -16.90 34.17
N PRO B 84 32.12 -17.52 35.16
CA PRO B 84 32.71 -18.84 34.97
C PRO B 84 31.58 -19.83 34.84
N LYS B 85 32.04 -21.03 34.62
CA LYS B 85 31.22 -22.16 34.32
C LYS B 85 30.98 -22.93 35.59
N PRO B 86 29.73 -23.38 35.78
CA PRO B 86 29.36 -24.18 36.95
C PRO B 86 30.13 -25.47 36.89
N TYR B 87 30.54 -25.98 38.04
CA TYR B 87 31.17 -27.28 38.11
C TYR B 87 30.14 -28.35 37.77
N PRO B 88 30.30 -29.02 36.62
CA PRO B 88 29.31 -30.02 36.20
C PRO B 88 29.30 -31.20 37.15
N GLU B 89 28.19 -31.36 37.87
CA GLU B 89 28.07 -32.47 38.81
C GLU B 89 27.40 -33.62 38.08
N ASP B 90 26.69 -33.28 37.01
CA ASP B 90 26.05 -34.27 36.16
C ASP B 90 25.54 -33.63 34.85
N TYR B 91 25.03 -34.46 33.94
CA TYR B 91 24.44 -33.95 32.70
C TYR B 91 23.00 -34.36 32.57
N ARG B 92 22.18 -33.43 32.09
CA ARG B 92 20.75 -33.68 31.98
C ARG B 92 20.19 -33.29 30.61
N ASP B 93 19.35 -34.16 30.07
CA ASP B 93 18.60 -33.88 28.86
C ASP B 93 17.64 -32.71 29.16
N ILE B 94 17.69 -31.67 28.34
CA ILE B 94 16.88 -30.49 28.57
C ILE B 94 15.43 -30.66 28.11
N ASN B 95 15.13 -31.82 27.53
CA ASN B 95 13.74 -32.12 27.15
C ASN B 95 12.98 -32.79 28.28
N GLY B 96 13.70 -33.30 29.29
CA GLY B 96 13.06 -33.89 30.46
C GLY B 96 12.68 -35.36 30.30
N ALA B 103 6.79 -40.15 41.84
CA ALA B 103 5.41 -39.84 41.45
C ALA B 103 4.87 -38.51 42.03
N ARG B 104 3.91 -37.94 41.33
CA ARG B 104 3.32 -36.65 41.67
C ARG B 104 2.34 -36.75 42.83
N LYS B 105 2.39 -35.79 43.74
CA LYS B 105 1.35 -35.62 44.76
C LYS B 105 0.55 -34.35 44.46
N VAL B 106 -0.63 -34.22 45.06
CA VAL B 106 -1.41 -32.99 44.94
C VAL B 106 -0.98 -31.95 45.99
N PRO B 107 -0.59 -30.75 45.52
CA PRO B 107 -0.10 -29.65 46.35
C PRO B 107 -1.05 -29.31 47.49
N ASN B 108 -0.50 -28.93 48.65
CA ASN B 108 -1.34 -28.68 49.82
C ASN B 108 -0.72 -27.70 50.81
N GLU B 109 0.45 -27.16 50.47
CA GLU B 109 1.06 -26.11 51.27
C GLU B 109 1.21 -24.78 50.51
N ILE B 110 0.72 -23.71 51.13
CA ILE B 110 0.85 -22.37 50.56
C ILE B 110 2.30 -21.91 50.48
N LEU B 111 2.68 -21.44 49.30
CA LEU B 111 3.92 -20.70 49.11
C LEU B 111 3.61 -19.20 49.19
N TYR B 112 3.94 -18.60 50.33
CA TYR B 112 3.62 -17.18 50.56
C TYR B 112 4.49 -16.22 49.73
N THR B 113 3.83 -15.28 49.05
CA THR B 113 4.52 -14.28 48.25
C THR B 113 4.77 -12.99 49.04
N GLY B 114 4.11 -12.85 50.18
CA GLY B 114 4.15 -11.60 50.92
C GLY B 114 3.41 -10.49 50.18
N ILE B 115 2.56 -10.87 49.24
CA ILE B 115 1.73 -9.90 48.50
C ILE B 115 0.24 -10.17 48.78
N SER B 116 -0.42 -9.21 49.42
CA SER B 116 -1.79 -9.40 49.95
C SER B 116 -2.81 -9.80 48.90
N SER B 117 -2.77 -9.13 47.74
CA SER B 117 -3.68 -9.39 46.63
C SER B 117 -3.59 -10.84 46.15
N ILE B 118 -2.46 -11.47 46.41
CA ILE B 118 -2.29 -12.89 46.10
C ILE B 118 -2.56 -13.79 47.31
N ASP B 119 -1.88 -13.51 48.42
CA ASP B 119 -1.81 -14.45 49.54
C ASP B 119 -3.15 -14.76 50.20
N VAL B 120 -4.07 -13.80 50.21
CA VAL B 120 -5.35 -14.02 50.88
C VAL B 120 -6.37 -14.76 50.02
N ALA B 121 -6.81 -14.13 48.94
CA ALA B 121 -7.91 -14.69 48.14
C ALA B 121 -7.45 -15.80 47.17
N HIS B 122 -6.26 -15.65 46.62
CA HIS B 122 -5.78 -16.56 45.60
C HIS B 122 -4.39 -17.11 45.90
N PRO B 123 -4.20 -17.68 47.10
CA PRO B 123 -2.83 -18.08 47.42
C PRO B 123 -2.31 -19.16 46.46
N LEU B 124 -0.98 -19.21 46.37
CA LEU B 124 -0.29 -20.09 45.46
C LEU B 124 0.29 -21.27 46.27
N LEU B 125 0.24 -22.48 45.71
CA LEU B 125 0.67 -23.65 46.48
C LEU B 125 1.99 -24.20 45.92
N LYS B 126 2.83 -24.76 46.79
CA LYS B 126 4.09 -25.37 46.35
C LYS B 126 3.84 -26.54 45.41
N GLY B 127 4.30 -26.40 44.17
CA GLY B 127 4.14 -27.45 43.18
C GLY B 127 3.05 -27.08 42.18
N GLN B 128 2.38 -25.95 42.44
CA GLN B 128 1.35 -25.47 41.54
C GLN B 128 1.96 -24.81 40.29
N LYS B 129 1.23 -24.92 39.20
CA LYS B 129 1.49 -24.13 38.01
C LYS B 129 0.32 -23.15 37.84
N ILE B 130 0.65 -21.86 37.83
CA ILE B 130 -0.36 -20.79 37.75
C ILE B 130 0.20 -19.59 36.99
N ALA B 131 -0.58 -19.07 36.07
CA ALA B 131 -0.03 -18.05 35.18
C ALA B 131 -0.28 -16.62 35.70
N ILE B 132 0.44 -15.67 35.11
CA ILE B 132 0.10 -14.26 35.25
C ILE B 132 -0.19 -13.68 33.87
N PHE B 133 -1.38 -13.11 33.71
CA PHE B 133 -1.79 -12.49 32.45
C PHE B 133 -1.73 -10.99 32.60
N SER B 134 -0.99 -10.33 31.71
CA SER B 134 -0.89 -8.88 31.76
C SER B 134 -1.32 -8.20 30.48
N PRO B 135 -2.12 -7.15 30.62
CA PRO B 135 -2.42 -6.29 29.47
C PRO B 135 -1.12 -5.62 29.03
N PRO B 136 -1.00 -5.26 27.75
CA PRO B 136 0.23 -4.62 27.25
C PRO B 136 0.53 -3.34 28.04
N GLY B 137 1.79 -3.15 28.41
CA GLY B 137 2.20 -1.94 29.09
C GLY B 137 2.21 -1.99 30.60
N LEU B 138 1.54 -2.98 31.19
CA LEU B 138 1.48 -3.07 32.65
C LEU B 138 2.75 -3.67 33.27
N PRO B 139 3.06 -3.33 34.54
CA PRO B 139 4.35 -3.70 35.16
C PRO B 139 4.44 -5.16 35.58
N MET B 140 4.22 -6.07 34.64
CA MET B 140 4.32 -7.49 34.91
C MET B 140 5.72 -7.87 35.36
N GLU B 141 6.72 -7.28 34.71
CA GLU B 141 8.12 -7.56 35.03
C GLU B 141 8.51 -7.22 36.47
N ARG B 142 8.11 -6.05 36.95
CA ARG B 142 8.39 -5.66 38.33
C ARG B 142 7.69 -6.59 39.30
N LEU B 143 6.48 -7.01 38.93
CA LEU B 143 5.73 -7.95 39.76
C LEU B 143 6.54 -9.23 39.90
N ALA B 144 7.11 -9.69 38.79
CA ALA B 144 7.96 -10.87 38.78
C ALA B 144 9.10 -10.72 39.80
N LEU B 145 9.78 -9.58 39.72
CA LEU B 145 10.89 -9.25 40.62
C LEU B 145 10.48 -9.24 42.08
N GLN B 146 9.37 -8.57 42.37
CA GLN B 146 8.83 -8.51 43.72
C GLN B 146 8.55 -9.90 44.31
N ILE B 147 7.97 -10.77 43.49
CA ILE B 147 7.70 -12.13 43.93
C ILE B 147 9.03 -12.80 44.23
N ALA B 148 9.98 -12.65 43.31
CA ALA B 148 11.32 -13.26 43.45
C ALA B 148 12.04 -12.86 44.75
N ARG B 149 12.16 -11.55 44.99
CA ARG B 149 12.72 -11.02 46.25
C ARG B 149 12.09 -11.61 47.52
N ASN B 150 10.77 -11.67 47.53
CA ASN B 150 10.04 -12.08 48.72
C ASN B 150 10.16 -13.57 49.00
N VAL B 151 10.41 -14.36 47.96
CA VAL B 151 10.51 -15.80 48.12
C VAL B 151 11.97 -16.27 48.29
N ALA B 152 12.90 -15.55 47.67
CA ALA B 152 14.32 -15.94 47.63
C ALA B 152 14.95 -16.09 49.02
N LYS B 153 14.37 -15.39 50.00
CA LYS B 153 14.78 -15.50 51.39
C LYS B 153 14.68 -16.94 51.89
N ASP B 154 13.78 -17.69 51.26
CA ASP B 154 13.24 -18.94 51.78
C ASP B 154 13.41 -20.09 50.78
N LYS B 155 13.19 -19.79 49.49
CA LYS B 155 13.27 -20.79 48.45
C LYS B 155 14.10 -20.36 47.26
N THR B 156 14.63 -21.33 46.52
CA THR B 156 15.45 -21.05 45.36
C THR B 156 14.63 -20.61 44.13
N ILE B 157 15.01 -19.47 43.56
CA ILE B 157 14.33 -18.93 42.39
C ILE B 157 15.09 -19.26 41.10
N ILE B 158 14.39 -19.79 40.10
CA ILE B 158 14.94 -19.87 38.77
C ILE B 158 14.17 -18.95 37.85
N PHE B 159 14.87 -18.01 37.25
CA PHE B 159 14.28 -17.03 36.35
C PHE B 159 14.52 -17.38 34.90
N ALA B 160 13.45 -17.58 34.14
CA ALA B 160 13.56 -17.83 32.72
C ALA B 160 12.97 -16.63 31.98
N ALA B 161 13.85 -15.75 31.54
CA ALA B 161 13.46 -14.56 30.80
C ALA B 161 13.64 -14.79 29.30
N ILE B 162 12.53 -14.78 28.58
CA ILE B 162 12.52 -15.19 27.19
C ILE B 162 12.34 -14.01 26.24
N GLY B 163 13.39 -13.78 25.43
CA GLY B 163 13.37 -12.76 24.40
C GLY B 163 13.02 -11.38 24.89
N VAL B 164 13.59 -11.01 26.03
CA VAL B 164 13.31 -9.71 26.64
C VAL B 164 14.14 -8.59 26.04
N PRO B 165 13.53 -7.39 25.88
CA PRO B 165 14.19 -6.16 25.40
C PRO B 165 15.32 -5.66 26.31
N SER B 166 16.18 -4.80 25.79
CA SER B 166 17.32 -4.25 26.53
C SER B 166 16.97 -3.57 27.85
N ASP B 167 15.84 -2.86 27.91
CA ASP B 167 15.44 -2.17 29.12
C ASP B 167 15.24 -3.16 30.25
N ILE B 168 14.37 -4.13 30.00
CA ILE B 168 13.98 -5.17 30.95
C ILE B 168 15.17 -6.04 31.34
N TYR B 169 15.97 -6.37 30.33
CA TYR B 169 17.27 -7.01 30.55
C TYR B 169 18.08 -6.25 31.62
N LYS B 170 18.32 -4.97 31.37
CA LYS B 170 18.98 -4.10 32.33
C LYS B 170 18.32 -4.23 33.68
N MET B 171 17.00 -4.14 33.70
CA MET B 171 16.27 -4.19 34.96
C MET B 171 16.48 -5.50 35.71
N PHE B 172 16.39 -6.63 35.02
CA PHE B 172 16.58 -7.94 35.66
C PHE B 172 17.97 -8.07 36.24
N ILE B 173 18.97 -7.86 35.39
CA ILE B 173 20.37 -7.96 35.80
C ILE B 173 20.61 -7.05 37.00
N ASP B 174 20.39 -5.75 36.81
CA ASP B 174 20.62 -4.76 37.86
C ASP B 174 19.79 -5.10 39.08
N GLU B 175 18.50 -5.41 38.94
CA GLU B 175 17.70 -5.68 40.14
C GLU B 175 18.08 -6.95 40.92
N PHE B 176 18.10 -8.11 40.29
CA PHE B 176 18.62 -9.31 40.95
C PHE B 176 20.01 -9.16 41.59
N ILE B 177 20.97 -8.60 40.86
CA ILE B 177 22.32 -8.49 41.39
C ILE B 177 22.35 -7.65 42.66
N ASN B 178 21.87 -6.41 42.56
CA ASN B 178 21.88 -5.47 43.68
C ASN B 178 21.01 -5.87 44.85
N THR B 179 20.00 -6.67 44.57
CA THR B 179 19.06 -7.11 45.60
C THR B 179 19.73 -8.10 46.53
N LYS B 180 20.74 -8.81 46.03
CA LYS B 180 21.34 -9.95 46.71
C LYS B 180 20.38 -11.16 46.68
N ALA B 181 19.30 -11.04 45.92
CA ALA B 181 18.40 -12.16 45.70
C ALA B 181 19.12 -13.16 44.79
N ILE B 182 19.99 -12.64 43.92
CA ILE B 182 20.86 -13.46 43.10
C ILE B 182 21.63 -14.51 43.91
N MET B 183 21.86 -14.25 45.20
CA MET B 183 22.51 -15.24 46.08
C MET B 183 21.69 -16.54 46.30
N ASN B 184 20.41 -16.52 45.95
CA ASN B 184 19.58 -17.72 45.97
C ASN B 184 18.78 -17.92 44.66
N SER B 185 19.31 -17.35 43.57
CA SER B 185 18.62 -17.41 42.28
C SER B 185 19.56 -17.81 41.15
N ALA B 186 19.00 -18.33 40.08
CA ALA B 186 19.72 -18.54 38.84
C ALA B 186 18.91 -17.85 37.76
N ILE B 187 19.59 -17.20 36.84
CA ILE B 187 18.91 -16.51 35.76
C ILE B 187 19.30 -17.02 34.39
N PHE B 188 18.30 -17.44 33.62
CA PHE B 188 18.51 -17.88 32.25
C PHE B 188 17.77 -16.90 31.35
N ILE B 189 18.52 -16.11 30.59
CA ILE B 189 17.95 -14.98 29.90
C ILE B 189 18.42 -14.88 28.45
N SER B 190 17.47 -14.76 27.54
CA SER B 190 17.75 -14.48 26.13
C SER B 190 17.22 -13.09 25.77
N LYS B 191 17.95 -12.41 24.89
CA LYS B 191 17.60 -11.05 24.48
C LYS B 191 16.52 -11.09 23.38
N ALA B 192 15.87 -9.96 23.10
CA ALA B 192 14.84 -9.91 22.05
C ALA B 192 15.43 -10.05 20.64
N ASP B 193 16.65 -9.56 20.47
CA ASP B 193 17.35 -9.62 19.19
C ASP B 193 18.19 -10.89 19.06
N SER B 194 18.09 -11.76 20.05
CA SER B 194 18.75 -13.06 19.96
C SER B 194 17.97 -14.04 19.08
N SER B 195 18.56 -15.22 18.91
CA SER B 195 18.03 -16.26 18.04
C SER B 195 16.70 -16.81 18.58
N PRO B 196 15.77 -17.17 17.67
CA PRO B 196 14.50 -17.79 18.06
C PRO B 196 14.74 -19.09 18.83
N ILE B 197 15.74 -19.83 18.40
CA ILE B 197 16.06 -21.10 19.04
C ILE B 197 16.57 -20.89 20.46
N GLU B 198 17.33 -19.82 20.69
CA GLU B 198 17.81 -19.55 22.05
C GLU B 198 16.62 -19.25 22.96
N LYS B 199 15.63 -18.58 22.40
CA LYS B 199 14.41 -18.26 23.14
C LYS B 199 13.65 -19.54 23.50
N ILE B 200 13.50 -20.42 22.51
CA ILE B 200 12.82 -21.69 22.68
C ILE B 200 13.56 -22.61 23.66
N TYR B 201 14.88 -22.49 23.70
CA TYR B 201 15.69 -23.29 24.61
C TYR B 201 15.53 -22.80 26.03
N THR B 202 15.37 -21.49 26.17
CA THR B 202 15.35 -20.83 27.48
C THR B 202 14.50 -21.53 28.57
N PRO B 203 13.19 -21.79 28.30
CA PRO B 203 12.40 -22.45 29.36
C PRO B 203 12.90 -23.86 29.66
N ARG B 204 13.36 -24.56 28.62
CA ARG B 204 13.86 -25.92 28.76
C ARG B 204 15.09 -25.99 29.66
N VAL B 205 16.11 -25.18 29.35
CA VAL B 205 17.31 -25.11 30.17
C VAL B 205 16.98 -24.77 31.64
N ALA B 206 16.09 -23.78 31.82
CA ALA B 206 15.61 -23.39 33.16
C ALA B 206 14.91 -24.48 33.96
N LEU B 207 13.96 -25.14 33.32
CA LEU B 207 13.28 -26.26 33.95
C LEU B 207 14.22 -27.44 34.19
N THR B 208 15.24 -27.60 33.36
CA THR B 208 16.17 -28.73 33.54
C THR B 208 16.97 -28.60 34.84
N LEU B 209 17.42 -27.39 35.13
CA LEU B 209 18.10 -27.10 36.38
C LEU B 209 17.12 -27.22 37.56
N ALA B 210 15.91 -26.71 37.38
CA ALA B 210 14.88 -26.79 38.40
C ALA B 210 14.58 -28.24 38.80
N GLU B 211 14.41 -29.12 37.80
CA GLU B 211 14.15 -30.54 38.04
C GLU B 211 15.31 -31.16 38.83
N TYR B 212 16.53 -30.75 38.47
CA TYR B 212 17.72 -31.20 39.17
C TYR B 212 17.77 -30.76 40.64
N LEU B 213 17.48 -29.48 40.88
CA LEU B 213 17.50 -28.94 42.24
C LEU B 213 16.33 -29.43 43.09
N ALA B 214 15.19 -29.66 42.46
CA ALA B 214 13.99 -30.04 43.19
C ALA B 214 13.99 -31.54 43.46
N PHE B 215 14.22 -32.32 42.42
CA PHE B 215 13.95 -33.75 42.48
C PHE B 215 15.18 -34.60 42.78
N GLU B 216 16.35 -33.99 42.69
CA GLU B 216 17.59 -34.68 43.02
C GLU B 216 18.32 -34.06 44.24
N LYS B 217 18.03 -32.79 44.53
CA LYS B 217 18.62 -32.11 45.69
C LYS B 217 17.58 -31.84 46.79
N ASN B 218 16.38 -32.40 46.61
CA ASN B 218 15.28 -32.25 47.57
C ASN B 218 14.98 -30.82 47.98
N ARG B 219 14.73 -29.96 47.00
CA ARG B 219 14.42 -28.56 47.30
C ARG B 219 13.06 -28.12 46.78
N ASP B 220 12.59 -27.01 47.33
CA ASP B 220 11.43 -26.33 46.80
C ASP B 220 11.89 -25.14 45.98
N VAL B 221 11.75 -25.25 44.67
CA VAL B 221 12.13 -24.14 43.80
C VAL B 221 10.89 -23.48 43.20
N LEU B 222 11.08 -22.20 42.90
CA LEU B 222 10.07 -21.41 42.22
C LEU B 222 10.63 -20.92 40.89
N VAL B 223 10.01 -21.38 39.79
CA VAL B 223 10.42 -20.98 38.44
C VAL B 223 9.50 -19.86 37.93
N LEU B 224 10.08 -18.68 37.72
CA LEU B 224 9.35 -17.59 37.12
C LEU B 224 9.74 -17.57 35.64
N MET B 225 8.74 -17.53 34.77
CA MET B 225 8.97 -17.66 33.34
C MET B 225 8.17 -16.60 32.59
N LEU B 226 8.88 -15.77 31.83
CA LEU B 226 8.26 -14.70 31.06
C LEU B 226 9.19 -14.31 29.93
N ASP B 227 8.65 -13.89 28.78
CA ASP B 227 7.23 -13.72 28.51
C ASP B 227 6.77 -14.84 27.56
N MET B 228 5.80 -15.64 27.99
CA MET B 228 5.34 -16.77 27.17
C MET B 228 4.89 -16.36 25.76
N THR B 229 4.47 -15.11 25.59
CA THR B 229 4.01 -14.64 24.29
C THR B 229 5.21 -14.50 23.37
N ASN B 230 6.33 -14.02 23.90
CA ASN B 230 7.60 -13.99 23.17
C ASN B 230 8.07 -15.38 22.73
N TYR B 231 7.82 -16.35 23.60
CA TYR B 231 8.16 -17.73 23.31
C TYR B 231 7.33 -18.27 22.14
N ALA B 232 6.03 -18.04 22.20
CA ALA B 232 5.10 -18.50 21.16
C ALA B 232 5.50 -17.84 19.86
N ASP B 233 5.91 -16.59 19.97
CA ASP B 233 6.29 -15.82 18.81
C ASP B 233 7.57 -16.36 18.20
N ALA B 234 8.45 -16.91 19.02
CA ALA B 234 9.65 -17.57 18.53
C ALA B 234 9.31 -18.84 17.76
N LEU B 235 8.31 -19.60 18.24
CA LEU B 235 7.84 -20.78 17.53
C LEU B 235 7.27 -20.37 16.20
N ARG B 236 6.50 -19.28 16.18
CA ARG B 236 5.85 -18.83 14.96
C ARG B 236 6.86 -18.36 13.93
N GLU B 237 8.01 -17.88 14.41
CA GLU B 237 9.05 -17.34 13.57
C GLU B 237 9.76 -18.43 12.77
N ILE B 238 10.07 -19.54 13.42
CA ILE B 238 10.73 -20.65 12.76
C ILE B 238 9.69 -21.38 11.88
N SER B 239 8.43 -21.29 12.28
CA SER B 239 7.37 -22.10 11.67
C SER B 239 6.62 -21.54 10.45
N THR B 240 6.64 -20.22 10.24
CA THR B 240 5.99 -19.65 9.05
C THR B 240 6.88 -19.76 7.83
N LEU B 241 8.16 -20.07 8.07
CA LEU B 241 9.11 -20.35 7.00
C LEU B 241 8.69 -21.62 6.28
N ARG B 242 8.78 -22.75 6.98
CA ARG B 242 8.31 -24.01 6.45
C ARG B 242 6.79 -24.02 6.34
N LYS B 243 6.28 -23.73 5.15
CA LYS B 243 4.85 -23.80 4.88
C LYS B 243 4.26 -25.21 4.87
N GLU B 244 4.98 -26.19 5.44
CA GLU B 244 4.57 -27.58 5.46
C GLU B 244 4.16 -28.07 6.85
N ILE B 245 4.45 -27.24 7.84
CA ILE B 245 4.00 -27.34 9.23
C ILE B 245 2.67 -26.57 9.38
N PRO B 246 1.57 -27.29 9.69
CA PRO B 246 0.24 -26.69 9.72
C PRO B 246 0.03 -25.74 10.90
N SER B 247 -0.89 -24.79 10.72
CA SER B 247 -1.14 -23.79 11.74
C SER B 247 -2.58 -23.84 12.28
N ARG B 248 -2.73 -23.42 13.53
CA ARG B 248 -4.03 -23.27 14.16
C ARG B 248 -4.05 -21.99 15.00
N ARG B 249 -5.03 -21.13 14.71
CA ARG B 249 -5.20 -19.83 15.38
C ARG B 249 -3.97 -18.94 15.25
N GLY B 250 -3.33 -18.99 14.09
CA GLY B 250 -2.24 -18.07 13.81
C GLY B 250 -0.86 -18.55 14.24
N TYR B 251 -0.83 -19.72 14.86
CA TYR B 251 0.40 -20.29 15.39
C TYR B 251 0.55 -21.75 14.93
N PRO B 252 1.77 -22.32 15.08
CA PRO B 252 1.93 -23.74 14.81
C PRO B 252 0.87 -24.58 15.53
N ALA B 253 0.38 -25.63 14.89
CA ALA B 253 -0.63 -26.50 15.50
C ALA B 253 -0.13 -27.28 16.73
N TYR B 254 1.19 -27.41 16.85
CA TYR B 254 1.77 -28.12 17.98
C TYR B 254 1.96 -27.21 19.22
N LEU B 255 1.40 -25.99 19.15
CA LEU B 255 1.57 -25.03 20.23
C LEU B 255 1.01 -25.55 21.56
N TYR B 256 -0.19 -26.12 21.51
CA TYR B 256 -0.83 -26.64 22.71
C TYR B 256 0.00 -27.71 23.41
N THR B 257 0.50 -28.67 22.64
CA THR B 257 1.24 -29.78 23.21
C THR B 257 2.62 -29.32 23.65
N ASP B 258 3.21 -28.40 22.90
CA ASP B 258 4.49 -27.81 23.30
C ASP B 258 4.41 -27.07 24.63
N LEU B 259 3.35 -26.28 24.83
CA LEU B 259 3.16 -25.57 26.08
C LEU B 259 2.87 -26.52 27.23
N ALA B 260 2.09 -27.57 26.96
CA ALA B 260 1.80 -28.52 28.03
C ALA B 260 3.07 -29.26 28.45
N SER B 261 3.91 -29.58 27.47
CA SER B 261 5.17 -30.25 27.76
C SER B 261 6.09 -29.36 28.59
N ILE B 262 5.91 -28.05 28.51
CA ILE B 262 6.71 -27.14 29.34
C ILE B 262 6.11 -26.99 30.73
N TYR B 263 4.83 -26.59 30.80
CA TYR B 263 4.16 -26.34 32.08
C TYR B 263 4.08 -27.60 32.95
N GLU B 264 3.97 -28.76 32.31
CA GLU B 264 3.86 -30.00 33.07
C GLU B 264 5.16 -30.45 33.73
N ARG B 265 6.25 -29.75 33.41
CA ARG B 265 7.54 -29.98 34.08
C ARG B 265 7.58 -29.20 35.40
N SER B 266 6.57 -29.43 36.22
CA SER B 266 6.44 -28.75 37.50
C SER B 266 5.66 -29.71 38.40
N GLY B 267 5.48 -29.34 39.66
CA GLY B 267 4.70 -30.21 40.53
C GLY B 267 5.39 -30.58 41.84
N LEU B 268 4.70 -31.43 42.61
CA LEU B 268 5.13 -31.82 43.95
C LEU B 268 5.42 -33.33 44.03
N THR B 269 6.45 -33.72 44.78
CA THR B 269 6.77 -35.14 45.03
C THR B 269 7.12 -35.32 46.50
N LYS B 271 9.98 -35.71 47.62
CA LYS B 271 11.36 -35.21 47.57
C LYS B 271 11.42 -33.68 47.57
N GLY B 272 10.91 -33.10 46.49
CA GLY B 272 10.89 -31.66 46.35
C GLY B 272 9.66 -31.16 45.61
N SER B 273 9.73 -29.93 45.13
CA SER B 273 8.63 -29.32 44.40
C SER B 273 9.13 -28.31 43.39
N ILE B 274 8.50 -28.29 42.22
CA ILE B 274 8.69 -27.18 41.29
C ILE B 274 7.38 -26.39 41.15
N THR B 275 7.39 -25.18 41.70
CA THR B 275 6.29 -24.26 41.55
C THR B 275 6.56 -23.40 40.31
N LEU B 276 5.62 -23.38 39.37
CA LEU B 276 5.82 -22.70 38.09
C LEU B 276 4.84 -21.57 37.83
N ILE B 277 5.37 -20.40 37.51
CA ILE B 277 4.54 -19.25 37.16
C ILE B 277 4.90 -18.69 35.77
N PRO B 278 4.19 -19.15 34.73
CA PRO B 278 4.36 -18.60 33.38
C PRO B 278 3.68 -17.25 33.31
N MET B 279 4.40 -16.23 32.86
CA MET B 279 3.84 -14.88 32.72
C MET B 279 3.80 -14.48 31.27
N LEU B 280 2.73 -13.80 30.88
CA LEU B 280 2.55 -13.48 29.47
C LEU B 280 1.81 -12.16 29.26
N THR B 281 2.00 -11.58 28.10
CA THR B 281 1.26 -10.41 27.70
C THR B 281 0.09 -10.83 26.83
N MET B 282 -1.13 -10.48 27.21
CA MET B 282 -2.30 -10.68 26.35
C MET B 282 -2.28 -9.63 25.25
N PRO B 283 -2.01 -10.06 24.01
CA PRO B 283 -1.70 -9.21 22.85
C PRO B 283 -2.51 -7.91 22.68
N GLY B 284 -3.83 -7.98 22.63
CA GLY B 284 -4.58 -6.73 22.51
C GLY B 284 -5.41 -6.50 23.74
N ASN B 285 -4.82 -6.75 24.90
CA ASN B 285 -5.57 -6.98 26.13
C ASN B 285 -6.69 -8.02 25.86
N ASP B 286 -6.38 -9.02 25.03
CA ASP B 286 -7.37 -10.02 24.65
C ASP B 286 -7.07 -11.39 25.27
N ILE B 287 -7.83 -11.73 26.29
CA ILE B 287 -7.63 -12.97 27.05
C ILE B 287 -8.00 -14.22 26.24
N THR B 288 -8.68 -14.02 25.10
CA THR B 288 -9.12 -15.14 24.28
C THR B 288 -8.14 -15.40 23.17
N HIS B 289 -7.07 -14.61 23.15
CA HIS B 289 -5.95 -14.87 22.24
C HIS B 289 -5.41 -16.27 22.52
N VAL B 290 -4.83 -16.90 21.51
CA VAL B 290 -4.45 -18.31 21.64
C VAL B 290 -3.43 -18.55 22.76
N VAL B 291 -2.52 -17.62 22.96
CA VAL B 291 -1.50 -17.79 24.00
C VAL B 291 -2.08 -17.79 25.43
N PRO B 292 -2.81 -16.72 25.83
CA PRO B 292 -3.46 -16.79 27.14
C PRO B 292 -4.47 -17.94 27.21
N ASP B 293 -5.23 -18.17 26.14
CA ASP B 293 -6.28 -19.17 26.14
C ASP B 293 -5.76 -20.57 26.48
N LEU B 294 -4.70 -20.99 25.79
CA LEU B 294 -4.08 -22.30 26.02
C LEU B 294 -3.37 -22.38 27.38
N THR B 295 -2.62 -21.33 27.73
CA THR B 295 -1.92 -21.31 29.01
C THR B 295 -2.90 -21.46 30.17
N GLY B 296 -3.99 -20.67 30.14
CA GLY B 296 -5.03 -20.72 31.17
C GLY B 296 -5.83 -22.02 31.16
N TYR B 297 -5.83 -22.71 30.02
CA TYR B 297 -6.45 -24.02 29.89
C TYR B 297 -5.64 -25.09 30.64
N ILE B 298 -4.32 -24.94 30.60
CA ILE B 298 -3.42 -25.94 31.18
C ILE B 298 -3.10 -25.65 32.66
N THR B 299 -2.91 -24.40 33.01
CA THR B 299 -2.51 -24.06 34.38
C THR B 299 -3.65 -24.14 35.37
N GLU B 300 -3.28 -24.11 36.64
CA GLU B 300 -4.22 -24.23 37.73
C GLU B 300 -4.68 -22.85 38.22
N GLY B 301 -5.08 -22.05 37.24
CA GLY B 301 -5.53 -20.69 37.48
C GLY B 301 -4.56 -19.70 36.91
N GLN B 302 -4.85 -18.42 37.13
CA GLN B 302 -3.98 -17.34 36.71
C GLN B 302 -4.27 -16.07 37.50
N TYR B 303 -3.26 -15.23 37.68
CA TYR B 303 -3.46 -13.88 38.19
C TYR B 303 -3.60 -12.95 36.99
N VAL B 304 -4.62 -12.11 37.02
CA VAL B 304 -4.86 -11.17 35.93
C VAL B 304 -4.62 -9.73 36.38
N LEU B 305 -3.85 -9.00 35.59
CA LEU B 305 -3.51 -7.63 35.93
C LEU B 305 -4.58 -6.68 35.39
N SER B 306 -4.92 -5.65 36.18
CA SER B 306 -6.03 -4.75 35.87
C SER B 306 -5.56 -3.43 35.27
N GLN B 307 -5.95 -3.18 34.02
CA GLN B 307 -5.72 -1.90 33.38
C GLN B 307 -6.36 -0.73 34.16
N ASP B 308 -7.52 -0.99 34.75
CA ASP B 308 -8.22 -0.02 35.56
C ASP B 308 -7.41 0.40 36.80
N LEU B 309 -6.90 -0.59 37.53
CA LEU B 309 -6.07 -0.31 38.72
C LEU B 309 -4.77 0.42 38.37
N HIS B 310 -4.21 0.12 37.22
CA HIS B 310 -2.98 0.74 36.81
C HIS B 310 -3.19 2.24 36.59
N SER B 311 -4.34 2.57 36.00
CA SER B 311 -4.74 3.95 35.73
C SER B 311 -4.89 4.76 37.02
N LYS B 312 -5.31 4.08 38.09
CA LYS B 312 -5.42 4.69 39.40
C LYS B 312 -4.07 4.68 40.15
N ASN B 313 -2.96 4.41 39.47
CA ASN B 313 -1.64 4.31 40.13
C ASN B 313 -1.59 3.30 41.28
N ILE B 314 -2.24 2.16 41.09
CA ILE B 314 -2.16 1.08 42.07
C ILE B 314 -1.15 0.05 41.59
N TYR B 315 -0.12 -0.17 42.40
CA TYR B 315 0.79 -1.29 42.18
C TYR B 315 0.68 -2.21 43.39
N PRO B 316 0.77 -3.54 43.21
CA PRO B 316 0.51 -4.52 42.14
C PRO B 316 -0.95 -4.40 41.67
N PRO B 317 -1.15 -4.07 40.39
CA PRO B 317 -2.47 -3.94 39.76
C PRO B 317 -3.10 -5.30 39.51
N ILE B 318 -3.35 -6.06 40.58
CA ILE B 318 -3.95 -7.37 40.49
C ILE B 318 -5.47 -7.35 40.63
N ASP B 319 -6.15 -7.81 39.58
CA ASP B 319 -7.61 -7.88 39.51
C ASP B 319 -8.08 -9.01 40.42
N LEU B 320 -8.77 -8.66 41.50
CA LEU B 320 -9.18 -9.66 42.49
C LEU B 320 -10.26 -10.60 42.00
N LEU B 321 -11.07 -10.14 41.06
CA LEU B 321 -12.23 -10.94 40.65
C LEU B 321 -11.92 -11.82 39.47
N LYS B 322 -10.93 -11.43 38.67
CA LYS B 322 -10.55 -12.22 37.49
C LYS B 322 -9.41 -13.20 37.80
N SER B 323 -8.71 -12.98 38.91
CA SER B 323 -7.67 -13.91 39.32
C SER B 323 -8.29 -15.15 39.94
N LEU B 324 -7.57 -16.26 39.84
CA LEU B 324 -8.09 -17.53 40.30
C LEU B 324 -6.94 -18.50 40.61
N SER B 325 -6.98 -19.12 41.77
CA SER B 325 -6.04 -20.20 42.08
C SER B 325 -6.82 -21.48 42.36
N ARG B 326 -6.75 -22.43 41.44
CA ARG B 326 -7.61 -23.60 41.52
C ARG B 326 -7.21 -24.53 42.67
N LEU B 327 -5.96 -24.44 43.09
CA LEU B 327 -5.51 -25.29 44.18
C LEU B 327 -5.59 -24.59 45.54
N ALA B 328 -5.85 -23.29 45.53
CA ALA B 328 -5.81 -22.47 46.76
C ALA B 328 -6.51 -23.09 47.97
N LYS B 329 -7.75 -23.55 47.77
CA LYS B 329 -8.54 -24.10 48.88
C LYS B 329 -7.91 -25.31 49.57
N ASN B 330 -7.03 -26.00 48.85
CA ASN B 330 -6.43 -27.21 49.38
C ASN B 330 -5.29 -26.94 50.35
N GLY B 331 -4.90 -25.67 50.47
CA GLY B 331 -3.83 -25.27 51.36
C GLY B 331 -4.27 -24.22 52.35
N MET B 332 -5.54 -23.80 52.26
CA MET B 332 -6.08 -22.78 53.17
C MET B 332 -6.69 -23.38 54.44
N SER B 333 -6.40 -22.77 55.58
CA SER B 333 -7.09 -23.11 56.82
C SER B 333 -8.53 -22.57 56.79
N LYS B 334 -9.38 -23.03 57.71
CA LYS B 334 -10.77 -22.57 57.73
C LYS B 334 -10.86 -21.05 57.88
N LYS B 335 -9.95 -20.49 58.67
CA LYS B 335 -9.88 -19.05 58.89
C LYS B 335 -9.56 -18.35 57.58
N HIS B 336 -8.54 -18.85 56.91
CA HIS B 336 -8.07 -18.27 55.66
C HIS B 336 -9.20 -18.25 54.61
N LYS B 337 -9.96 -19.35 54.49
CA LYS B 337 -11.03 -19.43 53.50
C LYS B 337 -12.06 -18.37 53.77
N LYS B 338 -12.30 -18.07 55.04
CA LYS B 338 -13.34 -17.13 55.39
C LYS B 338 -12.93 -15.71 55.10
N TYR B 339 -11.67 -15.37 55.37
CA TYR B 339 -11.14 -14.09 54.93
C TYR B 339 -11.23 -13.95 53.40
N ALA B 340 -10.82 -15.01 52.70
CA ALA B 340 -10.83 -15.04 51.25
C ALA B 340 -12.25 -14.82 50.74
N ASP B 341 -13.20 -15.54 51.33
CA ASP B 341 -14.60 -15.47 50.95
C ASP B 341 -15.19 -14.07 51.14
N ILE B 342 -15.00 -13.50 52.33
CA ILE B 342 -15.50 -12.16 52.61
C ILE B 342 -14.86 -11.12 51.71
N LEU B 343 -13.54 -11.19 51.53
CA LEU B 343 -12.83 -10.21 50.71
C LEU B 343 -13.40 -10.17 49.30
N ILE B 344 -13.52 -11.33 48.67
CA ILE B 344 -14.00 -11.43 47.31
C ILE B 344 -15.46 -11.01 47.13
N LYS B 345 -16.34 -11.57 47.97
CA LYS B 345 -17.78 -11.29 47.86
C LYS B 345 -18.10 -9.82 48.12
N SER B 346 -17.37 -9.22 49.06
CA SER B 346 -17.59 -7.83 49.44
C SER B 346 -16.97 -6.91 48.42
N TYR B 347 -15.78 -7.27 47.93
CA TYR B 347 -15.16 -6.46 46.89
C TYR B 347 -16.06 -6.44 45.67
N ALA B 348 -16.60 -7.61 45.33
CA ALA B 348 -17.49 -7.74 44.18
C ALA B 348 -18.76 -6.90 44.38
N LYS B 349 -19.33 -7.00 45.58
CA LYS B 349 -20.50 -6.20 45.96
C LYS B 349 -20.23 -4.70 45.83
N GLY B 350 -19.05 -4.29 46.30
CA GLY B 350 -18.65 -2.90 46.25
C GLY B 350 -18.52 -2.35 44.84
N LEU B 351 -18.10 -3.21 43.93
CA LEU B 351 -17.91 -2.79 42.55
C LEU B 351 -19.26 -2.61 41.87
N GLU B 352 -20.25 -3.40 42.29
CA GLU B 352 -21.61 -3.24 41.82
C GLU B 352 -22.12 -1.88 42.25
N ALA B 353 -21.95 -1.60 43.54
CA ALA B 353 -22.39 -0.33 44.13
C ALA B 353 -21.77 0.82 43.37
N ARG B 354 -20.49 0.66 43.02
CA ARG B 354 -19.75 1.69 42.30
C ARG B 354 -20.40 1.98 40.93
N ASP B 355 -20.85 0.92 40.27
CA ASP B 355 -21.49 1.03 38.96
C ASP B 355 -22.84 1.73 39.05
N ILE B 356 -23.61 1.39 40.06
CA ILE B 356 -24.86 2.07 40.34
C ILE B 356 -24.58 3.57 40.61
N ALA B 357 -23.56 3.86 41.40
CA ALA B 357 -23.22 5.24 41.77
C ALA B 357 -22.86 6.11 40.57
N THR B 358 -22.27 5.51 39.54
CA THR B 358 -21.89 6.26 38.34
C THR B 358 -23.12 6.73 37.57
N ILE B 359 -24.31 6.27 37.98
CA ILE B 359 -25.55 6.57 37.28
C ILE B 359 -26.50 7.48 38.09
N VAL B 360 -26.50 7.31 39.41
CA VAL B 360 -27.44 8.00 40.28
C VAL B 360 -26.77 8.70 41.45
N GLY B 361 -25.46 8.50 41.57
CA GLY B 361 -24.69 9.14 42.63
C GLY B 361 -24.68 8.33 43.90
N GLU B 362 -23.71 8.58 44.77
CA GLU B 362 -23.60 7.81 46.01
C GLU B 362 -24.77 8.06 46.94
N ASP B 363 -25.49 9.15 46.73
CA ASP B 363 -26.61 9.51 47.59
C ASP B 363 -27.79 8.57 47.41
N SER B 364 -28.00 8.14 46.18
CA SER B 364 -29.05 7.19 45.85
C SER B 364 -28.70 5.72 46.20
N LEU B 365 -27.63 5.50 46.96
CA LEU B 365 -27.24 4.14 47.36
C LEU B 365 -27.85 3.77 48.71
N SER B 366 -28.23 2.50 48.86
CA SER B 366 -28.65 1.97 50.15
C SER B 366 -27.50 2.12 51.13
N LYS B 367 -27.77 2.03 52.42
CA LYS B 367 -26.70 2.06 53.41
C LYS B 367 -25.79 0.85 53.27
N GLU B 368 -26.37 -0.26 52.81
CA GLU B 368 -25.64 -1.47 52.53
C GLU B 368 -24.64 -1.22 51.41
N ASP B 369 -25.14 -0.74 50.28
CA ASP B 369 -24.28 -0.52 49.11
C ASP B 369 -23.19 0.52 49.38
N LYS B 370 -23.46 1.48 50.27
CA LYS B 370 -22.46 2.48 50.65
C LYS B 370 -21.33 1.85 51.42
N ALA B 371 -21.66 0.88 52.27
CA ALA B 371 -20.68 0.15 53.04
C ALA B 371 -19.77 -0.70 52.15
N TYR B 372 -20.36 -1.39 51.17
CA TYR B 372 -19.60 -2.17 50.20
C TYR B 372 -18.75 -1.29 49.30
N LEU B 373 -19.30 -0.16 48.88
CA LEU B 373 -18.56 0.79 48.07
C LEU B 373 -17.32 1.30 48.80
N LYS B 374 -17.48 1.54 50.09
CA LYS B 374 -16.41 2.00 50.97
C LYS B 374 -15.36 0.91 51.07
N PHE B 375 -15.84 -0.31 51.26
CA PHE B 375 -14.97 -1.49 51.35
C PHE B 375 -14.08 -1.64 50.10
N ALA B 376 -14.72 -1.62 48.93
CA ALA B 376 -14.00 -1.75 47.66
C ALA B 376 -12.97 -0.65 47.48
N GLU B 377 -13.33 0.58 47.85
CA GLU B 377 -12.43 1.72 47.76
C GLU B 377 -11.23 1.54 48.70
N LEU B 378 -11.48 1.11 49.94
CA LEU B 378 -10.40 0.85 50.88
C LEU B 378 -9.52 -0.33 50.46
N VAL B 379 -10.14 -1.38 49.93
CA VAL B 379 -9.39 -2.53 49.45
C VAL B 379 -8.38 -2.13 48.37
N GLU B 380 -8.84 -1.33 47.41
CA GLU B 380 -7.96 -0.82 46.38
C GLU B 380 -6.80 0.03 46.94
N LYS B 381 -7.08 0.84 47.95
CA LYS B 381 -6.11 1.82 48.45
C LYS B 381 -5.16 1.33 49.54
N GLU B 382 -5.59 0.33 50.29
CA GLU B 382 -4.83 -0.08 51.47
C GLU B 382 -4.47 -1.55 51.48
N PHE B 383 -5.06 -2.32 50.57
CA PHE B 383 -4.86 -3.76 50.55
C PHE B 383 -4.15 -4.26 49.29
N ILE B 384 -4.73 -3.97 48.13
CA ILE B 384 -4.09 -4.32 46.87
C ILE B 384 -2.84 -3.50 46.68
N LYS B 385 -3.01 -2.17 46.82
CA LYS B 385 -1.89 -1.23 46.79
C LYS B 385 -0.86 -1.58 47.86
N GLN B 386 0.35 -1.88 47.41
CA GLN B 386 1.39 -2.38 48.29
C GLN B 386 2.71 -1.84 47.77
N ASP B 387 3.59 -1.49 48.69
CA ASP B 387 4.92 -1.02 48.31
C ASP B 387 5.75 -2.20 47.78
N TYR B 388 6.44 -1.99 46.67
CA TYR B 388 7.34 -2.99 46.08
C TYR B 388 8.27 -3.62 47.13
N TYR B 389 8.75 -2.80 48.07
CA TYR B 389 9.68 -3.26 49.10
C TYR B 389 8.97 -3.72 50.35
N GLU B 390 7.66 -3.74 50.32
CA GLU B 390 6.94 -4.19 51.49
C GLU B 390 6.62 -5.68 51.40
N TYR B 391 6.88 -6.39 52.49
CA TYR B 391 6.49 -7.79 52.60
C TYR B 391 5.42 -7.89 53.66
N ARG B 392 4.22 -8.32 53.25
CA ARG B 392 3.15 -8.52 54.20
C ARG B 392 2.97 -9.99 54.56
N SER B 393 3.22 -10.32 55.82
CA SER B 393 2.86 -11.63 56.34
C SER B 393 1.37 -11.84 56.15
N ILE B 394 0.96 -13.11 56.14
CA ILE B 394 -0.46 -13.41 56.04
C ILE B 394 -1.24 -12.74 57.18
N GLU B 395 -0.60 -12.62 58.34
CA GLU B 395 -1.21 -11.98 59.52
C GLU B 395 -1.45 -10.49 59.31
N LYS B 396 -0.45 -9.77 58.78
CA LYS B 396 -0.66 -8.36 58.42
C LYS B 396 -1.80 -8.25 57.43
N SER B 397 -1.81 -9.13 56.43
CA SER B 397 -2.83 -9.08 55.38
C SER B 397 -4.24 -9.27 55.92
N PHE B 398 -4.39 -10.17 56.90
CA PHE B 398 -5.66 -10.40 57.58
C PHE B 398 -6.12 -9.19 58.39
N GLU B 399 -5.17 -8.55 59.06
CA GLU B 399 -5.49 -7.44 59.93
C GLU B 399 -5.81 -6.18 59.15
N ILE B 400 -5.33 -6.11 57.92
CA ILE B 400 -5.78 -5.06 57.01
C ILE B 400 -7.28 -5.23 56.68
N ILE B 401 -7.68 -6.46 56.38
CA ILE B 401 -9.08 -6.74 56.08
C ILE B 401 -9.97 -6.46 57.30
N ASP B 402 -9.49 -6.89 58.48
CA ASP B 402 -10.17 -6.64 59.75
C ASP B 402 -10.42 -5.14 59.92
N SER B 403 -9.36 -4.38 59.66
CA SER B 403 -9.42 -2.92 59.73
C SER B 403 -10.38 -2.32 58.70
N ILE B 404 -10.32 -2.80 57.47
CA ILE B 404 -11.14 -2.27 56.38
C ILE B 404 -12.62 -2.57 56.64
N LEU B 405 -12.89 -3.79 57.10
CA LEU B 405 -14.23 -4.22 57.49
C LEU B 405 -14.86 -3.28 58.53
N SER B 406 -14.04 -2.92 59.51
CA SER B 406 -14.44 -2.03 60.59
C SER B 406 -14.77 -0.64 60.04
N GLN B 407 -13.90 -0.10 59.20
CA GLN B 407 -14.10 1.24 58.65
C GLN B 407 -15.28 1.35 57.67
N SER B 408 -15.77 0.21 57.19
CA SER B 408 -16.84 0.24 56.19
C SER B 408 -18.19 0.03 56.85
N GLY B 409 -18.16 -0.50 58.06
CA GLY B 409 -19.38 -0.74 58.82
C GLY B 409 -20.18 -1.84 58.15
N LEU B 410 -19.61 -3.04 58.19
CA LEU B 410 -20.30 -4.20 57.68
C LEU B 410 -20.47 -5.19 58.82
N PRO B 411 -21.59 -5.93 58.79
CA PRO B 411 -22.71 -5.67 57.85
C PRO B 411 -23.66 -4.55 58.32
N LYS C 5 -26.58 -9.77 4.32
CA LYS C 5 -26.12 -8.96 5.45
C LYS C 5 -24.84 -9.52 6.13
N PRO C 6 -23.66 -9.11 5.65
CA PRO C 6 -22.38 -9.65 6.14
C PRO C 6 -22.21 -9.42 7.64
N PRO C 7 -21.75 -10.46 8.34
CA PRO C 7 -21.52 -10.44 9.79
C PRO C 7 -20.32 -9.57 10.19
N LEU C 8 -19.36 -9.45 9.29
CA LEU C 8 -18.08 -8.81 9.57
C LEU C 8 -17.92 -7.56 8.73
N ILE C 9 -17.65 -6.43 9.39
CA ILE C 9 -17.48 -5.16 8.70
C ILE C 9 -16.10 -4.56 8.92
N ALA C 10 -15.45 -4.19 7.82
CA ALA C 10 -14.22 -3.42 7.90
C ALA C 10 -14.56 -1.95 8.19
N VAL C 11 -13.94 -1.40 9.23
CA VAL C 11 -14.20 -0.02 9.63
C VAL C 11 -12.90 0.76 9.83
N GLU C 12 -12.93 2.02 9.43
CA GLU C 12 -11.83 2.95 9.71
C GLU C 12 -12.10 3.63 11.05
N LEU C 13 -11.10 3.61 11.91
CA LEU C 13 -11.30 4.03 13.30
C LEU C 13 -9.97 4.45 13.91
N GLU C 14 -9.90 5.69 14.38
CA GLU C 14 -8.69 6.15 15.04
C GLU C 14 -8.68 5.68 16.49
N ASN C 15 -7.54 5.10 16.89
CA ASN C 15 -7.40 4.40 18.17
C ASN C 15 -8.57 3.49 18.54
N PRO C 16 -8.72 2.36 17.80
CA PRO C 16 -9.80 1.39 18.05
C PRO C 16 -9.56 0.51 19.28
N MET C 17 -10.62 0.30 20.05
CA MET C 17 -10.57 -0.50 21.26
C MET C 17 -11.37 -1.79 21.12
N LEU C 18 -10.71 -2.90 21.44
CA LEU C 18 -11.37 -4.19 21.42
C LEU C 18 -12.56 -4.20 22.38
N GLY C 19 -13.77 -4.31 21.85
CA GLY C 19 -14.95 -4.39 22.69
C GLY C 19 -15.78 -3.13 22.59
N GLU C 20 -15.15 -2.06 22.08
CA GLU C 20 -15.82 -0.79 21.82
C GLU C 20 -16.97 -1.01 20.83
N VAL C 21 -18.16 -0.52 21.19
CA VAL C 21 -19.39 -0.75 20.44
C VAL C 21 -19.76 0.44 19.53
N ILE C 22 -19.39 0.35 18.25
CA ILE C 22 -19.55 1.48 17.35
C ILE C 22 -20.90 1.50 16.60
N ASP C 23 -21.15 2.58 15.85
CA ASP C 23 -22.37 2.66 15.06
C ASP C 23 -22.11 3.00 13.60
N LEU C 24 -22.85 2.31 12.72
CA LEU C 24 -22.70 2.49 11.27
C LEU C 24 -24.04 2.64 10.55
N LYS C 28 -25.26 -1.30 14.65
CA LYS C 28 -24.14 -1.29 15.60
C LYS C 28 -23.24 -2.53 15.50
N ALA C 29 -22.05 -2.46 16.12
CA ALA C 29 -21.05 -3.55 16.02
C ALA C 29 -19.90 -3.41 17.03
N ILE C 30 -19.26 -4.53 17.36
CA ILE C 30 -18.13 -4.54 18.30
C ILE C 30 -16.77 -4.73 17.60
N VAL C 31 -15.81 -3.88 17.95
CA VAL C 31 -14.43 -4.03 17.44
C VAL C 31 -13.77 -5.28 18.02
N ILE C 32 -13.39 -6.23 17.16
CA ILE C 32 -12.78 -7.47 17.61
C ILE C 32 -11.34 -7.64 17.16
N ALA C 33 -10.88 -6.72 16.31
CA ALA C 33 -9.47 -6.71 15.90
C ALA C 33 -9.11 -5.37 15.26
N ALA C 34 -7.83 -5.02 15.32
CA ALA C 34 -7.36 -3.77 14.73
C ALA C 34 -5.85 -3.76 14.45
N TYR C 35 -5.47 -2.93 13.49
CA TYR C 35 -4.10 -2.68 13.17
C TYR C 35 -4.05 -1.26 12.63
N GLU C 36 -3.35 -0.40 13.36
CA GLU C 36 -3.38 1.05 13.12
C GLU C 36 -4.85 1.55 13.04
N ASN C 37 -5.17 2.24 11.95
CA ASN C 37 -6.49 2.84 11.76
C ASN C 37 -7.52 1.85 11.21
N LYS C 38 -7.05 0.64 10.88
CA LYS C 38 -7.91 -0.38 10.31
C LYS C 38 -8.45 -1.27 11.41
N ALA C 39 -9.76 -1.50 11.38
CA ALA C 39 -10.41 -2.36 12.37
C ALA C 39 -11.45 -3.30 11.78
N LEU C 40 -11.83 -4.30 12.57
CA LEU C 40 -12.86 -5.26 12.19
C LEU C 40 -13.93 -5.24 13.24
N ALA C 41 -15.16 -5.08 12.79
CA ALA C 41 -16.27 -5.00 13.74
C ALA C 41 -17.27 -6.11 13.45
N LEU C 42 -17.70 -6.77 14.53
CA LEU C 42 -18.64 -7.88 14.43
C LEU C 42 -20.05 -7.42 14.80
N LEU C 43 -21.03 -7.88 14.03
CA LEU C 43 -22.44 -7.67 14.37
C LEU C 43 -22.85 -8.41 15.65
N PHE C 44 -23.91 -7.93 16.31
CA PHE C 44 -24.31 -8.48 17.61
C PHE C 44 -25.01 -9.83 17.52
N ASP C 45 -25.59 -10.11 16.36
CA ASP C 45 -26.29 -11.37 16.13
C ASP C 45 -25.35 -12.57 16.31
N TYR C 46 -24.04 -12.30 16.34
CA TYR C 46 -23.01 -13.33 16.54
C TYR C 46 -22.20 -13.08 17.79
N TYR C 47 -22.84 -12.41 18.76
CA TYR C 47 -22.20 -12.03 20.03
C TYR C 47 -23.08 -12.45 21.24
N THR C 48 -22.46 -13.03 22.26
CA THR C 48 -23.19 -13.51 23.45
C THR C 48 -23.10 -12.58 24.68
N GLY C 49 -22.50 -11.40 24.52
CA GLY C 49 -22.35 -10.51 25.65
C GLY C 49 -23.52 -9.56 25.84
N GLU C 50 -23.30 -8.57 26.68
CA GLU C 50 -24.18 -7.42 26.81
C GLU C 50 -23.62 -6.28 25.96
N ASN C 55 -19.32 3.33 23.15
CA ASN C 55 -19.97 3.87 21.96
C ASN C 55 -19.16 5.01 21.33
N ARG C 56 -19.60 5.44 20.15
CA ARG C 56 -18.77 6.27 19.28
C ARG C 56 -19.16 5.88 17.86
N GLN C 57 -18.82 6.74 16.91
CA GLN C 57 -19.27 6.51 15.54
C GLN C 57 -18.11 6.08 14.65
N GLY C 58 -18.40 5.23 13.67
CA GLY C 58 -17.38 4.75 12.76
C GLY C 58 -17.73 4.89 11.30
N ASN C 59 -16.70 4.87 10.45
CA ASN C 59 -16.91 4.76 9.01
C ASN C 59 -16.47 3.41 8.49
N THR C 60 -17.15 2.93 7.47
CA THR C 60 -16.66 1.76 6.77
C THR C 60 -15.29 2.08 6.16
N TYR C 61 -14.41 1.10 6.14
CA TYR C 61 -13.10 1.30 5.52
C TYR C 61 -13.25 1.42 4.00
N LYS C 62 -12.63 2.46 3.44
CA LYS C 62 -12.73 2.70 2.00
C LYS C 62 -11.35 2.78 1.36
N ILE C 63 -11.25 2.35 0.11
CA ILE C 63 -10.01 2.51 -0.66
C ILE C 63 -10.26 3.29 -1.94
N ALA C 64 -9.20 3.88 -2.46
CA ALA C 64 -9.24 4.44 -3.80
C ALA C 64 -9.38 3.27 -4.77
N VAL C 65 -10.16 3.48 -5.83
CA VAL C 65 -10.27 2.53 -6.93
C VAL C 65 -9.90 3.26 -8.20
N SER C 66 -9.26 2.53 -9.11
CA SER C 66 -8.65 3.12 -10.29
C SER C 66 -8.13 2.01 -11.20
N GLU C 67 -8.03 2.30 -12.50
CA GLU C 67 -7.47 1.30 -13.41
C GLU C 67 -5.97 1.22 -13.25
N ASP C 68 -5.44 2.17 -12.47
CA ASP C 68 -4.01 2.25 -12.20
C ASP C 68 -3.54 1.13 -11.29
N TYR C 69 -4.49 0.42 -10.70
CA TYR C 69 -4.15 -0.72 -9.86
C TYR C 69 -3.58 -1.82 -10.74
N ILE C 70 -4.11 -1.90 -11.97
CA ILE C 70 -3.65 -2.90 -12.93
C ILE C 70 -2.17 -2.71 -13.27
N GLY C 71 -1.38 -3.73 -12.99
CA GLY C 71 0.05 -3.64 -13.18
C GLY C 71 0.79 -3.50 -11.87
N GLY C 72 0.03 -3.20 -10.82
CA GLY C 72 0.62 -3.01 -9.51
C GLY C 72 0.63 -4.23 -8.60
N ILE C 73 1.30 -4.06 -7.46
CA ILE C 73 1.34 -5.08 -6.43
C ILE C 73 1.05 -4.43 -5.09
N PHE C 74 0.11 -4.98 -4.34
CA PHE C 74 -0.36 -4.34 -3.13
C PHE C 74 -0.48 -5.35 -2.01
N ASN C 75 -0.46 -4.83 -0.78
CA ASN C 75 -0.69 -5.64 0.43
C ASN C 75 -2.18 -5.86 0.66
N GLY C 76 -2.53 -6.47 1.79
CA GLY C 76 -3.90 -6.79 2.08
C GLY C 76 -4.76 -5.58 2.33
N PHE C 77 -4.12 -4.43 2.53
CA PHE C 77 -4.84 -3.18 2.84
C PHE C 77 -5.11 -2.35 1.60
N GLY C 78 -4.46 -2.70 0.50
CA GLY C 78 -4.61 -1.95 -0.73
C GLY C 78 -3.46 -0.99 -0.93
N GLU C 79 -2.54 -0.98 0.03
CA GLU C 79 -1.36 -0.13 -0.05
C GLU C 79 -0.33 -0.76 -0.99
N PRO C 80 0.22 0.06 -1.90
CA PRO C 80 1.22 -0.42 -2.87
C PRO C 80 2.46 -0.98 -2.19
N ILE C 81 3.01 -2.04 -2.75
CA ILE C 81 4.28 -2.57 -2.29
C ILE C 81 5.38 -2.02 -3.18
N LYS C 82 5.31 -2.40 -4.45
CA LYS C 82 6.06 -1.79 -5.54
C LYS C 82 5.14 -1.38 -6.69
N LYS C 85 1.41 4.95 -6.03
CA LYS C 85 0.00 5.03 -5.66
C LYS C 85 -0.87 5.23 -6.90
N PRO C 86 -1.93 4.42 -7.03
CA PRO C 86 -2.87 4.57 -8.14
C PRO C 86 -3.56 5.93 -8.04
N TYR C 87 -3.84 6.54 -9.19
CA TYR C 87 -4.62 7.75 -9.22
C TYR C 87 -6.04 7.44 -8.74
N PRO C 88 -6.43 7.96 -7.56
CA PRO C 88 -7.79 7.68 -7.08
C PRO C 88 -8.87 8.30 -7.97
N GLU C 89 -9.63 7.47 -8.65
CA GLU C 89 -10.66 7.97 -9.55
C GLU C 89 -11.95 8.03 -8.76
N ASP C 90 -12.00 7.25 -7.68
CA ASP C 90 -13.14 7.24 -6.78
C ASP C 90 -12.80 6.47 -5.49
N TYR C 91 -13.72 6.47 -4.52
CA TYR C 91 -13.56 5.70 -3.29
C TYR C 91 -14.68 4.73 -3.10
N ARG C 92 -14.32 3.52 -2.68
CA ARG C 92 -15.29 2.47 -2.50
C ARG C 92 -15.21 1.79 -1.14
N ASP C 93 -16.37 1.57 -0.54
CA ASP C 93 -16.48 0.75 0.66
C ASP C 93 -16.00 -0.67 0.30
N ILE C 94 -15.06 -1.19 1.08
CA ILE C 94 -14.54 -2.53 0.81
C ILE C 94 -15.45 -3.68 1.30
N ASN C 95 -16.55 -3.32 1.95
CA ASN C 95 -17.54 -4.31 2.37
C ASN C 95 -18.56 -4.59 1.28
N GLY C 96 -18.62 -3.73 0.27
CA GLY C 96 -19.59 -3.87 -0.82
C GLY C 96 -21.04 -3.54 -0.45
N ALA C 103 -28.83 -5.73 -11.91
CA ALA C 103 -29.30 -7.05 -11.43
C ALA C 103 -28.49 -8.20 -12.01
N ARG C 104 -28.49 -9.32 -11.28
CA ARG C 104 -27.75 -10.51 -11.66
C ARG C 104 -28.40 -11.30 -12.79
N LYS C 105 -27.56 -11.87 -13.66
CA LYS C 105 -28.00 -12.77 -14.71
C LYS C 105 -27.36 -14.14 -14.53
N VAL C 106 -28.00 -15.18 -15.06
CA VAL C 106 -27.41 -16.50 -15.02
C VAL C 106 -26.35 -16.68 -16.11
N PRO C 107 -25.10 -16.99 -15.70
CA PRO C 107 -23.95 -17.16 -16.61
C PRO C 107 -24.25 -18.14 -17.75
N ASN C 108 -23.70 -17.87 -18.93
CA ASN C 108 -24.00 -18.69 -20.10
C ASN C 108 -22.88 -18.71 -21.14
N GLU C 109 -21.75 -18.07 -20.83
CA GLU C 109 -20.58 -18.07 -21.71
C GLU C 109 -19.37 -18.68 -21.01
N ILE C 110 -18.77 -19.67 -21.66
CA ILE C 110 -17.55 -20.29 -21.16
C ILE C 110 -16.38 -19.31 -21.17
N LEU C 111 -15.68 -19.25 -20.03
CA LEU C 111 -14.40 -18.59 -19.91
C LEU C 111 -13.34 -19.70 -20.05
N TYR C 112 -12.74 -19.77 -21.23
CA TYR C 112 -11.72 -20.80 -21.50
C TYR C 112 -10.41 -20.60 -20.75
N THR C 113 -9.95 -21.68 -20.10
CA THR C 113 -8.69 -21.61 -19.38
C THR C 113 -7.51 -22.04 -20.24
N GLY C 114 -7.81 -22.69 -21.36
CA GLY C 114 -6.77 -23.33 -22.14
C GLY C 114 -6.21 -24.57 -21.48
N ILE C 115 -6.89 -25.07 -20.45
CA ILE C 115 -6.49 -26.29 -19.75
C ILE C 115 -7.54 -27.39 -19.99
N SER C 116 -7.13 -28.45 -20.67
CA SER C 116 -8.06 -29.51 -21.15
C SER C 116 -8.90 -30.16 -20.06
N SER C 117 -8.23 -30.51 -18.95
CA SER C 117 -8.90 -31.14 -17.80
C SER C 117 -10.07 -30.28 -17.27
N ILE C 118 -10.00 -28.98 -17.52
CA ILE C 118 -11.07 -28.09 -17.12
C ILE C 118 -12.03 -27.83 -18.28
N ASP C 119 -11.49 -27.38 -19.40
CA ASP C 119 -12.30 -26.80 -20.48
C ASP C 119 -13.33 -27.75 -21.09
N VAL C 120 -13.01 -29.05 -21.13
CA VAL C 120 -13.92 -30.01 -21.76
C VAL C 120 -15.06 -30.49 -20.87
N ALA C 121 -14.71 -31.19 -19.78
CA ALA C 121 -15.72 -31.81 -18.91
C ALA C 121 -16.37 -30.86 -17.91
N HIS C 122 -15.57 -29.93 -17.39
CA HIS C 122 -16.00 -29.01 -16.33
C HIS C 122 -15.72 -27.54 -16.65
N PRO C 123 -16.19 -27.06 -17.83
CA PRO C 123 -15.80 -25.68 -18.16
C PRO C 123 -16.36 -24.67 -17.17
N LEU C 124 -15.67 -23.55 -17.11
CA LEU C 124 -15.97 -22.48 -16.19
C LEU C 124 -16.73 -21.39 -16.96
N LEU C 125 -17.75 -20.78 -16.35
CA LEU C 125 -18.53 -19.75 -17.07
C LEU C 125 -18.25 -18.36 -16.51
N LYS C 126 -18.32 -17.33 -17.37
CA LYS C 126 -18.13 -15.94 -16.91
C LYS C 126 -19.19 -15.54 -15.90
N GLY C 127 -18.75 -15.23 -14.69
CA GLY C 127 -19.64 -14.79 -13.63
C GLY C 127 -19.88 -15.92 -12.66
N GLN C 128 -19.30 -17.08 -12.96
CA GLN C 128 -19.41 -18.22 -12.06
C GLN C 128 -18.45 -18.09 -10.85
N LYS C 129 -18.91 -18.62 -9.72
CA LYS C 129 -18.04 -18.85 -8.57
C LYS C 129 -17.83 -20.36 -8.43
N ILE C 130 -16.58 -20.79 -8.48
CA ILE C 130 -16.23 -22.21 -8.44
C ILE C 130 -14.87 -22.39 -7.76
N ALA C 131 -14.79 -23.36 -6.85
CA ALA C 131 -13.58 -23.46 -6.03
C ALA C 131 -12.54 -24.41 -6.62
N ILE C 132 -11.34 -24.33 -6.08
CA ILE C 132 -10.36 -25.39 -6.27
C ILE C 132 -9.96 -25.94 -4.92
N PHE C 133 -10.14 -27.26 -4.74
CA PHE C 133 -9.76 -27.96 -3.50
C PHE C 133 -8.47 -28.70 -3.74
N SER C 134 -7.45 -28.44 -2.93
CA SER C 134 -6.18 -29.15 -3.05
C SER C 134 -5.76 -29.88 -1.79
N PRO C 135 -5.34 -31.15 -1.95
CA PRO C 135 -4.73 -31.87 -0.83
C PRO C 135 -3.43 -31.15 -0.46
N PRO C 136 -3.01 -31.25 0.81
CA PRO C 136 -1.78 -30.56 1.26
C PRO C 136 -0.59 -31.00 0.42
N GLY C 137 0.22 -30.03 0.01
CA GLY C 137 1.43 -30.32 -0.74
C GLY C 137 1.32 -30.24 -2.25
N LEU C 138 0.11 -30.30 -2.77
CA LEU C 138 -0.06 -30.32 -4.24
C LEU C 138 0.10 -28.91 -4.82
N PRO C 139 0.48 -28.81 -6.12
CA PRO C 139 0.82 -27.53 -6.74
C PRO C 139 -0.37 -26.67 -7.12
N MET C 140 -1.23 -26.36 -6.15
CA MET C 140 -2.39 -25.52 -6.38
C MET C 140 -1.97 -24.13 -6.86
N GLU C 141 -0.92 -23.59 -6.24
CA GLU C 141 -0.43 -22.25 -6.54
C GLU C 141 0.01 -22.09 -8.00
N ARG C 142 0.75 -23.07 -8.52
CA ARG C 142 1.17 -23.04 -9.92
C ARG C 142 -0.04 -23.10 -10.85
N LEU C 143 -1.03 -23.92 -10.47
CA LEU C 143 -2.25 -24.02 -11.25
C LEU C 143 -2.92 -22.66 -11.32
N ALA C 144 -2.92 -21.95 -10.17
CA ALA C 144 -3.47 -20.59 -10.13
C ALA C 144 -2.77 -19.73 -11.19
N LEU C 145 -1.43 -19.75 -11.15
CA LEU C 145 -0.62 -18.98 -12.09
C LEU C 145 -0.93 -19.33 -13.55
N GLN C 146 -0.93 -20.62 -13.85
CA GLN C 146 -1.24 -21.09 -15.19
C GLN C 146 -2.59 -20.57 -15.70
N ILE C 147 -3.60 -20.59 -14.83
CA ILE C 147 -4.91 -20.11 -15.24
C ILE C 147 -4.82 -18.63 -15.54
N ALA C 148 -4.15 -17.89 -14.64
CA ALA C 148 -3.99 -16.44 -14.78
C ALA C 148 -3.30 -16.06 -16.10
N ARG C 149 -2.14 -16.69 -16.39
CA ARG C 149 -1.41 -16.47 -17.66
C ARG C 149 -2.30 -16.67 -18.89
N ASN C 150 -3.02 -17.78 -18.90
CA ASN C 150 -3.83 -18.14 -20.06
C ASN C 150 -5.05 -17.22 -20.29
N VAL C 151 -5.53 -16.58 -19.23
CA VAL C 151 -6.71 -15.73 -19.35
C VAL C 151 -6.31 -14.26 -19.50
N ALA C 152 -5.18 -13.88 -18.90
CA ALA C 152 -4.72 -12.48 -18.88
C ALA C 152 -4.63 -11.85 -20.26
N LYS C 153 -4.42 -12.67 -21.28
CA LYS C 153 -4.31 -12.15 -22.63
C LYS C 153 -5.66 -11.88 -23.23
N ASP C 154 -6.68 -11.78 -22.37
CA ASP C 154 -8.07 -11.65 -22.81
C ASP C 154 -8.88 -10.88 -21.76
N LYS C 155 -8.68 -11.24 -20.49
CA LYS C 155 -9.43 -10.62 -19.39
C LYS C 155 -8.52 -10.15 -18.26
N THR C 156 -9.04 -9.22 -17.47
CA THR C 156 -8.28 -8.68 -16.34
C THR C 156 -8.29 -9.62 -15.12
N ILE C 157 -7.10 -9.92 -14.62
CA ILE C 157 -6.97 -10.82 -13.47
C ILE C 157 -6.77 -10.03 -12.19
N ILE C 158 -7.53 -10.37 -11.15
CA ILE C 158 -7.21 -9.86 -9.82
C ILE C 158 -6.83 -11.01 -8.92
N PHE C 159 -5.63 -10.92 -8.39
CA PHE C 159 -5.07 -11.95 -7.53
C PHE C 159 -5.18 -11.56 -6.06
N ALA C 160 -5.86 -12.39 -5.27
CA ALA C 160 -5.93 -12.15 -3.84
C ALA C 160 -5.23 -13.29 -3.12
N ALA C 161 -3.97 -13.05 -2.76
CA ALA C 161 -3.14 -14.04 -2.08
C ALA C 161 -3.16 -13.78 -0.57
N ILE C 162 -3.71 -14.75 0.18
CA ILE C 162 -4.01 -14.53 1.58
C ILE C 162 -3.09 -15.30 2.50
N GLY C 163 -2.27 -14.56 3.26
CA GLY C 163 -1.37 -15.12 4.25
C GLY C 163 -0.44 -16.18 3.71
N VAL C 164 0.10 -15.92 2.52
CA VAL C 164 1.02 -16.83 1.86
C VAL C 164 2.46 -16.74 2.41
N PRO C 165 3.14 -17.91 2.53
CA PRO C 165 4.55 -18.02 2.95
C PRO C 165 5.52 -17.37 1.96
N SER C 166 6.77 -17.16 2.42
CA SER C 166 7.81 -16.51 1.63
C SER C 166 8.10 -17.20 0.29
N ASP C 167 8.03 -18.52 0.31
CA ASP C 167 8.22 -19.35 -0.87
C ASP C 167 7.28 -18.93 -1.99
N ILE C 168 5.98 -18.91 -1.69
CA ILE C 168 4.98 -18.58 -2.68
C ILE C 168 4.91 -17.08 -2.93
N TYR C 169 5.24 -16.32 -1.88
CA TYR C 169 5.36 -14.88 -1.99
C TYR C 169 6.35 -14.53 -3.12
N LYS C 170 7.53 -15.15 -3.04
CA LYS C 170 8.52 -15.04 -4.09
C LYS C 170 7.96 -15.47 -5.44
N MET C 171 7.34 -16.65 -5.49
CA MET C 171 6.84 -17.23 -6.73
C MET C 171 5.82 -16.35 -7.46
N PHE C 172 4.87 -15.80 -6.70
CA PHE C 172 3.84 -14.92 -7.27
C PHE C 172 4.44 -13.67 -7.86
N ILE C 173 5.23 -12.98 -7.04
CA ILE C 173 5.92 -11.78 -7.47
C ILE C 173 6.75 -12.02 -8.73
N ASP C 174 7.72 -12.93 -8.62
CA ASP C 174 8.63 -13.24 -9.71
C ASP C 174 7.77 -13.72 -10.87
N GLU C 175 6.76 -14.53 -10.56
CA GLU C 175 5.70 -14.83 -11.51
C GLU C 175 5.10 -13.60 -12.17
N PHE C 176 4.10 -12.98 -11.54
CA PHE C 176 3.28 -11.94 -12.15
C PHE C 176 4.08 -10.96 -12.98
N ILE C 177 5.32 -10.75 -12.55
CA ILE C 177 6.19 -9.74 -13.15
C ILE C 177 6.88 -10.19 -14.45
N ASN C 178 7.68 -11.25 -14.36
CA ASN C 178 8.40 -11.77 -15.52
C ASN C 178 7.53 -12.29 -16.66
N THR C 179 6.32 -12.73 -16.31
CA THR C 179 5.39 -13.29 -17.30
C THR C 179 4.83 -12.12 -18.09
N LYS C 180 4.73 -11.01 -17.36
CA LYS C 180 3.94 -9.85 -17.70
C LYS C 180 2.50 -10.26 -18.02
N ALA C 181 1.91 -11.08 -17.16
CA ALA C 181 0.46 -11.18 -17.08
C ALA C 181 0.07 -9.85 -16.44
N ILE C 182 0.90 -9.45 -15.47
CA ILE C 182 0.87 -8.14 -14.80
C ILE C 182 0.67 -6.95 -15.74
N MET C 183 0.81 -7.18 -17.03
CA MET C 183 0.34 -6.23 -18.03
C MET C 183 -1.18 -6.12 -17.97
N ASN C 184 -1.81 -7.08 -17.31
CA ASN C 184 -3.28 -7.10 -17.21
C ASN C 184 -3.81 -7.63 -15.86
N SER C 185 -2.99 -7.50 -14.82
CA SER C 185 -3.31 -8.08 -13.51
C SER C 185 -3.06 -7.10 -12.36
N ALA C 186 -3.76 -7.31 -11.25
CA ALA C 186 -3.48 -6.58 -10.02
C ALA C 186 -3.31 -7.65 -8.96
N ILE C 187 -2.37 -7.43 -8.07
CA ILE C 187 -2.08 -8.40 -7.02
C ILE C 187 -2.19 -7.81 -5.62
N PHE C 188 -3.06 -8.41 -4.82
CA PHE C 188 -3.27 -7.97 -3.44
C PHE C 188 -2.77 -9.15 -2.61
N ILE C 189 -1.68 -8.93 -1.89
CA ILE C 189 -1.01 -10.05 -1.23
C ILE C 189 -0.58 -9.73 0.19
N SER C 190 -0.94 -10.62 1.11
CA SER C 190 -0.51 -10.54 2.50
C SER C 190 0.40 -11.73 2.80
N LYS C 191 1.45 -11.51 3.60
CA LYS C 191 2.36 -12.58 4.00
C LYS C 191 1.79 -13.39 5.15
N ALA C 192 2.34 -14.59 5.36
CA ALA C 192 1.88 -15.47 6.43
C ALA C 192 2.16 -14.89 7.83
N ASP C 193 3.27 -14.16 7.96
CA ASP C 193 3.67 -13.56 9.24
C ASP C 193 3.06 -12.16 9.40
N SER C 194 2.20 -11.77 8.46
CA SER C 194 1.50 -10.49 8.57
C SER C 194 0.32 -10.59 9.53
N SER C 195 -0.34 -9.46 9.75
CA SER C 195 -1.46 -9.36 10.69
C SER C 195 -2.69 -10.15 10.20
N PRO C 196 -3.46 -10.72 11.15
CA PRO C 196 -4.67 -11.46 10.80
C PRO C 196 -5.65 -10.56 10.07
N ILE C 197 -5.69 -9.31 10.50
CA ILE C 197 -6.62 -8.36 9.92
C ILE C 197 -6.27 -8.02 8.47
N GLU C 198 -4.96 -7.94 8.17
CA GLU C 198 -4.56 -7.71 6.79
C GLU C 198 -4.98 -8.88 5.89
N LYS C 199 -4.93 -10.10 6.44
CA LYS C 199 -5.38 -11.28 5.73
C LYS C 199 -6.88 -11.21 5.45
N ILE C 200 -7.63 -10.88 6.49
CA ILE C 200 -9.07 -10.78 6.39
C ILE C 200 -9.49 -9.66 5.42
N TYR C 201 -8.71 -8.58 5.39
CA TYR C 201 -8.96 -7.46 4.48
C TYR C 201 -8.70 -7.85 3.02
N THR C 202 -7.70 -8.69 2.80
CA THR C 202 -7.21 -9.06 1.47
C THR C 202 -8.31 -9.41 0.43
N PRO C 203 -9.19 -10.38 0.73
CA PRO C 203 -10.25 -10.65 -0.28
C PRO C 203 -11.17 -9.43 -0.51
N ARG C 204 -11.49 -8.72 0.56
CA ARG C 204 -12.36 -7.55 0.48
C ARG C 204 -11.80 -6.47 -0.43
N VAL C 205 -10.54 -6.09 -0.20
CA VAL C 205 -9.89 -5.08 -1.03
C VAL C 205 -9.83 -5.50 -2.48
N ALA C 206 -9.49 -6.77 -2.71
CA ALA C 206 -9.47 -7.38 -4.05
C ALA C 206 -10.81 -7.37 -4.76
N LEU C 207 -11.86 -7.80 -4.06
CA LEU C 207 -13.19 -7.81 -4.64
C LEU C 207 -13.73 -6.39 -4.87
N THR C 208 -13.23 -5.44 -4.08
CA THR C 208 -13.69 -4.05 -4.19
C THR C 208 -13.22 -3.44 -5.50
N LEU C 209 -11.98 -3.69 -5.85
CA LEU C 209 -11.44 -3.30 -7.14
C LEU C 209 -12.13 -4.04 -8.30
N ALA C 210 -12.36 -5.34 -8.11
CA ALA C 210 -13.05 -6.15 -9.11
C ALA C 210 -14.43 -5.59 -9.44
N GLU C 211 -15.19 -5.26 -8.39
CA GLU C 211 -16.55 -4.74 -8.57
C GLU C 211 -16.49 -3.44 -9.35
N TYR C 212 -15.48 -2.64 -9.05
CA TYR C 212 -15.25 -1.36 -9.71
C TYR C 212 -14.93 -1.54 -11.19
N LEU C 213 -14.03 -2.48 -11.49
CA LEU C 213 -13.64 -2.74 -12.87
C LEU C 213 -14.72 -3.44 -13.66
N ALA C 214 -15.49 -4.29 -13.00
CA ALA C 214 -16.49 -5.09 -13.70
C ALA C 214 -17.78 -4.29 -13.91
N PHE C 215 -18.27 -3.70 -12.84
CA PHE C 215 -19.63 -3.15 -12.85
C PHE C 215 -19.67 -1.66 -13.11
N GLU C 216 -18.51 -1.01 -13.06
CA GLU C 216 -18.45 0.40 -13.39
C GLU C 216 -17.60 0.68 -14.62
N LYS C 217 -16.73 -0.24 -15.01
CA LYS C 217 -15.90 -0.09 -16.20
C LYS C 217 -16.30 -1.07 -17.31
N ASN C 218 -17.40 -1.79 -17.07
CA ASN C 218 -17.89 -2.80 -18.01
C ASN C 218 -16.87 -3.82 -18.48
N ARG C 219 -16.23 -4.50 -17.54
CA ARG C 219 -15.23 -5.50 -17.89
C ARG C 219 -15.56 -6.88 -17.37
N ASP C 220 -14.93 -7.88 -17.98
CA ASP C 220 -14.96 -9.22 -17.46
C ASP C 220 -13.67 -9.46 -16.68
N VAL C 221 -13.78 -9.57 -15.37
CA VAL C 221 -12.62 -9.85 -14.55
C VAL C 221 -12.67 -11.25 -13.97
N LEU C 222 -11.49 -11.77 -13.68
CA LEU C 222 -11.33 -13.07 -13.07
C LEU C 222 -10.55 -12.87 -11.77
N VAL C 223 -11.18 -13.18 -10.64
CA VAL C 223 -10.54 -13.06 -9.34
C VAL C 223 -10.09 -14.44 -8.85
N LEU C 224 -8.79 -14.59 -8.69
CA LEU C 224 -8.25 -15.83 -8.13
C LEU C 224 -7.92 -15.53 -6.67
N MET C 225 -8.40 -16.37 -5.79
CA MET C 225 -8.32 -16.11 -4.37
C MET C 225 -7.82 -17.37 -3.66
N LEU C 226 -6.70 -17.23 -2.96
CA LEU C 226 -6.12 -18.35 -2.21
C LEU C 226 -5.22 -17.77 -1.12
N ASP C 227 -5.12 -18.45 0.02
CA ASP C 227 -5.72 -19.75 0.31
C ASP C 227 -6.86 -19.54 1.32
N MET C 228 -8.07 -19.96 0.97
CA MET C 228 -9.24 -19.73 1.82
C MET C 228 -9.08 -20.34 3.23
N THR C 229 -8.23 -21.35 3.33
CA THR C 229 -8.01 -22.01 4.62
C THR C 229 -7.20 -21.10 5.54
N ASN C 230 -6.20 -20.41 4.97
CA ASN C 230 -5.46 -19.36 5.66
C ASN C 230 -6.36 -18.21 6.14
N TYR C 231 -7.35 -17.89 5.33
CA TYR C 231 -8.31 -16.85 5.67
C TYR C 231 -9.14 -17.28 6.88
N ALA C 232 -9.67 -18.49 6.84
CA ALA C 232 -10.50 -19.02 7.91
C ALA C 232 -9.67 -19.07 9.17
N ASP C 233 -8.39 -19.39 9.05
CA ASP C 233 -7.57 -19.42 10.25
C ASP C 233 -7.31 -18.05 10.79
N ALA C 234 -7.24 -17.04 9.92
CA ALA C 234 -7.12 -15.68 10.42
C ALA C 234 -8.38 -15.29 11.24
N LEU C 235 -9.57 -15.71 10.82
CA LEU C 235 -10.77 -15.49 11.61
C LEU C 235 -10.66 -16.21 12.94
N ARG C 236 -10.16 -17.44 12.90
CA ARG C 236 -10.06 -18.23 14.11
C ARG C 236 -9.07 -17.61 15.10
N GLU C 237 -8.09 -16.89 14.57
CA GLU C 237 -7.03 -16.29 15.35
C GLU C 237 -7.51 -15.11 16.20
N ILE C 238 -8.38 -14.28 15.64
CA ILE C 238 -8.85 -13.04 16.30
C ILE C 238 -9.84 -13.06 17.51
N SER C 239 -10.18 -11.91 18.10
CA SER C 239 -10.83 -12.02 19.43
C SER C 239 -12.17 -12.73 19.43
N THR C 240 -12.42 -13.55 20.44
CA THR C 240 -13.76 -14.08 20.57
C THR C 240 -14.45 -13.32 21.67
N LEU C 241 -13.80 -12.25 22.15
CA LEU C 241 -14.31 -11.42 23.24
C LEU C 241 -14.73 -12.33 24.42
N ARG C 242 -13.91 -12.38 25.46
CA ARG C 242 -14.03 -13.37 26.56
C ARG C 242 -14.96 -14.57 26.26
N LYS C 243 -14.70 -15.20 25.10
CA LYS C 243 -15.51 -16.30 24.56
C LYS C 243 -16.98 -15.92 24.47
N GLU C 244 -17.19 -14.64 24.18
CA GLU C 244 -18.54 -14.27 23.86
C GLU C 244 -18.79 -14.45 22.37
N ILE C 245 -17.77 -14.81 21.59
CA ILE C 245 -18.01 -15.21 20.21
C ILE C 245 -18.06 -16.74 20.11
N PRO C 246 -19.26 -17.27 19.85
CA PRO C 246 -19.49 -18.73 19.82
C PRO C 246 -18.86 -19.41 18.62
N SER C 247 -18.55 -20.69 18.77
CA SER C 247 -17.89 -21.43 17.70
C SER C 247 -18.76 -22.58 17.21
N ARG C 248 -18.51 -22.99 15.96
CA ARG C 248 -19.12 -24.20 15.37
C ARG C 248 -18.11 -24.85 14.42
N ARG C 249 -17.94 -26.17 14.53
CA ARG C 249 -16.96 -26.87 13.71
C ARG C 249 -15.50 -26.43 13.96
N GLY C 250 -15.19 -25.88 15.14
CA GLY C 250 -13.83 -25.46 15.44
C GLY C 250 -13.47 -24.06 14.96
N TYR C 251 -14.46 -23.38 14.37
CA TYR C 251 -14.28 -22.02 13.86
C TYR C 251 -15.38 -21.12 14.39
N PRO C 252 -15.20 -19.78 14.31
CA PRO C 252 -16.31 -18.86 14.64
C PRO C 252 -17.62 -19.27 13.93
N ALA C 253 -18.74 -19.09 14.60
CA ALA C 253 -20.04 -19.51 14.07
C ALA C 253 -20.47 -18.68 12.86
N TYR C 254 -19.85 -17.50 12.71
CA TYR C 254 -20.19 -16.60 11.59
C TYR C 254 -19.39 -16.94 10.33
N LEU C 255 -18.67 -18.06 10.35
CA LEU C 255 -17.84 -18.44 9.23
C LEU C 255 -18.63 -18.65 7.94
N TYR C 256 -19.76 -19.36 8.02
CA TYR C 256 -20.60 -19.58 6.85
C TYR C 256 -21.10 -18.28 6.19
N THR C 257 -21.59 -17.36 7.01
CA THR C 257 -22.15 -16.13 6.47
C THR C 257 -21.05 -15.21 5.97
N ASP C 258 -19.91 -15.24 6.66
CA ASP C 258 -18.75 -14.47 6.21
C ASP C 258 -18.23 -14.93 4.85
N LEU C 259 -18.10 -16.24 4.66
CA LEU C 259 -17.70 -16.79 3.38
C LEU C 259 -18.69 -16.50 2.27
N ALA C 260 -19.98 -16.61 2.58
CA ALA C 260 -21.01 -16.33 1.57
C ALA C 260 -20.93 -14.86 1.17
N SER C 261 -20.72 -13.99 2.16
CA SER C 261 -20.62 -12.56 1.90
C SER C 261 -19.42 -12.25 0.99
N ILE C 262 -18.41 -13.09 1.01
CA ILE C 262 -17.27 -12.90 0.12
C ILE C 262 -17.54 -13.48 -1.27
N TYR C 263 -17.89 -14.77 -1.32
CA TYR C 263 -18.12 -15.45 -2.59
C TYR C 263 -19.26 -14.82 -3.40
N GLU C 264 -20.26 -14.27 -2.71
CA GLU C 264 -21.43 -13.71 -3.41
C GLU C 264 -21.13 -12.38 -4.08
N ARG C 265 -19.92 -11.87 -3.84
CA ARG C 265 -19.45 -10.66 -4.51
C ARG C 265 -18.83 -11.03 -5.85
N SER C 266 -19.61 -11.73 -6.66
CA SER C 266 -19.19 -12.19 -7.97
C SER C 266 -20.46 -12.31 -8.81
N GLY C 267 -20.33 -12.65 -10.09
CA GLY C 267 -21.50 -12.87 -10.91
C GLY C 267 -21.55 -12.10 -12.20
N LEU C 268 -22.68 -12.21 -12.89
CA LEU C 268 -22.85 -11.61 -14.21
C LEU C 268 -23.94 -10.54 -14.23
N THR C 269 -23.73 -9.45 -14.97
CA THR C 269 -24.76 -8.42 -15.19
C THR C 269 -24.79 -8.03 -16.67
N SER C 270 -25.60 -7.05 -17.02
CA SER C 270 -25.64 -6.57 -18.40
C SER C 270 -24.40 -5.72 -18.75
N LYS C 271 -23.68 -5.34 -17.70
CA LYS C 271 -22.49 -4.48 -17.80
C LYS C 271 -21.16 -5.25 -17.87
N GLY C 272 -20.87 -5.97 -16.78
CA GLY C 272 -19.67 -6.78 -16.70
C GLY C 272 -19.89 -8.09 -15.98
N SER C 273 -18.80 -8.71 -15.55
CA SER C 273 -18.84 -9.99 -14.87
C SER C 273 -17.67 -10.11 -13.90
N ILE C 274 -17.92 -10.70 -12.74
CA ILE C 274 -16.83 -11.14 -11.87
C ILE C 274 -16.88 -12.65 -11.75
N THR C 275 -15.90 -13.30 -12.36
CA THR C 275 -15.72 -14.74 -12.20
C THR C 275 -14.79 -15.01 -11.00
N LEU C 276 -15.26 -15.81 -10.06
CA LEU C 276 -14.52 -15.99 -8.82
C LEU C 276 -14.06 -17.45 -8.61
N ILE C 277 -12.76 -17.62 -8.32
CA ILE C 277 -12.22 -18.94 -8.02
C ILE C 277 -11.50 -18.95 -6.68
N PRO C 278 -12.21 -19.32 -5.61
CA PRO C 278 -11.60 -19.47 -4.29
C PRO C 278 -10.84 -20.79 -4.25
N MET C 279 -9.57 -20.75 -3.86
CA MET C 279 -8.73 -21.92 -3.80
C MET C 279 -8.34 -22.19 -2.36
N LEU C 280 -8.35 -23.46 -1.97
CA LEU C 280 -8.10 -23.82 -0.59
C LEU C 280 -7.39 -25.16 -0.42
N THR C 281 -6.74 -25.32 0.73
CA THR C 281 -6.12 -26.57 1.08
C THR C 281 -7.06 -27.36 2.00
N MET C 282 -7.40 -28.58 1.61
CA MET C 282 -8.16 -29.47 2.47
C MET C 282 -7.23 -30.01 3.56
N PRO C 283 -7.41 -29.53 4.80
CA PRO C 283 -6.49 -29.74 5.94
C PRO C 283 -5.80 -31.13 6.06
N GLY C 284 -6.58 -32.20 6.09
CA GLY C 284 -5.93 -33.51 6.21
C GLY C 284 -6.23 -34.33 4.97
N ASN C 285 -6.19 -33.67 3.82
CA ASN C 285 -6.86 -34.17 2.62
C ASN C 285 -8.31 -34.58 2.95
N ASP C 286 -8.95 -33.80 3.83
CA ASP C 286 -10.30 -34.08 4.30
C ASP C 286 -11.31 -33.07 3.71
N ILE C 287 -12.06 -33.51 2.72
CA ILE C 287 -13.03 -32.65 2.03
C ILE C 287 -14.25 -32.32 2.88
N THR C 288 -14.40 -33.03 4.02
CA THR C 288 -15.53 -32.80 4.92
C THR C 288 -15.17 -31.81 6.03
N HIS C 289 -13.93 -31.31 5.99
CA HIS C 289 -13.50 -30.25 6.89
C HIS C 289 -14.39 -29.05 6.65
N VAL C 290 -14.59 -28.23 7.69
CA VAL C 290 -15.57 -27.17 7.62
C VAL C 290 -15.26 -26.17 6.48
N VAL C 291 -13.98 -25.90 6.24
CA VAL C 291 -13.61 -24.96 5.17
C VAL C 291 -14.04 -25.43 3.76
N PRO C 292 -13.53 -26.59 3.30
CA PRO C 292 -14.02 -27.10 2.00
C PRO C 292 -15.51 -27.38 2.00
N ASP C 293 -16.06 -27.88 3.10
CA ASP C 293 -17.48 -28.21 3.16
C ASP C 293 -18.35 -26.99 2.90
N LEU C 294 -18.05 -25.88 3.59
CA LEU C 294 -18.85 -24.66 3.43
C LEU C 294 -18.61 -24.01 2.06
N THR C 295 -17.35 -23.94 1.65
CA THR C 295 -17.03 -23.34 0.36
C THR C 295 -17.80 -24.06 -0.76
N GLY C 296 -17.70 -25.39 -0.79
CA GLY C 296 -18.36 -26.19 -1.80
C GLY C 296 -19.87 -26.17 -1.71
N TYR C 297 -20.38 -25.84 -0.52
CA TYR C 297 -21.83 -25.67 -0.32
C TYR C 297 -22.32 -24.43 -1.07
N ILE C 298 -21.48 -23.39 -1.05
CA ILE C 298 -21.84 -22.08 -1.56
C ILE C 298 -21.54 -21.94 -3.05
N THR C 299 -20.38 -22.46 -3.47
CA THR C 299 -19.95 -22.31 -4.87
C THR C 299 -20.66 -23.24 -5.83
N GLU C 300 -20.54 -22.91 -7.10
CA GLU C 300 -21.20 -23.61 -8.19
C GLU C 300 -20.30 -24.76 -8.71
N GLY C 301 -19.82 -25.55 -7.76
CA GLY C 301 -18.91 -26.63 -8.06
C GLY C 301 -17.51 -26.35 -7.57
N GLN C 302 -16.61 -27.28 -7.85
CA GLN C 302 -15.20 -27.12 -7.49
C GLN C 302 -14.34 -28.09 -8.31
N TYR C 303 -13.10 -27.67 -8.58
CA TYR C 303 -12.08 -28.55 -9.14
C TYR C 303 -11.32 -29.18 -8.01
N VAL C 304 -11.22 -30.51 -8.02
CA VAL C 304 -10.48 -31.22 -6.96
C VAL C 304 -9.15 -31.77 -7.49
N LEU C 305 -8.08 -31.55 -6.75
CA LEU C 305 -6.77 -32.01 -7.17
C LEU C 305 -6.49 -33.43 -6.66
N SER C 306 -5.86 -34.24 -7.52
CA SER C 306 -5.67 -35.66 -7.24
C SER C 306 -4.28 -35.99 -6.70
N GLN C 307 -4.23 -36.48 -5.46
CA GLN C 307 -2.99 -36.97 -4.86
C GLN C 307 -2.41 -38.12 -5.70
N ASP C 308 -3.29 -38.98 -6.21
CA ASP C 308 -2.91 -40.09 -7.06
C ASP C 308 -2.19 -39.62 -8.34
N LEU C 309 -2.76 -38.63 -9.01
CA LEU C 309 -2.16 -38.10 -10.26
C LEU C 309 -0.81 -37.42 -9.98
N HIS C 310 -0.69 -36.77 -8.82
CA HIS C 310 0.53 -36.06 -8.47
C HIS C 310 1.68 -37.06 -8.30
N SER C 311 1.37 -38.20 -7.68
CA SER C 311 2.32 -39.29 -7.48
C SER C 311 2.84 -39.82 -8.82
N LYS C 312 1.98 -39.80 -9.83
CA LYS C 312 2.35 -40.24 -11.18
C LYS C 312 3.04 -39.12 -11.97
N ASN C 313 3.46 -38.05 -11.28
CA ASN C 313 4.05 -36.88 -11.95
C ASN C 313 3.19 -36.27 -13.05
N ILE C 314 1.88 -36.21 -12.82
CA ILE C 314 0.98 -35.56 -13.76
C ILE C 314 0.67 -34.14 -13.28
N TYR C 315 1.06 -33.16 -14.10
CA TYR C 315 0.64 -31.78 -13.89
C TYR C 315 -0.47 -31.42 -14.90
N PRO C 316 -1.25 -30.37 -14.57
CA PRO C 316 -2.39 -30.27 -13.64
C PRO C 316 -2.98 -31.59 -13.15
N PRO C 317 -2.74 -31.93 -11.87
CA PRO C 317 -3.32 -33.10 -11.20
C PRO C 317 -4.81 -32.89 -10.88
N ILE C 318 -5.61 -32.72 -11.93
CA ILE C 318 -7.04 -32.50 -11.79
C ILE C 318 -7.85 -33.79 -11.86
N ASP C 319 -8.52 -34.11 -10.75
CA ASP C 319 -9.37 -35.28 -10.64
C ASP C 319 -10.62 -35.02 -11.49
N LEU C 320 -10.76 -35.78 -12.58
CA LEU C 320 -11.88 -35.61 -13.51
C LEU C 320 -13.23 -36.01 -12.94
N LEU C 321 -13.23 -36.96 -12.02
CA LEU C 321 -14.48 -37.52 -11.53
C LEU C 321 -14.98 -36.77 -10.33
N LYS C 322 -14.07 -36.14 -9.60
CA LYS C 322 -14.46 -35.41 -8.39
C LYS C 322 -14.68 -33.93 -8.64
N SER C 323 -14.27 -33.45 -9.81
CA SER C 323 -14.48 -32.07 -10.17
C SER C 323 -15.88 -31.92 -10.74
N LEU C 324 -16.43 -30.73 -10.59
CA LEU C 324 -17.79 -30.48 -10.99
C LEU C 324 -18.00 -28.99 -11.23
N SER C 325 -18.62 -28.67 -12.36
CA SER C 325 -19.03 -27.30 -12.66
C SER C 325 -20.54 -27.27 -12.86
N ARG C 326 -21.25 -26.70 -11.89
CA ARG C 326 -22.70 -26.76 -11.89
C ARG C 326 -23.34 -25.94 -13.01
N LEU C 327 -22.63 -24.91 -13.46
CA LEU C 327 -23.14 -24.07 -14.55
C LEU C 327 -22.65 -24.49 -15.94
N ALA C 328 -21.68 -25.41 -15.98
CA ALA C 328 -21.04 -25.82 -17.25
C ALA C 328 -22.02 -26.07 -18.39
N LYS C 329 -23.06 -26.84 -18.13
CA LYS C 329 -24.01 -27.22 -19.19
C LYS C 329 -24.74 -26.06 -19.82
N ASN C 330 -24.80 -24.94 -19.11
CA ASN C 330 -25.51 -23.77 -19.61
C ASN C 330 -24.71 -22.95 -20.62
N GLY C 331 -23.44 -23.31 -20.79
CA GLY C 331 -22.56 -22.64 -21.74
C GLY C 331 -21.98 -23.59 -22.77
N MET C 332 -22.33 -24.87 -22.67
CA MET C 332 -21.83 -25.88 -23.59
C MET C 332 -22.73 -26.07 -24.82
N SER C 333 -22.10 -26.14 -26.00
CA SER C 333 -22.81 -26.55 -27.22
C SER C 333 -23.11 -28.05 -27.15
N LYS C 334 -24.03 -28.55 -27.97
CA LYS C 334 -24.38 -29.98 -27.99
C LYS C 334 -23.14 -30.85 -28.28
N LYS C 335 -22.27 -30.37 -29.15
CA LYS C 335 -21.02 -31.05 -29.45
C LYS C 335 -20.18 -31.15 -28.16
N HIS C 336 -20.04 -30.02 -27.47
CA HIS C 336 -19.24 -29.93 -26.25
C HIS C 336 -19.77 -30.91 -25.18
N LYS C 337 -21.09 -30.96 -24.99
CA LYS C 337 -21.68 -31.84 -23.99
C LYS C 337 -21.40 -33.30 -24.28
N LYS C 338 -21.44 -33.69 -25.56
CA LYS C 338 -21.15 -35.08 -25.90
C LYS C 338 -19.69 -35.43 -25.60
N TYR C 339 -18.75 -34.59 -26.03
CA TYR C 339 -17.34 -34.80 -25.67
C TYR C 339 -17.19 -34.94 -24.15
N ALA C 340 -17.83 -34.03 -23.41
CA ALA C 340 -17.79 -34.04 -21.95
C ALA C 340 -18.32 -35.37 -21.41
N ASP C 341 -19.48 -35.75 -21.92
CA ASP C 341 -20.14 -36.99 -21.55
C ASP C 341 -19.28 -38.25 -21.81
N ILE C 342 -18.76 -38.39 -23.02
CA ILE C 342 -17.93 -39.55 -23.35
C ILE C 342 -16.68 -39.57 -22.50
N LEU C 343 -16.01 -38.42 -22.35
CA LEU C 343 -14.76 -38.36 -21.60
C LEU C 343 -14.96 -38.87 -20.18
N ILE C 344 -15.98 -38.33 -19.50
CA ILE C 344 -16.25 -38.69 -18.10
C ILE C 344 -16.67 -40.14 -17.89
N LYS C 345 -17.66 -40.64 -18.62
CA LYS C 345 -18.10 -42.00 -18.38
C LYS C 345 -16.99 -42.99 -18.77
N SER C 346 -16.31 -42.74 -19.89
CA SER C 346 -15.27 -43.66 -20.34
C SER C 346 -14.09 -43.64 -19.37
N TYR C 347 -13.69 -42.45 -18.92
CA TYR C 347 -12.64 -42.35 -17.91
C TYR C 347 -13.04 -43.10 -16.65
N ALA C 348 -14.28 -42.92 -16.22
CA ALA C 348 -14.81 -43.64 -15.06
C ALA C 348 -14.80 -45.16 -15.30
N LYS C 349 -15.31 -45.58 -16.45
CA LYS C 349 -15.30 -46.98 -16.85
C LYS C 349 -13.88 -47.55 -16.79
N GLY C 350 -12.92 -46.76 -17.26
CA GLY C 350 -11.53 -47.18 -17.35
C GLY C 350 -10.88 -47.35 -16.00
N LEU C 351 -11.35 -46.58 -15.04
CA LEU C 351 -10.83 -46.70 -13.68
C LEU C 351 -11.37 -47.93 -12.98
N GLU C 352 -12.60 -48.32 -13.31
CA GLU C 352 -13.18 -49.57 -12.84
C GLU C 352 -12.30 -50.70 -13.32
N ALA C 353 -12.09 -50.73 -14.63
CA ALA C 353 -11.28 -51.74 -15.29
C ALA C 353 -9.92 -51.86 -14.60
N ARG C 354 -9.35 -50.72 -14.27
CA ARG C 354 -8.06 -50.66 -13.60
C ARG C 354 -8.09 -51.33 -12.23
N ASP C 355 -9.19 -51.16 -11.49
CA ASP C 355 -9.36 -51.78 -10.17
C ASP C 355 -9.51 -53.30 -10.29
N ILE C 356 -10.31 -53.75 -11.26
CA ILE C 356 -10.43 -55.16 -11.55
C ILE C 356 -9.05 -55.75 -11.87
N ALA C 357 -8.28 -55.05 -12.71
CA ALA C 357 -6.95 -55.51 -13.15
C ALA C 357 -5.96 -55.69 -12.00
N THR C 358 -6.09 -54.88 -10.95
CA THR C 358 -5.19 -54.99 -9.80
C THR C 358 -5.42 -56.28 -9.02
N ILE C 359 -6.48 -57.01 -9.36
CA ILE C 359 -6.88 -58.23 -8.65
C ILE C 359 -6.71 -59.50 -9.50
N VAL C 360 -6.94 -59.40 -10.81
CA VAL C 360 -6.88 -60.56 -11.70
C VAL C 360 -5.95 -60.36 -12.91
N GLY C 361 -5.42 -59.14 -13.05
CA GLY C 361 -4.53 -58.82 -14.16
C GLY C 361 -5.29 -58.38 -15.39
N GLU C 362 -4.59 -57.73 -16.32
CA GLU C 362 -5.23 -57.20 -17.52
C GLU C 362 -5.74 -58.33 -18.43
N ASP C 363 -5.18 -59.52 -18.24
CA ASP C 363 -5.52 -60.66 -19.11
C ASP C 363 -6.94 -61.13 -18.86
N SER C 364 -7.36 -61.06 -17.60
CA SER C 364 -8.72 -61.43 -17.19
C SER C 364 -9.76 -60.33 -17.45
N LEU C 365 -9.41 -59.30 -18.21
CA LEU C 365 -10.35 -58.25 -18.58
C LEU C 365 -11.08 -58.57 -19.89
N SER C 366 -12.32 -58.13 -19.98
CA SER C 366 -13.07 -58.19 -21.23
C SER C 366 -12.38 -57.30 -22.28
N LYS C 367 -12.67 -57.52 -23.56
CA LYS C 367 -12.10 -56.64 -24.57
C LYS C 367 -12.59 -55.21 -24.38
N GLU C 368 -13.82 -55.09 -23.86
CA GLU C 368 -14.42 -53.80 -23.55
C GLU C 368 -13.63 -53.11 -22.45
N ASP C 369 -13.44 -53.80 -21.34
CA ASP C 369 -12.71 -53.20 -20.22
C ASP C 369 -11.26 -52.86 -20.57
N LYS C 370 -10.66 -53.62 -21.48
CA LYS C 370 -9.30 -53.32 -21.90
C LYS C 370 -9.24 -52.01 -22.68
N ALA C 371 -10.29 -51.75 -23.46
CA ALA C 371 -10.40 -50.52 -24.22
C ALA C 371 -10.55 -49.32 -23.29
N TYR C 372 -11.43 -49.44 -22.30
CA TYR C 372 -11.63 -48.39 -21.30
C TYR C 372 -10.36 -48.15 -20.48
N LEU C 373 -9.71 -49.23 -20.09
CA LEU C 373 -8.46 -49.13 -19.33
C LEU C 373 -7.38 -48.38 -20.11
N LYS C 374 -7.31 -48.66 -21.40
CA LYS C 374 -6.42 -47.97 -22.34
C LYS C 374 -6.79 -46.47 -22.41
N PHE C 375 -8.08 -46.21 -22.59
CA PHE C 375 -8.61 -44.85 -22.61
C PHE C 375 -8.19 -44.04 -21.38
N ALA C 376 -8.43 -44.60 -20.19
CA ALA C 376 -8.11 -43.92 -18.95
C ALA C 376 -6.61 -43.65 -18.81
N GLU C 377 -5.81 -44.61 -19.27
CA GLU C 377 -4.36 -44.48 -19.22
C GLU C 377 -3.88 -43.38 -20.19
N LEU C 378 -4.46 -43.34 -21.38
CA LEU C 378 -4.13 -42.29 -22.35
C LEU C 378 -4.61 -40.91 -21.88
N VAL C 379 -5.83 -40.85 -21.35
CA VAL C 379 -6.36 -39.61 -20.81
C VAL C 379 -5.41 -39.00 -19.78
N GLU C 380 -4.91 -39.84 -18.87
CA GLU C 380 -3.98 -39.39 -17.85
C GLU C 380 -2.69 -38.86 -18.46
N LYS C 381 -2.20 -39.53 -19.50
CA LYS C 381 -0.88 -39.23 -20.09
C LYS C 381 -0.83 -38.17 -21.18
N GLU C 382 -1.93 -38.00 -21.89
CA GLU C 382 -1.92 -37.09 -23.03
C GLU C 382 -2.99 -36.00 -22.97
N PHE C 383 -3.91 -36.10 -22.03
CA PHE C 383 -5.01 -35.15 -21.97
C PHE C 383 -4.95 -34.27 -20.70
N ILE C 384 -5.00 -34.90 -19.53
CA ILE C 384 -4.89 -34.20 -18.25
C ILE C 384 -3.49 -33.60 -18.13
N LYS C 385 -2.48 -34.45 -18.37
CA LYS C 385 -1.09 -34.01 -18.37
C LYS C 385 -0.88 -32.95 -19.45
N GLN C 386 -0.46 -31.78 -19.01
CA GLN C 386 -0.34 -30.65 -19.90
C GLN C 386 0.83 -29.80 -19.42
N ASP C 387 1.54 -29.21 -20.37
CA ASP C 387 2.68 -28.38 -20.05
C ASP C 387 2.17 -27.06 -19.48
N TYR C 388 2.81 -26.58 -18.41
CA TYR C 388 2.48 -25.31 -17.78
C TYR C 388 2.38 -24.19 -18.82
N TYR C 389 3.26 -24.22 -19.80
CA TYR C 389 3.34 -23.16 -20.82
C TYR C 389 2.51 -23.50 -22.04
N GLU C 390 1.77 -24.60 -21.97
CA GLU C 390 0.96 -24.97 -23.11
C GLU C 390 -0.48 -24.47 -22.96
N TYR C 391 -0.97 -23.86 -24.03
CA TYR C 391 -2.35 -23.40 -24.06
C TYR C 391 -3.09 -24.25 -25.07
N ARG C 392 -4.06 -25.04 -24.61
CA ARG C 392 -4.85 -25.82 -25.53
C ARG C 392 -6.21 -25.19 -25.82
N SER C 393 -6.43 -24.87 -27.08
CA SER C 393 -7.74 -24.42 -27.54
C SER C 393 -8.73 -25.55 -27.33
N ILE C 394 -10.01 -25.21 -27.25
CA ILE C 394 -11.05 -26.22 -27.09
C ILE C 394 -11.04 -27.23 -28.22
N GLU C 395 -10.77 -26.78 -29.44
CA GLU C 395 -10.74 -27.70 -30.59
C GLU C 395 -9.57 -28.68 -30.49
N LYS C 396 -8.41 -28.17 -30.08
CA LYS C 396 -7.24 -29.00 -29.78
C LYS C 396 -7.60 -30.06 -28.75
N SER C 397 -8.26 -29.63 -27.67
CA SER C 397 -8.66 -30.53 -26.57
C SER C 397 -9.63 -31.60 -27.05
N PHE C 398 -10.52 -31.23 -27.96
CA PHE C 398 -11.44 -32.20 -28.56
C PHE C 398 -10.72 -33.24 -29.41
N GLU C 399 -9.73 -32.79 -30.17
CA GLU C 399 -9.04 -33.68 -31.08
C GLU C 399 -8.10 -34.63 -30.36
N ILE C 400 -7.69 -34.26 -29.14
CA ILE C 400 -6.97 -35.18 -28.28
C ILE C 400 -7.89 -36.34 -27.93
N ILE C 401 -9.14 -36.04 -27.63
CA ILE C 401 -10.11 -37.05 -27.24
C ILE C 401 -10.45 -37.94 -28.43
N ASP C 402 -10.64 -37.32 -29.60
CA ASP C 402 -10.84 -38.03 -30.85
C ASP C 402 -9.71 -39.04 -31.06
N SER C 403 -8.48 -38.58 -30.90
CA SER C 403 -7.31 -39.42 -31.03
C SER C 403 -7.30 -40.55 -30.00
N ILE C 404 -7.55 -40.22 -28.74
CA ILE C 404 -7.49 -41.19 -27.65
C ILE C 404 -8.56 -42.27 -27.83
N LEU C 405 -9.75 -41.84 -28.24
CA LEU C 405 -10.85 -42.76 -28.59
C LEU C 405 -10.45 -43.77 -29.67
N SER C 406 -9.77 -43.28 -30.70
CA SER C 406 -9.33 -44.10 -31.79
C SER C 406 -8.29 -45.12 -31.29
N GLN C 407 -7.33 -44.67 -30.48
CA GLN C 407 -6.26 -45.55 -30.00
C GLN C 407 -6.76 -46.61 -29.03
N SER C 408 -7.94 -46.41 -28.48
CA SER C 408 -8.44 -47.33 -27.47
C SER C 408 -9.36 -48.36 -28.11
N GLY C 409 -9.87 -48.02 -29.29
CA GLY C 409 -10.76 -48.90 -30.01
C GLY C 409 -12.08 -49.00 -29.29
N LEU C 410 -12.77 -47.87 -29.27
CA LEU C 410 -14.08 -47.81 -28.69
C LEU C 410 -15.06 -47.37 -29.75
N PRO C 411 -16.30 -47.81 -29.62
CA PRO C 411 -17.45 -47.41 -30.43
C PRO C 411 -17.90 -45.96 -30.14
N LYS D 5 41.37 -3.28 -2.10
CA LYS D 5 40.66 -4.31 -2.86
C LYS D 5 39.22 -4.49 -2.36
N PRO D 6 38.23 -4.07 -3.18
CA PRO D 6 36.80 -4.12 -2.81
C PRO D 6 36.38 -5.52 -2.40
N PRO D 7 35.53 -5.61 -1.37
CA PRO D 7 35.03 -6.88 -0.82
C PRO D 7 33.79 -7.37 -1.56
N LEU D 8 33.12 -6.46 -2.26
CA LEU D 8 31.87 -6.76 -2.93
C LEU D 8 32.07 -6.62 -4.45
N ILE D 9 31.97 -7.75 -5.15
CA ILE D 9 32.27 -7.77 -6.57
C ILE D 9 31.06 -8.19 -7.43
N ALA D 10 30.71 -7.33 -8.41
CA ALA D 10 29.60 -7.61 -9.32
C ALA D 10 30.05 -8.61 -10.38
N VAL D 11 29.22 -9.62 -10.61
CA VAL D 11 29.54 -10.71 -11.55
C VAL D 11 28.32 -11.12 -12.37
N GLU D 12 28.58 -11.57 -13.60
CA GLU D 12 27.52 -12.09 -14.44
C GLU D 12 27.51 -13.62 -14.37
N LEU D 13 26.44 -14.17 -13.81
CA LEU D 13 26.29 -15.62 -13.67
C LEU D 13 24.91 -16.10 -14.11
N GLU D 14 24.91 -17.06 -15.05
CA GLU D 14 23.68 -17.64 -15.54
C GLU D 14 23.11 -18.57 -14.49
N ASN D 15 21.86 -18.33 -14.09
CA ASN D 15 21.22 -19.08 -13.01
C ASN D 15 22.11 -19.19 -11.79
N PRO D 16 22.29 -18.08 -11.05
CA PRO D 16 23.20 -18.13 -9.90
C PRO D 16 22.49 -18.50 -8.60
N LEU D 18 22.03 -18.87 -4.93
CA LEU D 18 22.37 -17.85 -3.93
C LEU D 18 23.25 -18.40 -2.81
N GLY D 19 24.51 -18.68 -3.15
CA GLY D 19 25.47 -19.19 -2.17
C GLY D 19 26.67 -19.83 -2.84
N GLU D 20 26.62 -19.91 -4.17
CA GLU D 20 27.70 -20.52 -4.93
C GLU D 20 29.06 -19.88 -4.71
N VAL D 21 29.96 -20.58 -4.01
CA VAL D 21 31.35 -20.14 -3.95
C VAL D 21 32.00 -20.34 -5.32
N ILE D 22 32.54 -19.26 -5.90
CA ILE D 22 32.96 -19.25 -7.30
C ILE D 22 34.24 -18.47 -7.54
N ASP D 23 34.68 -18.45 -8.80
CA ASP D 23 35.57 -17.41 -9.33
C ASP D 23 35.15 -17.02 -10.75
N THR D 27 38.76 -14.83 -7.79
CA THR D 27 39.14 -15.93 -6.92
C THR D 27 37.99 -16.29 -6.00
N LYS D 28 38.30 -16.59 -4.74
CA LYS D 28 37.27 -16.91 -3.76
C LYS D 28 36.29 -15.77 -3.52
N ALA D 29 35.06 -15.92 -4.02
CA ALA D 29 33.97 -15.07 -3.54
C ALA D 29 32.63 -15.81 -3.47
N ILE D 30 31.77 -15.38 -2.57
CA ILE D 30 30.46 -16.01 -2.36
C ILE D 30 29.32 -15.15 -2.87
N VAL D 31 28.42 -15.74 -3.65
CA VAL D 31 27.24 -15.04 -4.16
C VAL D 31 26.26 -14.74 -3.02
N ILE D 32 26.05 -13.45 -2.75
CA ILE D 32 25.24 -12.97 -1.63
C ILE D 32 23.92 -12.36 -2.07
N ALA D 33 23.76 -12.17 -3.38
CA ALA D 33 22.51 -11.64 -3.97
C ALA D 33 22.51 -11.75 -5.50
N ALA D 34 21.32 -11.81 -6.08
CA ALA D 34 21.20 -11.93 -7.54
C ALA D 34 19.85 -11.49 -8.08
N TYR D 35 19.86 -11.07 -9.34
CA TYR D 35 18.66 -10.76 -10.08
C TYR D 35 18.97 -11.04 -11.56
N GLU D 36 18.23 -11.96 -12.19
CA GLU D 36 18.51 -12.39 -13.55
C GLU D 36 19.95 -12.90 -13.67
N ASN D 37 20.66 -12.41 -14.68
CA ASN D 37 22.05 -12.79 -14.90
C ASN D 37 23.04 -11.97 -14.10
N LYS D 38 22.53 -11.07 -13.25
CA LYS D 38 23.37 -10.18 -12.45
C LYS D 38 23.49 -10.68 -11.00
N ALA D 39 24.71 -10.69 -10.49
CA ALA D 39 24.95 -11.16 -9.12
C ALA D 39 25.97 -10.32 -8.34
N LEU D 40 25.95 -10.48 -7.02
CA LEU D 40 26.88 -9.80 -6.14
C LEU D 40 27.65 -10.83 -5.35
N ALA D 41 28.97 -10.73 -5.37
CA ALA D 41 29.80 -11.70 -4.69
C ALA D 41 30.66 -10.99 -3.66
N LEU D 42 30.73 -11.62 -2.48
CA LEU D 42 31.48 -11.08 -1.35
C LEU D 42 32.79 -11.84 -1.20
N LEU D 43 33.87 -11.10 -0.93
CA LEU D 43 35.16 -11.72 -0.60
C LEU D 43 35.11 -12.42 0.76
N THR D 60 33.41 -10.97 -14.13
CA THR D 60 32.93 -9.68 -13.67
C THR D 60 31.86 -9.15 -14.62
N TYR D 61 30.87 -8.45 -14.06
CA TYR D 61 29.82 -7.85 -14.86
C TYR D 61 30.37 -6.67 -15.66
N LYS D 62 30.09 -6.68 -16.97
CA LYS D 62 30.57 -5.62 -17.85
C LYS D 62 29.42 -4.94 -18.59
N ILE D 63 29.61 -3.67 -18.90
CA ILE D 63 28.64 -2.95 -19.71
C ILE D 63 29.32 -2.31 -20.92
N ALA D 64 28.54 -2.09 -21.96
CA ALA D 64 28.99 -1.29 -23.08
C ALA D 64 29.22 0.12 -22.55
N VAL D 65 30.27 0.77 -23.04
CA VAL D 65 30.52 2.19 -22.79
C VAL D 65 30.61 2.93 -24.12
N SER D 66 30.14 4.18 -24.14
CA SER D 66 29.94 4.92 -25.37
C SER D 66 29.49 6.34 -25.03
N GLU D 67 29.77 7.29 -25.91
CA GLU D 67 29.32 8.64 -25.66
C GLU D 67 27.82 8.75 -25.93
N ASP D 68 27.25 7.66 -26.44
CA ASP D 68 25.83 7.62 -26.78
C ASP D 68 24.97 7.56 -25.53
N TYR D 69 25.60 7.26 -24.39
CA TYR D 69 24.92 7.26 -23.11
C TYR D 69 24.46 8.67 -22.77
N ILE D 70 25.26 9.64 -23.18
CA ILE D 70 24.91 11.05 -22.95
C ILE D 70 23.62 11.43 -23.66
N GLY D 71 22.64 11.86 -22.89
CA GLY D 71 21.34 12.22 -23.41
C GLY D 71 20.32 11.15 -23.07
N GLY D 72 20.82 10.00 -22.65
CA GLY D 72 19.94 8.89 -22.30
C GLY D 72 19.50 8.79 -20.84
N ILE D 73 18.61 7.85 -20.58
CA ILE D 73 18.17 7.55 -19.23
C ILE D 73 18.23 6.05 -19.06
N PHE D 74 18.85 5.60 -17.98
CA PHE D 74 19.07 4.17 -17.76
C PHE D 74 18.71 3.74 -16.35
N ASN D 75 18.45 2.46 -16.18
CA ASN D 75 18.25 1.88 -14.85
C ASN D 75 19.60 1.63 -14.15
N GLY D 76 19.56 0.97 -12.99
CA GLY D 76 20.78 0.72 -12.22
C GLY D 76 21.71 -0.28 -12.88
N PHE D 77 21.21 -0.98 -13.89
CA PHE D 77 21.97 -2.03 -14.58
C PHE D 77 22.67 -1.50 -15.83
N GLY D 78 22.28 -0.32 -16.26
CA GLY D 78 22.85 0.27 -17.45
C GLY D 78 21.94 0.08 -18.65
N GLU D 79 20.83 -0.65 -18.44
CA GLU D 79 19.79 -0.84 -19.44
C GLU D 79 18.97 0.44 -19.66
N PRO D 80 18.85 0.88 -20.93
CA PRO D 80 18.07 2.08 -21.27
C PRO D 80 16.62 1.99 -20.80
N ILE D 81 16.07 3.13 -20.37
CA ILE D 81 14.66 3.20 -20.01
C ILE D 81 13.85 3.74 -21.19
N PRO D 84 16.75 3.62 -26.11
CA PRO D 84 17.71 3.39 -27.19
C PRO D 84 19.04 2.72 -26.80
N LYS D 85 19.15 1.41 -27.04
CA LYS D 85 20.34 0.65 -26.70
C LYS D 85 21.65 1.22 -27.24
N PRO D 86 22.19 2.21 -26.52
CA PRO D 86 23.42 2.91 -26.90
C PRO D 86 24.50 2.03 -27.53
N TYR D 87 24.92 2.41 -28.74
CA TYR D 87 25.86 1.61 -29.52
C TYR D 87 27.27 1.53 -28.93
N PRO D 88 27.69 0.31 -28.56
CA PRO D 88 28.88 -0.08 -27.78
C PRO D 88 30.21 0.24 -28.46
N GLU D 89 30.90 1.27 -27.94
CA GLU D 89 32.26 1.62 -28.35
C GLU D 89 33.34 0.78 -27.67
N ASP D 90 32.96 0.05 -26.61
CA ASP D 90 33.85 -0.87 -25.88
C ASP D 90 33.11 -1.50 -24.68
N TYR D 91 33.75 -2.46 -24.01
CA TYR D 91 33.19 -3.04 -22.76
C TYR D 91 34.07 -2.80 -21.56
N ARG D 92 33.43 -2.46 -20.44
CA ARG D 92 34.17 -2.15 -19.24
C ARG D 92 33.64 -2.90 -18.03
N ASP D 93 34.57 -3.42 -17.23
CA ASP D 93 34.23 -3.99 -15.93
C ASP D 93 33.67 -2.87 -15.03
N ILE D 94 32.50 -3.11 -14.45
CA ILE D 94 31.86 -2.09 -13.61
C ILE D 94 32.43 -2.02 -12.20
N ASN D 95 33.36 -2.91 -11.89
CA ASN D 95 34.06 -2.86 -10.61
C ASN D 95 35.29 -1.95 -10.65
N GLY D 96 35.75 -1.59 -11.85
CA GLY D 96 36.91 -0.71 -12.00
C GLY D 96 38.25 -1.41 -11.73
N ALA D 103 48.31 8.12 -13.63
CA ALA D 103 48.44 8.42 -12.20
C ALA D 103 47.64 9.64 -11.74
N ARG D 104 47.31 9.65 -10.45
CA ARG D 104 46.52 10.72 -9.84
C ARG D 104 47.33 11.99 -9.59
N LYS D 105 46.67 13.13 -9.76
CA LYS D 105 47.23 14.44 -9.40
C LYS D 105 46.36 15.12 -8.36
N VAL D 106 46.96 16.02 -7.59
CA VAL D 106 46.19 16.79 -6.63
C VAL D 106 45.44 17.92 -7.32
N PRO D 107 44.10 17.94 -7.18
CA PRO D 107 43.21 18.95 -7.77
C PRO D 107 43.64 20.37 -7.45
N ASN D 108 43.47 21.30 -8.38
CA ASN D 108 43.93 22.68 -8.21
C ASN D 108 43.13 23.72 -9.00
N GLU D 109 42.08 23.27 -9.70
CA GLU D 109 41.18 24.18 -10.41
C GLU D 109 39.75 24.08 -9.87
N ILE D 110 39.20 25.24 -9.50
CA ILE D 110 37.81 25.31 -9.08
C ILE D 110 36.83 24.94 -10.19
N LEU D 111 35.89 24.05 -9.84
CA LEU D 111 34.70 23.78 -10.65
C LEU D 111 33.55 24.65 -10.11
N TYR D 112 33.25 25.75 -10.80
CA TYR D 112 32.22 26.68 -10.34
C TYR D 112 30.80 26.13 -10.47
N THR D 113 30.03 26.25 -9.38
CA THR D 113 28.65 25.78 -9.38
C THR D 113 27.68 26.90 -9.72
N GLY D 114 28.17 28.14 -9.66
CA GLY D 114 27.29 29.30 -9.81
C GLY D 114 26.39 29.44 -8.61
N ILE D 115 26.76 28.76 -7.51
CA ILE D 115 26.04 28.91 -6.25
C ILE D 115 26.94 29.57 -5.20
N SER D 116 26.56 30.77 -4.75
CA SER D 116 27.41 31.60 -3.89
C SER D 116 27.83 30.94 -2.59
N SER D 117 26.87 30.30 -1.90
CA SER D 117 27.12 29.62 -0.64
C SER D 117 28.20 28.53 -0.78
N ILE D 118 28.38 28.05 -2.00
CA ILE D 118 29.44 27.11 -2.29
C ILE D 118 30.70 27.78 -2.83
N ASP D 119 30.54 28.56 -3.89
CA ASP D 119 31.68 29.01 -4.70
C ASP D 119 32.67 29.89 -3.95
N VAL D 120 32.18 30.67 -2.99
CA VAL D 120 33.07 31.58 -2.27
C VAL D 120 33.85 30.91 -1.14
N ALA D 121 33.15 30.42 -0.12
CA ALA D 121 33.81 29.95 1.09
C ALA D 121 34.30 28.51 0.99
N HIS D 122 33.54 27.70 0.26
CA HIS D 122 33.84 26.28 0.16
C HIS D 122 33.86 25.77 -1.28
N PRO D 123 34.68 26.41 -2.16
CA PRO D 123 34.61 26.00 -3.56
C PRO D 123 35.03 24.55 -3.75
N LEU D 124 34.51 23.98 -4.83
CA LEU D 124 34.72 22.60 -5.16
C LEU D 124 35.78 22.52 -6.28
N LEU D 125 36.66 21.54 -6.23
CA LEU D 125 37.74 21.47 -7.22
C LEU D 125 37.56 20.29 -8.18
N LYS D 126 37.96 20.45 -9.44
CA LYS D 126 37.86 19.36 -10.41
C LYS D 126 38.68 18.15 -9.97
N GLY D 127 37.99 17.04 -9.76
CA GLY D 127 38.64 15.81 -9.36
C GLY D 127 38.47 15.57 -7.88
N GLN D 128 37.82 16.53 -7.21
CA GLN D 128 37.53 16.41 -5.78
C GLN D 128 36.34 15.49 -5.51
N LYS D 129 36.41 14.76 -4.40
CA LYS D 129 35.25 14.05 -3.88
C LYS D 129 34.80 14.79 -2.61
N ILE D 130 33.55 15.24 -2.61
CA ILE D 130 33.02 16.02 -1.50
C ILE D 130 31.52 15.74 -1.35
N ALA D 131 31.08 15.55 -0.11
CA ALA D 131 29.71 15.07 0.11
C ALA D 131 28.72 16.19 0.34
N ILE D 132 27.45 15.87 0.23
CA ILE D 132 26.41 16.74 0.74
C ILE D 132 25.61 15.96 1.79
N PHE D 133 25.52 16.53 2.98
CA PHE D 133 24.74 15.94 4.08
C PHE D 133 23.45 16.72 4.27
N SER D 134 22.32 16.03 4.21
CA SER D 134 21.03 16.69 4.38
C SER D 134 20.22 16.09 5.52
N PRO D 135 19.66 16.96 6.37
CA PRO D 135 18.67 16.53 7.36
C PRO D 135 17.45 16.01 6.61
N PRO D 136 16.70 15.06 7.21
CA PRO D 136 15.52 14.49 6.56
C PRO D 136 14.50 15.58 6.18
N GLY D 137 14.00 15.54 4.95
CA GLY D 137 12.98 16.49 4.52
C GLY D 137 13.47 17.70 3.76
N LEU D 138 14.78 17.97 3.83
CA LEU D 138 15.33 19.16 3.16
C LEU D 138 15.54 18.92 1.66
N PRO D 139 15.51 20.01 0.85
CA PRO D 139 15.53 19.88 -0.61
C PRO D 139 16.91 19.56 -1.19
N MET D 140 17.50 18.46 -0.75
CA MET D 140 18.78 18.01 -1.28
C MET D 140 18.69 17.71 -2.77
N GLU D 141 17.58 17.09 -3.18
CA GLU D 141 17.39 16.67 -4.56
C GLU D 141 17.36 17.87 -5.53
N ARG D 142 16.65 18.94 -5.17
CA ARG D 142 16.62 20.14 -6.00
C ARG D 142 18.00 20.75 -6.10
N LEU D 143 18.75 20.72 -5.00
CA LEU D 143 20.11 21.24 -4.98
C LEU D 143 20.95 20.48 -6.00
N ALA D 144 20.78 19.17 -6.01
CA ALA D 144 21.47 18.32 -6.97
C ALA D 144 21.19 18.82 -8.37
N LEU D 145 19.90 19.02 -8.67
CA LEU D 145 19.46 19.48 -9.99
C LEU D 145 20.07 20.83 -10.34
N GLN D 146 20.02 21.77 -9.40
CA GLN D 146 20.58 23.09 -9.61
C GLN D 146 22.07 23.05 -9.96
N ILE D 147 22.81 22.17 -9.27
CA ILE D 147 24.23 22.05 -9.53
C ILE D 147 24.42 21.50 -10.94
N ALA D 148 23.67 20.44 -11.26
CA ALA D 148 23.71 19.82 -12.59
C ALA D 148 23.46 20.80 -13.74
N ARG D 149 22.36 21.56 -13.67
CA ARG D 149 22.03 22.61 -14.64
C ARG D 149 23.18 23.58 -14.86
N ASN D 150 23.73 24.10 -13.77
CA ASN D 150 24.73 25.16 -13.83
C ASN D 150 26.07 24.66 -14.39
N VAL D 151 26.34 23.37 -14.27
CA VAL D 151 27.61 22.84 -14.74
C VAL D 151 27.49 22.23 -16.13
N ALA D 152 26.34 21.65 -16.44
CA ALA D 152 26.09 20.96 -17.73
C ALA D 152 26.38 21.82 -18.94
N LYS D 153 26.29 23.14 -18.74
CA LYS D 153 26.67 24.13 -19.76
C LYS D 153 28.13 24.01 -20.20
N ASP D 154 28.92 23.29 -19.42
CA ASP D 154 30.36 23.38 -19.48
C ASP D 154 30.97 21.98 -19.39
N LYS D 155 30.41 21.15 -18.52
CA LYS D 155 30.94 19.80 -18.31
C LYS D 155 29.86 18.73 -18.33
N THR D 156 30.30 17.50 -18.62
CA THR D 156 29.37 16.37 -18.67
C THR D 156 28.94 15.89 -17.26
N ILE D 157 27.63 15.82 -17.05
CA ILE D 157 27.08 15.33 -15.78
C ILE D 157 26.68 13.86 -15.87
N ILE D 158 27.12 13.05 -14.91
CA ILE D 158 26.54 11.71 -14.73
C ILE D 158 25.75 11.65 -13.43
N PHE D 159 24.47 11.35 -13.56
CA PHE D 159 23.56 11.28 -12.41
C PHE D 159 23.34 9.84 -11.98
N ALA D 160 23.68 9.54 -10.73
CA ALA D 160 23.45 8.20 -10.18
C ALA D 160 22.43 8.31 -9.07
N ALA D 161 21.18 8.05 -9.43
CA ALA D 161 20.08 8.15 -8.50
C ALA D 161 19.74 6.75 -7.94
N ILE D 162 19.95 6.59 -6.64
CA ILE D 162 19.87 5.27 -6.04
C ILE D 162 18.63 5.05 -5.17
N GLY D 163 17.76 4.14 -5.63
CA GLY D 163 16.58 3.76 -4.89
C GLY D 163 15.65 4.91 -4.53
N VAL D 164 15.47 5.83 -5.49
CA VAL D 164 14.64 7.00 -5.28
C VAL D 164 13.14 6.70 -5.45
N PRO D 165 12.30 7.33 -4.61
CA PRO D 165 10.82 7.24 -4.66
C PRO D 165 10.23 7.83 -5.94
N SER D 166 8.97 7.51 -6.22
CA SER D 166 8.28 7.97 -7.43
C SER D 166 8.29 9.49 -7.58
N ASP D 167 8.21 10.20 -6.44
CA ASP D 167 8.29 11.66 -6.43
C ASP D 167 9.61 12.14 -6.99
N ILE D 168 10.70 11.81 -6.30
CA ILE D 168 12.03 12.24 -6.71
C ILE D 168 12.27 11.76 -8.14
N TYR D 169 11.80 10.57 -8.43
CA TYR D 169 11.89 9.97 -9.75
C TYR D 169 11.14 10.81 -10.78
N LYS D 170 9.90 11.19 -10.45
CA LYS D 170 9.09 12.03 -11.31
C LYS D 170 9.81 13.33 -11.64
N MET D 171 10.51 13.88 -10.64
CA MET D 171 11.23 15.16 -10.73
C MET D 171 12.52 15.12 -11.55
N PHE D 172 13.31 14.06 -11.39
CA PHE D 172 14.56 13.93 -12.12
C PHE D 172 14.31 13.82 -13.60
N ILE D 173 13.45 12.90 -13.97
CA ILE D 173 13.10 12.69 -15.36
C ILE D 173 12.59 13.98 -15.99
N ASP D 174 11.49 14.50 -15.43
CA ASP D 174 10.84 15.71 -15.94
C ASP D 174 11.70 16.95 -15.85
N GLU D 175 11.76 17.49 -14.63
CA GLU D 175 12.47 18.73 -14.37
C GLU D 175 13.94 18.69 -14.74
N PHE D 176 14.29 17.83 -15.72
CA PHE D 176 15.66 17.63 -16.22
C PHE D 176 15.81 17.20 -17.73
N ILE D 177 14.87 16.41 -18.30
CA ILE D 177 14.63 16.30 -19.79
C ILE D 177 14.25 17.72 -20.34
N ASN D 178 13.29 18.35 -19.67
CA ASN D 178 12.87 19.68 -20.00
C ASN D 178 13.95 20.72 -20.00
N THR D 179 14.89 20.53 -19.12
CA THR D 179 15.96 21.48 -18.94
C THR D 179 16.89 21.67 -20.15
N LYS D 180 17.24 20.61 -20.87
CA LYS D 180 18.31 20.66 -21.90
C LYS D 180 19.69 20.37 -21.28
N ALA D 181 19.78 20.43 -19.95
CA ALA D 181 20.96 19.92 -19.26
C ALA D 181 21.19 18.44 -19.63
N ILE D 182 20.11 17.76 -20.02
CA ILE D 182 20.14 16.37 -20.48
C ILE D 182 20.91 16.19 -21.78
N MET D 183 21.13 17.29 -22.49
CA MET D 183 21.88 17.24 -23.73
C MET D 183 23.37 17.11 -23.42
N ASN D 184 23.69 17.14 -22.14
CA ASN D 184 25.06 16.91 -21.69
C ASN D 184 25.14 16.06 -20.41
N SER D 185 24.13 15.21 -20.21
CA SER D 185 24.03 14.39 -19.00
C SER D 185 23.64 12.97 -19.33
N ALA D 186 24.01 12.05 -18.45
CA ALA D 186 23.52 10.68 -18.51
C ALA D 186 22.90 10.39 -17.14
N ILE D 187 21.81 9.64 -17.13
CA ILE D 187 21.15 9.35 -15.88
C ILE D 187 20.99 7.86 -15.65
N PHE D 188 21.52 7.40 -14.53
CA PHE D 188 21.41 6.00 -14.15
C PHE D 188 20.56 6.03 -12.88
N ILE D 189 19.35 5.47 -12.97
CA ILE D 189 18.38 5.63 -11.89
C ILE D 189 17.64 4.33 -11.57
N SER D 190 17.60 4.00 -10.29
CA SER D 190 16.87 2.84 -9.78
C SER D 190 15.76 3.34 -8.85
N LYS D 191 14.62 2.68 -8.86
CA LYS D 191 13.48 3.14 -8.06
C LYS D 191 13.50 2.51 -6.66
N ALA D 192 12.78 3.11 -5.72
CA ALA D 192 12.79 2.61 -4.35
C ALA D 192 12.27 1.19 -4.20
N ASP D 193 11.30 0.84 -5.04
CA ASP D 193 10.70 -0.49 -5.04
C ASP D 193 11.42 -1.46 -5.99
N SER D 194 12.54 -1.04 -6.54
CA SER D 194 13.37 -1.94 -7.34
C SER D 194 14.24 -2.84 -6.46
N SER D 195 14.99 -3.72 -7.12
CA SER D 195 15.83 -4.70 -6.44
C SER D 195 16.99 -4.04 -5.70
N PRO D 196 17.38 -4.61 -4.54
CA PRO D 196 18.56 -4.10 -3.80
C PRO D 196 19.82 -4.15 -4.65
N ILE D 197 19.90 -5.17 -5.49
CA ILE D 197 21.08 -5.36 -6.32
C ILE D 197 21.15 -4.29 -7.42
N GLU D 198 20.00 -3.90 -7.96
CA GLU D 198 20.00 -2.82 -8.93
C GLU D 198 20.48 -1.51 -8.30
N LYS D 199 20.11 -1.29 -7.04
CA LYS D 199 20.56 -0.10 -6.31
C LYS D 199 22.08 -0.13 -6.10
N ILE D 200 22.59 -1.29 -5.71
CA ILE D 200 24.01 -1.47 -5.46
C ILE D 200 24.82 -1.35 -6.76
N TYR D 201 24.20 -1.76 -7.86
CA TYR D 201 24.85 -1.65 -9.18
C TYR D 201 24.93 -0.19 -9.64
N THR D 202 23.90 0.58 -9.30
CA THR D 202 23.73 1.96 -9.78
C THR D 202 25.00 2.83 -9.75
N PRO D 203 25.65 2.99 -8.56
CA PRO D 203 26.85 3.83 -8.56
C PRO D 203 27.98 3.23 -9.42
N ARG D 204 28.08 1.91 -9.43
CA ARG D 204 29.12 1.22 -10.19
C ARG D 204 28.99 1.46 -11.69
N VAL D 205 27.81 1.20 -12.23
CA VAL D 205 27.51 1.47 -13.64
C VAL D 205 27.79 2.95 -14.01
N ALA D 206 27.32 3.87 -13.16
CA ALA D 206 27.55 5.30 -13.34
C ALA D 206 29.03 5.68 -13.35
N LEU D 207 29.78 5.18 -12.38
CA LEU D 207 31.21 5.50 -12.31
C LEU D 207 32.00 4.82 -13.44
N THR D 208 31.47 3.72 -13.97
CA THR D 208 32.13 3.02 -15.07
C THR D 208 32.11 3.86 -16.35
N LEU D 209 30.94 4.43 -16.65
CA LEU D 209 30.82 5.36 -17.76
C LEU D 209 31.66 6.63 -17.55
N ALA D 210 31.62 7.16 -16.33
CA ALA D 210 32.44 8.32 -15.96
C ALA D 210 33.93 8.10 -16.21
N GLU D 211 34.44 6.94 -15.78
CA GLU D 211 35.84 6.59 -15.95
C GLU D 211 36.20 6.54 -17.43
N TYR D 212 35.26 6.03 -18.22
CA TYR D 212 35.42 5.94 -19.66
C TYR D 212 35.47 7.32 -20.32
N LEU D 213 34.53 8.19 -19.95
CA LEU D 213 34.48 9.54 -20.53
C LEU D 213 35.61 10.43 -20.03
N ALA D 214 36.06 10.20 -18.81
CA ALA D 214 37.06 11.09 -18.23
C ALA D 214 38.45 10.65 -18.66
N PHE D 215 38.73 9.37 -18.49
CA PHE D 215 40.10 8.88 -18.62
C PHE D 215 40.42 8.30 -19.99
N GLU D 216 39.40 8.06 -20.79
CA GLU D 216 39.63 7.58 -22.16
C GLU D 216 39.19 8.57 -23.24
N LYS D 217 38.29 9.50 -22.88
CA LYS D 217 37.84 10.53 -23.81
C LYS D 217 38.35 11.93 -23.42
N ASN D 218 39.22 11.98 -22.43
CA ASN D 218 39.81 13.23 -21.94
C ASN D 218 38.79 14.31 -21.59
N ARG D 219 37.85 13.98 -20.73
CA ARG D 219 36.86 14.96 -20.30
C ARG D 219 36.82 15.21 -18.81
N ASP D 220 36.20 16.32 -18.45
CA ASP D 220 35.95 16.63 -17.06
C ASP D 220 34.49 16.31 -16.79
N VAL D 221 34.26 15.24 -16.05
CA VAL D 221 32.90 14.91 -15.70
C VAL D 221 32.60 15.19 -14.23
N LEU D 222 31.32 15.43 -13.97
CA LEU D 222 30.82 15.61 -12.61
C LEU D 222 29.76 14.52 -12.33
N VAL D 223 30.04 13.68 -11.34
CA VAL D 223 29.13 12.59 -10.97
C VAL D 223 28.37 12.98 -9.72
N LEU D 224 27.06 13.17 -9.87
CA LEU D 224 26.22 13.42 -8.72
C LEU D 224 25.58 12.10 -8.31
N MET D 225 25.69 11.77 -7.03
CA MET D 225 25.29 10.45 -6.55
C MET D 225 24.45 10.62 -5.29
N LEU D 226 23.22 10.13 -5.35
CA LEU D 226 22.30 10.18 -4.21
C LEU D 226 21.26 9.07 -4.37
N ASP D 227 20.76 8.51 -3.26
CA ASP D 227 21.07 8.90 -1.88
C ASP D 227 21.92 7.79 -1.24
N MET D 228 23.12 8.13 -0.77
CA MET D 228 24.06 7.11 -0.24
C MET D 228 23.45 6.29 0.90
N THR D 229 22.51 6.89 1.61
CA THR D 229 21.86 6.20 2.72
C THR D 229 20.98 5.07 2.20
N ASN D 230 20.23 5.32 1.11
CA ASN D 230 19.50 4.26 0.39
C ASN D 230 20.43 3.12 -0.08
N TYR D 231 21.63 3.49 -0.50
CA TYR D 231 22.61 2.53 -0.97
C TYR D 231 23.05 1.64 0.19
N ALA D 232 23.41 2.27 1.31
CA ALA D 232 23.82 1.55 2.51
C ALA D 232 22.71 0.62 2.95
N ASP D 233 21.48 1.12 2.82
CA ASP D 233 20.31 0.38 3.21
C ASP D 233 20.09 -0.83 2.31
N ALA D 234 20.45 -0.72 1.03
CA ALA D 234 20.42 -1.87 0.13
C ALA D 234 21.43 -2.95 0.55
N LEU D 235 22.63 -2.53 0.96
CA LEU D 235 23.61 -3.48 1.46
C LEU D 235 23.04 -4.20 2.70
N ARG D 236 22.42 -3.43 3.59
CA ARG D 236 21.91 -3.99 4.83
C ARG D 236 20.81 -5.01 4.55
N GLU D 237 20.07 -4.78 3.47
CA GLU D 237 18.92 -5.59 3.11
C GLU D 237 19.35 -7.00 2.67
N ILE D 238 20.41 -7.07 1.88
CA ILE D 238 20.93 -8.35 1.42
C ILE D 238 21.72 -9.05 2.55
N SER D 239 22.51 -8.33 3.35
CA SER D 239 23.36 -9.00 4.38
C SER D 239 22.58 -9.57 5.58
N THR D 240 21.67 -10.49 5.30
CA THR D 240 20.75 -11.01 6.31
C THR D 240 20.66 -12.54 6.25
N LYS D 243 24.04 -14.06 7.55
CA LYS D 243 24.23 -14.46 8.95
C LYS D 243 25.71 -14.63 9.32
N GLU D 244 26.48 -15.29 8.45
CA GLU D 244 27.95 -15.38 8.57
C GLU D 244 28.60 -14.09 8.08
N ILE D 245 27.77 -13.10 7.71
CA ILE D 245 28.30 -11.78 7.40
C ILE D 245 28.20 -10.89 8.63
N PRO D 246 29.35 -10.55 9.23
CA PRO D 246 29.37 -9.77 10.48
C PRO D 246 28.98 -8.31 10.28
N SER D 247 28.43 -7.71 11.32
CA SER D 247 27.99 -6.32 11.26
C SER D 247 28.81 -5.43 12.20
N ARG D 248 29.03 -4.19 11.81
CA ARG D 248 29.58 -3.19 12.73
C ARG D 248 28.70 -1.95 12.62
N ARG D 249 28.26 -1.43 13.76
CA ARG D 249 27.47 -0.20 13.81
C ARG D 249 26.11 -0.24 13.05
N GLY D 250 25.47 -1.42 13.02
CA GLY D 250 24.14 -1.60 12.43
C GLY D 250 24.12 -1.99 10.97
N TYR D 251 25.30 -2.03 10.36
CA TYR D 251 25.46 -2.31 8.93
C TYR D 251 26.50 -3.40 8.72
N PRO D 252 26.56 -3.99 7.51
CA PRO D 252 27.66 -4.92 7.20
C PRO D 252 29.03 -4.30 7.53
N ALA D 253 29.95 -5.11 8.03
CA ALA D 253 31.27 -4.63 8.45
C ALA D 253 32.13 -4.17 7.27
N TYR D 254 31.76 -4.60 6.06
CA TYR D 254 32.51 -4.23 4.85
C TYR D 254 32.02 -2.87 4.28
N LEU D 255 31.15 -2.18 5.04
CA LEU D 255 30.57 -0.91 4.57
C LEU D 255 31.63 0.16 4.30
N TYR D 256 32.59 0.30 5.21
CA TYR D 256 33.67 1.28 5.05
C TYR D 256 34.48 1.06 3.76
N THR D 257 34.86 -0.19 3.53
CA THR D 257 35.73 -0.50 2.40
C THR D 257 34.95 -0.45 1.10
N ASP D 258 33.66 -0.81 1.17
CA ASP D 258 32.79 -0.71 0.01
C ASP D 258 32.58 0.73 -0.44
N LEU D 259 32.34 1.62 0.52
CA LEU D 259 32.17 3.04 0.23
C LEU D 259 33.47 3.66 -0.30
N ALA D 260 34.60 3.26 0.27
CA ALA D 260 35.87 3.81 -0.18
C ALA D 260 36.14 3.35 -1.63
N SER D 261 35.80 2.11 -1.91
CA SER D 261 35.99 1.58 -3.26
C SER D 261 35.10 2.34 -4.26
N ILE D 262 34.02 2.94 -3.80
CA ILE D 262 33.16 3.73 -4.68
C ILE D 262 33.68 5.15 -4.83
N TYR D 263 33.84 5.85 -3.69
CA TYR D 263 34.30 7.24 -3.71
C TYR D 263 35.70 7.40 -4.34
N GLU D 264 36.56 6.40 -4.18
CA GLU D 264 37.92 6.50 -4.70
C GLU D 264 37.99 6.36 -6.22
N ARG D 265 36.85 6.02 -6.84
CA ARG D 265 36.75 6.01 -8.30
C ARG D 265 36.45 7.42 -8.80
N SER D 266 37.30 8.36 -8.40
CA SER D 266 37.17 9.75 -8.79
C SER D 266 38.58 10.33 -8.79
N GLY D 267 38.72 11.59 -9.20
CA GLY D 267 40.03 12.22 -9.12
C GLY D 267 40.50 12.86 -10.40
N LEU D 268 41.73 13.36 -10.38
CA LEU D 268 42.31 14.13 -11.47
C LEU D 268 43.53 13.41 -12.06
N THR D 269 43.70 13.49 -13.39
CA THR D 269 44.88 12.93 -14.09
C THR D 269 45.37 13.91 -15.14
N LYS D 271 44.93 13.65 -18.24
CA LYS D 271 43.93 13.32 -19.27
C LYS D 271 42.56 13.98 -18.98
N GLY D 272 41.91 13.52 -17.92
CA GLY D 272 40.63 14.06 -17.51
C GLY D 272 40.47 14.13 -16.00
N SER D 273 39.22 14.27 -15.56
CA SER D 273 38.91 14.35 -14.14
C SER D 273 37.53 13.77 -13.86
N ILE D 274 37.40 13.08 -12.72
CA ILE D 274 36.08 12.75 -12.19
C ILE D 274 35.85 13.46 -10.88
N THR D 275 34.97 14.45 -10.90
CA THR D 275 34.57 15.14 -9.68
C THR D 275 33.32 14.44 -9.15
N LEU D 276 33.38 14.02 -7.87
CA LEU D 276 32.33 13.19 -7.29
C LEU D 276 31.64 13.85 -6.10
N ILE D 277 30.31 13.89 -6.13
CA ILE D 277 29.54 14.44 -5.01
C ILE D 277 28.51 13.43 -4.52
N PRO D 278 28.87 12.63 -3.51
CA PRO D 278 27.92 11.71 -2.87
C PRO D 278 27.01 12.52 -1.95
N MET D 279 25.70 12.34 -2.13
CA MET D 279 24.71 13.06 -1.33
C MET D 279 23.93 12.06 -0.50
N LEU D 280 23.63 12.43 0.73
CA LEU D 280 22.99 11.51 1.66
C LEU D 280 22.07 12.19 2.65
N THR D 281 21.13 11.43 3.17
CA THR D 281 20.27 11.92 4.23
C THR D 281 20.83 11.43 5.57
N MET D 282 21.09 12.36 6.49
CA MET D 282 21.47 11.99 7.85
C MET D 282 20.21 11.53 8.60
N PRO D 283 20.12 10.21 8.88
CA PRO D 283 18.93 9.52 9.38
C PRO D 283 18.06 10.25 10.42
N GLY D 284 18.62 10.67 11.54
CA GLY D 284 17.81 11.41 12.49
C GLY D 284 18.28 12.84 12.63
N ASN D 285 18.61 13.45 11.50
CA ASN D 285 19.50 14.62 11.50
C ASN D 285 20.75 14.33 12.35
N ASP D 286 21.24 13.09 12.31
CA ASP D 286 22.38 12.66 13.11
C ASP D 286 23.66 12.46 12.28
N ILE D 287 24.56 13.44 12.36
CA ILE D 287 25.78 13.41 11.57
C ILE D 287 26.77 12.34 12.02
N THR D 288 26.50 11.73 13.18
CA THR D 288 27.41 10.72 13.72
C THR D 288 26.92 9.32 13.37
N HIS D 289 25.80 9.27 12.65
CA HIS D 289 25.32 8.02 12.09
C HIS D 289 26.42 7.43 11.22
N VAL D 290 26.45 6.10 11.09
CA VAL D 290 27.56 5.44 10.41
C VAL D 290 27.69 5.87 8.93
N VAL D 291 26.58 6.14 8.25
CA VAL D 291 26.64 6.55 6.85
C VAL D 291 27.32 7.94 6.67
N PRO D 292 26.77 9.01 7.28
CA PRO D 292 27.52 10.27 7.19
C PRO D 292 28.93 10.17 7.77
N ASP D 293 29.08 9.43 8.87
CA ASP D 293 30.37 9.38 9.54
C ASP D 293 31.48 8.85 8.62
N LEU D 294 31.21 7.71 7.99
CA LEU D 294 32.16 7.08 7.08
C LEU D 294 32.38 7.90 5.80
N THR D 295 31.29 8.37 5.21
CA THR D 295 31.38 9.18 4.00
C THR D 295 32.28 10.42 4.22
N GLY D 296 32.00 11.19 5.27
CA GLY D 296 32.78 12.37 5.62
C GLY D 296 34.21 12.07 6.05
N TYR D 297 34.45 10.84 6.51
CA TYR D 297 35.79 10.35 6.84
C TYR D 297 36.61 10.23 5.57
N ILE D 298 35.97 9.72 4.52
CA ILE D 298 36.64 9.43 3.26
C ILE D 298 36.75 10.65 2.34
N THR D 299 35.67 11.44 2.29
CA THR D 299 35.63 12.56 1.34
C THR D 299 36.45 13.75 1.80
N GLU D 300 36.67 14.67 0.87
CA GLU D 300 37.50 15.85 1.10
C GLU D 300 36.60 17.02 1.52
N GLY D 301 35.78 16.75 2.52
CA GLY D 301 34.85 17.72 3.02
C GLY D 301 33.42 17.34 2.69
N GLN D 302 32.49 18.18 3.14
CA GLN D 302 31.09 18.00 2.82
C GLN D 302 30.35 19.32 2.96
N TYR D 303 29.28 19.48 2.18
CA TYR D 303 28.35 20.59 2.37
C TYR D 303 27.25 20.08 3.28
N VAL D 304 26.93 20.86 4.31
CA VAL D 304 25.87 20.49 5.23
C VAL D 304 24.66 21.41 5.08
N LEU D 305 23.49 20.80 4.99
CA LEU D 305 22.26 21.58 4.83
C LEU D 305 21.68 21.97 6.20
N SER D 306 21.16 23.20 6.29
CA SER D 306 20.69 23.77 7.56
C SER D 306 19.17 23.69 7.74
N GLN D 307 18.74 22.96 8.77
CA GLN D 307 17.35 22.89 9.14
C GLN D 307 16.82 24.27 9.51
N ASP D 308 17.67 25.05 10.18
CA ASP D 308 17.34 26.40 10.58
C ASP D 308 17.05 27.31 9.37
N LEU D 309 17.92 27.23 8.35
CA LEU D 309 17.75 28.06 7.15
C LEU D 309 16.51 27.67 6.37
N HIS D 310 16.20 26.38 6.37
CA HIS D 310 15.03 25.87 5.66
C HIS D 310 13.74 26.45 6.27
N SER D 311 13.72 26.51 7.60
CA SER D 311 12.59 27.06 8.35
C SER D 311 12.36 28.53 8.02
N LYS D 312 13.43 29.22 7.68
CA LYS D 312 13.36 30.64 7.30
C LYS D 312 13.07 30.79 5.80
N ASN D 313 12.66 29.69 5.15
CA ASN D 313 12.42 29.69 3.70
C ASN D 313 13.60 30.15 2.88
N ILE D 314 14.80 29.73 3.27
CA ILE D 314 16.00 30.02 2.50
C ILE D 314 16.36 28.82 1.64
N TYR D 315 16.34 29.04 0.32
CA TYR D 315 16.90 28.06 -0.61
C TYR D 315 18.28 28.55 -1.12
N PRO D 316 19.09 27.61 -1.64
CA PRO D 316 19.96 26.63 -0.96
C PRO D 316 20.23 26.83 0.53
N PRO D 317 19.61 26.00 1.39
CA PRO D 317 19.81 26.01 2.84
C PRO D 317 21.18 25.42 3.20
N ILE D 318 22.24 26.09 2.75
CA ILE D 318 23.59 25.63 3.01
C ILE D 318 24.20 26.28 4.25
N ASP D 319 24.47 25.45 5.25
CA ASP D 319 25.14 25.86 6.49
C ASP D 319 26.60 26.27 6.18
N LEU D 320 26.88 27.57 6.25
CA LEU D 320 28.22 28.08 5.95
C LEU D 320 29.31 27.64 6.93
N LEU D 321 28.93 27.40 8.17
CA LEU D 321 29.93 27.11 9.20
C LEU D 321 30.22 25.62 9.31
N LYS D 322 29.27 24.80 8.90
CA LYS D 322 29.45 23.35 9.02
C LYS D 322 29.92 22.73 7.71
N SER D 323 29.83 23.48 6.63
CA SER D 323 30.35 23.00 5.36
C SER D 323 31.86 23.20 5.32
N LEU D 324 32.53 22.36 4.55
CA LEU D 324 33.97 22.36 4.50
C LEU D 324 34.44 21.75 3.19
N SER D 325 35.37 22.42 2.52
CA SER D 325 36.04 21.86 1.35
C SER D 325 37.53 21.81 1.62
N ARG D 326 38.04 20.60 1.81
CA ARG D 326 39.44 20.46 2.25
C ARG D 326 40.45 20.83 1.15
N LEU D 327 40.03 20.75 -0.10
CA LEU D 327 40.91 21.11 -1.21
C LEU D 327 40.75 22.56 -1.66
N ALA D 328 39.70 23.24 -1.17
CA ALA D 328 39.34 24.59 -1.65
C ALA D 328 40.52 25.55 -1.76
N LYS D 329 41.34 25.60 -0.71
CA LYS D 329 42.46 26.54 -0.70
C LYS D 329 43.46 26.34 -1.82
N ASN D 330 43.48 25.14 -2.39
CA ASN D 330 44.49 24.82 -3.38
C ASN D 330 44.12 25.34 -4.77
N GLY D 331 42.90 25.86 -4.88
CA GLY D 331 42.43 26.38 -6.14
C GLY D 331 41.97 27.82 -6.04
N MET D 332 42.07 28.38 -4.83
CA MET D 332 41.68 29.76 -4.59
C MET D 332 42.83 30.76 -4.81
N SER D 333 42.53 31.85 -5.50
CA SER D 333 43.46 32.96 -5.60
C SER D 333 43.55 33.69 -4.25
N LYS D 334 44.58 34.49 -4.06
CA LYS D 334 44.76 35.27 -2.83
C LYS D 334 43.50 36.08 -2.48
N LYS D 335 42.90 36.67 -3.51
CA LYS D 335 41.68 37.49 -3.40
C LYS D 335 40.51 36.63 -2.92
N HIS D 336 40.36 35.47 -3.55
CA HIS D 336 39.32 34.53 -3.21
C HIS D 336 39.41 34.09 -1.74
N LYS D 337 40.63 33.78 -1.26
CA LYS D 337 40.82 33.36 0.13
C LYS D 337 40.40 34.44 1.11
N LYS D 338 40.67 35.70 0.77
CA LYS D 338 40.33 36.82 1.65
C LYS D 338 38.83 37.10 1.71
N TYR D 339 38.12 36.93 0.60
CA TYR D 339 36.66 36.95 0.62
C TYR D 339 36.12 35.80 1.47
N ALA D 340 36.66 34.60 1.24
CA ALA D 340 36.25 33.41 1.98
C ALA D 340 36.43 33.63 3.48
N ASP D 341 37.61 34.12 3.82
CA ASP D 341 37.99 34.35 5.21
C ASP D 341 37.03 35.33 5.90
N ILE D 342 36.84 36.49 5.28
CA ILE D 342 35.97 37.51 5.87
C ILE D 342 34.53 37.02 6.00
N LEU D 343 34.02 36.38 4.95
CA LEU D 343 32.64 35.87 4.94
C LEU D 343 32.38 34.93 6.12
N ILE D 344 33.23 33.91 6.27
CA ILE D 344 33.09 32.92 7.33
C ILE D 344 33.25 33.54 8.72
N LYS D 345 34.33 34.28 8.95
CA LYS D 345 34.58 34.88 10.25
C LYS D 345 33.42 35.76 10.67
N SER D 346 33.05 36.66 9.76
CA SER D 346 32.01 37.64 10.06
C SER D 346 30.63 36.99 10.22
N TYR D 347 30.32 36.00 9.39
CA TYR D 347 29.07 35.28 9.54
C TYR D 347 29.02 34.59 10.92
N ALA D 348 30.14 33.97 11.30
CA ALA D 348 30.26 33.32 12.58
C ALA D 348 30.10 34.33 13.72
N LYS D 349 30.79 35.46 13.61
CA LYS D 349 30.71 36.54 14.58
C LYS D 349 29.26 37.00 14.72
N GLY D 350 28.59 37.12 13.57
CA GLY D 350 27.22 37.62 13.53
C GLY D 350 26.24 36.67 14.18
N LEU D 351 26.53 35.38 14.09
CA LEU D 351 25.71 34.38 14.76
C LEU D 351 25.88 34.39 16.28
N GLU D 352 27.07 34.73 16.77
CA GLU D 352 27.31 34.90 18.19
C GLU D 352 26.42 36.03 18.65
N ALA D 353 26.52 37.16 17.93
CA ALA D 353 25.80 38.38 18.28
C ALA D 353 24.31 38.09 18.37
N ARG D 354 23.84 37.25 17.44
CA ARG D 354 22.45 36.83 17.39
C ARG D 354 22.04 36.05 18.65
N ASP D 355 22.91 35.18 19.13
CA ASP D 355 22.65 34.41 20.34
C ASP D 355 22.61 35.31 21.58
N ILE D 356 23.53 36.26 21.66
CA ILE D 356 23.52 37.22 22.74
C ILE D 356 22.19 38.00 22.71
N ALA D 357 21.78 38.44 21.52
CA ALA D 357 20.58 39.27 21.37
C ALA D 357 19.30 38.54 21.83
N THR D 358 19.27 37.21 21.70
CA THR D 358 18.11 36.43 22.13
C THR D 358 17.94 36.44 23.65
N ILE D 359 18.92 37.01 24.36
CA ILE D 359 18.94 37.01 25.82
C ILE D 359 18.81 38.43 26.40
N VAL D 360 19.37 39.41 25.69
CA VAL D 360 19.41 40.78 26.22
C VAL D 360 18.84 41.81 25.24
N GLY D 361 18.54 41.36 24.03
CA GLY D 361 18.03 42.24 22.99
C GLY D 361 19.15 42.90 22.20
N GLU D 362 18.81 43.41 21.02
CA GLU D 362 19.81 44.01 20.14
C GLU D 362 20.35 45.31 20.75
N ASP D 363 19.60 45.90 21.66
CA ASP D 363 20.00 47.17 22.26
C ASP D 363 21.24 47.01 23.13
N SER D 364 21.31 45.87 23.82
CA SER D 364 22.45 45.56 24.70
C SER D 364 23.68 45.03 23.93
N LEU D 365 23.67 45.16 22.60
CA LEU D 365 24.82 44.75 21.80
C LEU D 365 25.82 45.90 21.60
N SER D 366 27.11 45.56 21.53
CA SER D 366 28.13 46.52 21.14
C SER D 366 27.88 46.98 19.70
N LYS D 367 28.46 48.11 19.31
CA LYS D 367 28.30 48.59 17.95
C LYS D 367 28.91 47.59 16.98
N GLU D 368 29.95 46.90 17.47
CA GLU D 368 30.63 45.87 16.70
C GLU D 368 29.68 44.70 16.45
N ASP D 369 29.12 44.16 17.51
CA ASP D 369 28.21 43.02 17.41
C ASP D 369 26.96 43.34 16.58
N LYS D 370 26.53 44.59 16.60
CA LYS D 370 25.38 44.99 15.79
C LYS D 370 25.72 44.92 14.31
N ALA D 371 26.95 45.31 13.97
CA ALA D 371 27.43 45.26 12.61
C ALA D 371 27.51 43.81 12.10
N TYR D 372 28.09 42.92 12.92
CA TYR D 372 28.17 41.50 12.58
C TYR D 372 26.76 40.87 12.47
N LEU D 373 25.88 41.24 13.39
CA LEU D 373 24.52 40.72 13.38
C LEU D 373 23.82 41.09 12.08
N LYS D 374 24.05 42.33 11.66
CA LYS D 374 23.52 42.87 10.41
C LYS D 374 24.10 42.08 9.23
N PHE D 375 25.41 41.88 9.24
CA PHE D 375 26.10 41.11 8.24
C PHE D 375 25.51 39.70 8.08
N ALA D 376 25.36 38.98 9.19
CA ALA D 376 24.83 37.61 9.16
C ALA D 376 23.41 37.58 8.62
N GLU D 377 22.61 38.58 9.00
CA GLU D 377 21.24 38.69 8.54
C GLU D 377 21.18 38.95 7.02
N LEU D 378 22.03 39.87 6.53
CA LEU D 378 22.12 40.12 5.11
C LEU D 378 22.67 38.92 4.32
N VAL D 379 23.70 38.27 4.86
CA VAL D 379 24.25 37.06 4.22
C VAL D 379 23.15 36.02 3.99
N GLU D 380 22.33 35.79 5.01
CA GLU D 380 21.24 34.84 4.90
C GLU D 380 20.24 35.25 3.81
N LYS D 381 19.92 36.54 3.75
CA LYS D 381 18.86 37.03 2.87
C LYS D 381 19.25 37.36 1.43
N GLU D 382 20.51 37.70 1.20
CA GLU D 382 20.93 38.16 -0.12
C GLU D 382 22.08 37.37 -0.73
N PHE D 383 22.71 36.51 0.06
CA PHE D 383 23.88 35.78 -0.41
C PHE D 383 23.63 34.27 -0.50
N ILE D 384 23.26 33.66 0.63
CA ILE D 384 22.94 32.23 0.65
C ILE D 384 21.67 32.00 -0.15
N LYS D 385 20.64 32.77 0.19
CA LYS D 385 19.37 32.73 -0.53
C LYS D 385 19.60 33.08 -2.00
N GLN D 386 19.27 32.14 -2.86
CA GLN D 386 19.54 32.29 -4.27
C GLN D 386 18.40 31.62 -5.02
N ASP D 387 18.05 32.19 -6.17
CA ASP D 387 16.99 31.63 -7.00
C ASP D 387 17.52 30.38 -7.70
N TYR D 388 16.71 29.31 -7.71
CA TYR D 388 17.06 28.05 -8.37
C TYR D 388 17.57 28.29 -9.80
N TYR D 389 16.99 29.25 -10.49
CA TYR D 389 17.33 29.53 -11.88
C TYR D 389 18.37 30.62 -12.00
N GLU D 390 18.90 31.08 -10.87
CA GLU D 390 19.94 32.09 -10.94
C GLU D 390 21.34 31.48 -10.91
N TYR D 391 22.17 31.95 -11.83
CA TYR D 391 23.56 31.53 -11.84
C TYR D 391 24.41 32.74 -11.48
N ARG D 392 25.12 32.65 -10.36
CA ARG D 392 26.00 33.74 -9.96
C ARG D 392 27.44 33.39 -10.29
N SER D 393 28.03 34.21 -11.16
CA SER D 393 29.47 34.17 -11.39
C SER D 393 30.19 34.46 -10.08
N ILE D 394 31.44 34.03 -9.99
CA ILE D 394 32.23 34.31 -8.80
C ILE D 394 32.36 35.82 -8.53
N GLU D 395 32.46 36.62 -9.58
CA GLU D 395 32.62 38.07 -9.43
C GLU D 395 31.34 38.69 -8.85
N LYS D 396 30.20 38.22 -9.35
CA LYS D 396 28.88 38.57 -8.83
C LYS D 396 28.79 38.26 -7.33
N SER D 397 29.21 37.05 -6.97
CA SER D 397 29.18 36.58 -5.59
C SER D 397 30.07 37.44 -4.69
N PHE D 398 31.21 37.88 -5.23
CA PHE D 398 32.12 38.79 -4.52
C PHE D 398 31.47 40.15 -4.28
N GLU D 399 30.78 40.66 -5.29
CA GLU D 399 30.20 41.98 -5.20
C GLU D 399 29.00 42.03 -4.27
N ILE D 400 28.36 40.89 -4.06
CA ILE D 400 27.34 40.78 -3.03
C ILE D 400 27.96 40.98 -1.64
N ILE D 401 29.12 40.37 -1.41
CA ILE D 401 29.81 40.47 -0.13
C ILE D 401 30.29 41.91 0.06
N ASP D 402 30.87 42.49 -1.00
CA ASP D 402 31.28 43.90 -1.00
C ASP D 402 30.12 44.80 -0.55
N SER D 403 28.95 44.58 -1.16
CA SER D 403 27.75 45.30 -0.84
C SER D 403 27.28 45.07 0.60
N ILE D 404 27.29 43.82 1.04
CA ILE D 404 26.82 43.47 2.38
C ILE D 404 27.75 44.08 3.43
N LEU D 405 29.06 44.00 3.18
CA LEU D 405 30.08 44.61 4.05
C LEU D 405 29.83 46.10 4.27
N SER D 406 29.46 46.77 3.17
CA SER D 406 29.20 48.20 3.18
C SER D 406 27.95 48.52 4.01
N GLN D 407 26.89 47.74 3.82
CA GLN D 407 25.64 47.96 4.55
C GLN D 407 25.71 47.62 6.04
N SER D 408 26.74 46.89 6.45
CA SER D 408 26.85 46.49 7.86
C SER D 408 27.73 47.45 8.63
N GLY D 409 28.58 48.17 7.89
CA GLY D 409 29.47 49.13 8.49
C GLY D 409 30.53 48.39 9.25
N LEU D 410 31.31 47.64 8.51
CA LEU D 410 32.43 46.93 9.09
C LEU D 410 33.72 47.52 8.56
N PRO D 411 34.69 47.64 9.49
CA PRO D 411 36.04 48.20 9.41
C PRO D 411 36.93 47.33 8.54
MG MG E . -25.48 13.89 -33.85
S SO4 F . -13.60 38.18 -25.11
O1 SO4 F . -13.82 37.14 -24.10
O2 SO4 F . -14.49 39.31 -24.86
O3 SO4 F . -13.82 37.65 -26.44
O4 SO4 F . -12.20 38.65 -25.05
MG MG G . -12.27 -15.78 41.65
S SO4 H . -2.02 -32.80 34.62
O1 SO4 H . -2.99 -33.33 35.59
O2 SO4 H . -0.98 -32.06 35.34
O3 SO4 H . -2.75 -31.92 33.69
O4 SO4 H . -1.38 -33.92 33.91
S SO4 I . -26.68 -17.26 -4.74
O1 SO4 I . -27.04 -16.01 -4.04
O2 SO4 I . -26.43 -18.29 -3.71
O3 SO4 I . -27.75 -17.67 -5.70
O4 SO4 I . -25.44 -16.99 -5.47
S SO4 J . 43.00 8.78 -1.22
O1 SO4 J . 41.95 9.10 -0.23
O2 SO4 J . 43.30 7.35 -1.17
O3 SO4 J . 42.50 9.11 -2.56
O4 SO4 J . 44.22 9.58 -0.94
#